data_2E2L
#
_entry.id   2E2L
#
_cell.length_a   83.089
_cell.length_b   151.795
_cell.length_c   89.083
_cell.angle_alpha   90.00
_cell.angle_beta   114.99
_cell.angle_gamma   90.00
#
_symmetry.space_group_name_H-M   'P 1 21 1'
#
loop_
_entity.id
_entity.type
_entity.pdbx_description
1 polymer Formamidase
2 non-polymer FORMAMIDE
3 water water
#
_entity_poly.entity_id   1
_entity_poly.type   'polypeptide(L)'
_entity_poly.pdbx_seq_one_letter_code
;MGSIGSMGKPIEGFLVAAIQFPVPIVNSRKDIDHNIESIIRTLHATKAGYPGVELIIFPEYSTQGLNTAKWLSEEFLLDV
PGKETELYAKACKEAKVYGVFSIMERNPDSNKNPYNTAIIIDPQGEIILKYRKLFPWNPIEPWYPGDLGMPVCEGPGGSK
LAVCISHDGMIPELAREAAYKGCNVYIRISGYSTQVNDQWILTNRSNAWHNLMYTVSVNLAGYDNVFYYFGEGQICNFDG
TTLVQGHRNPWEIVTGEIYPKMADNARLSWGLENNIYNLGHRGYVAKPGGEHDAGLTYIKDLAAGKYKLPWEDHMKIKDG
SIYGYPTTGGRFGK
;
_entity_poly.pdbx_strand_id   A,B,C,D,E,F
#
# COMPACT_ATOMS: atom_id res chain seq x y z
N GLY A 13 0.42 22.76 21.02
CA GLY A 13 1.28 21.53 21.06
C GLY A 13 2.77 21.83 20.93
N PHE A 14 3.55 20.79 20.66
CA PHE A 14 5.00 20.93 20.56
C PHE A 14 5.60 20.11 19.41
N LEU A 15 6.72 20.58 18.88
CA LEU A 15 7.44 19.89 17.80
C LEU A 15 8.48 18.92 18.35
N VAL A 16 8.46 17.69 17.85
CA VAL A 16 9.41 16.65 18.26
C VAL A 16 10.38 16.34 17.11
N ALA A 17 11.55 15.81 17.45
CA ALA A 17 12.54 15.36 16.46
C ALA A 17 13.24 14.10 16.94
N ALA A 18 13.12 13.03 16.17
CA ALA A 18 13.74 11.75 16.49
C ALA A 18 14.80 11.39 15.46
N ILE A 19 16.03 11.22 15.93
CA ILE A 19 17.17 10.97 15.04
C ILE A 19 17.41 9.48 14.83
N GLN A 20 17.42 9.07 13.56
CA GLN A 20 17.88 7.74 13.19
C GLN A 20 19.40 7.77 13.23
N PHE A 21 19.93 7.75 14.45
CA PHE A 21 21.36 7.93 14.71
C PHE A 21 22.17 6.74 14.24
N PRO A 22 23.37 7.01 13.67
CA PRO A 22 24.31 5.94 13.41
C PRO A 22 25.37 5.78 14.51
N VAL A 23 25.29 4.70 15.27
CA VAL A 23 26.40 4.32 16.13
C VAL A 23 27.46 3.64 15.27
N PRO A 24 28.70 4.13 15.32
CA PRO A 24 29.81 3.44 14.67
C PRO A 24 30.21 2.20 15.46
N ILE A 25 31.29 1.57 15.04
CA ILE A 25 31.92 0.51 15.80
C ILE A 25 32.50 1.15 17.06
N VAL A 26 32.24 0.53 18.21
CA VAL A 26 32.81 0.99 19.48
C VAL A 26 33.80 -0.07 19.98
N ASN A 27 35.07 0.32 20.06
CA ASN A 27 36.13 -0.60 20.47
C ASN A 27 36.82 -0.21 21.78
N SER A 28 36.61 1.03 22.20
CA SER A 28 37.20 1.56 23.43
C SER A 28 36.42 2.76 23.96
N ARG A 29 36.83 3.24 25.14
CA ARG A 29 36.32 4.47 25.73
C ARG A 29 36.44 5.65 24.77
N LYS A 30 37.56 5.69 24.04
CA LYS A 30 37.82 6.71 23.02
C LYS A 30 36.63 6.86 22.05
N ASP A 31 36.07 5.73 21.63
CA ASP A 31 34.91 5.71 20.73
C ASP A 31 33.64 6.17 21.43
N ILE A 32 33.50 5.87 22.73
CA ILE A 32 32.35 6.29 23.51
C ILE A 32 32.26 7.81 23.61
N ASP A 33 33.39 8.45 23.94
CA ASP A 33 33.49 9.91 24.01
C ASP A 33 33.21 10.55 22.64
N HIS A 34 33.65 9.87 21.59
CA HIS A 34 33.41 10.28 20.21
C HIS A 34 31.91 10.33 19.89
N ASN A 35 31.16 9.33 20.36
CA ASN A 35 29.72 9.27 20.17
C ASN A 35 28.98 10.34 20.98
N ILE A 36 29.40 10.54 22.22
CA ILE A 36 28.82 11.55 23.11
C ILE A 36 28.86 12.93 22.47
N GLU A 37 30.02 13.33 21.95
CA GLU A 37 30.18 14.63 21.29
C GLU A 37 29.40 14.70 19.96
N SER A 38 29.30 13.58 19.27
CA SER A 38 28.50 13.47 18.05
C SER A 38 27.01 13.73 18.34
N ILE A 39 26.52 13.13 19.42
CA ILE A 39 25.14 13.33 19.88
C ILE A 39 24.90 14.79 20.29
N ILE A 40 25.82 15.35 21.08
CA ILE A 40 25.77 16.75 21.48
C ILE A 40 25.74 17.66 20.24
N ARG A 41 26.63 17.37 19.28
CA ARG A 41 26.69 18.09 18.02
C ARG A 41 25.36 18.03 17.28
N THR A 42 24.79 16.84 17.18
CA THR A 42 23.51 16.60 16.51
C THR A 42 22.37 17.34 17.20
N LEU A 43 22.37 17.32 18.52
CA LEU A 43 21.39 18.04 19.34
C LEU A 43 21.36 19.54 19.04
N HIS A 44 22.54 20.16 19.01
CA HIS A 44 22.66 21.60 18.72
C HIS A 44 22.24 21.93 17.28
N ALA A 45 22.65 21.09 16.34
CA ALA A 45 22.36 21.30 14.92
C ALA A 45 20.88 21.13 14.59
N THR A 46 20.24 20.16 15.25
CA THR A 46 18.80 19.91 15.07
C THR A 46 17.97 21.10 15.56
N LYS A 47 18.35 21.67 16.69
CA LYS A 47 17.71 22.86 17.24
C LYS A 47 17.88 24.07 16.30
N ALA A 48 19.07 24.19 15.71
CA ALA A 48 19.37 25.22 14.73
C ALA A 48 18.54 25.06 13.45
N GLY A 49 18.41 23.82 13.00
CA GLY A 49 17.63 23.50 11.81
C GLY A 49 16.13 23.60 12.02
N TYR A 50 15.69 23.16 13.20
CA TYR A 50 14.28 23.20 13.59
C TYR A 50 14.11 24.10 14.82
N PRO A 51 13.89 25.41 14.60
CA PRO A 51 13.92 26.43 15.66
C PRO A 51 12.92 26.21 16.81
N GLY A 52 11.75 25.65 16.50
CA GLY A 52 10.69 25.46 17.49
C GLY A 52 10.64 24.10 18.14
N VAL A 53 11.69 23.30 17.96
CA VAL A 53 11.74 21.94 18.51
C VAL A 53 11.94 21.95 20.03
N GLU A 54 11.17 21.15 20.74
CA GLU A 54 11.24 21.10 22.20
C GLU A 54 11.70 19.74 22.73
N LEU A 55 11.56 18.71 21.91
CA LEU A 55 11.93 17.35 22.29
C LEU A 55 12.78 16.69 21.22
N ILE A 56 14.01 16.34 21.59
CA ILE A 56 14.95 15.69 20.70
C ILE A 56 15.31 14.31 21.25
N ILE A 57 15.13 13.28 20.43
CA ILE A 57 15.23 11.88 20.87
C ILE A 57 16.35 11.12 20.14
N PHE A 58 17.19 10.46 20.92
CA PHE A 58 18.24 9.59 20.38
C PHE A 58 17.94 8.13 20.73
N PRO A 59 18.28 7.19 19.82
CA PRO A 59 17.97 5.78 20.01
C PRO A 59 18.82 5.06 21.07
N GLU A 60 18.40 3.84 21.40
CA GLU A 60 19.12 2.96 22.31
C GLU A 60 20.51 2.63 21.74
N TYR A 61 21.51 2.60 22.61
CA TYR A 61 22.91 2.28 22.25
C TYR A 61 23.65 3.36 21.45
N SER A 62 23.10 4.56 21.37
CA SER A 62 23.76 5.66 20.66
C SER A 62 25.05 6.14 21.34
N THR A 63 25.09 6.01 22.67
CA THR A 63 26.27 6.41 23.46
C THR A 63 27.38 5.36 23.44
N GLN A 64 27.03 4.07 23.51
CA GLN A 64 28.00 3.01 23.78
C GLN A 64 28.08 1.91 22.72
N GLY A 65 27.12 1.89 21.79
CA GLY A 65 27.09 0.88 20.73
C GLY A 65 26.72 -0.51 21.21
N LEU A 66 26.98 -1.51 20.37
CA LEU A 66 26.63 -2.89 20.66
C LEU A 66 27.81 -3.83 20.43
N ASN A 67 28.94 -3.52 21.07
CA ASN A 67 30.08 -4.42 21.06
C ASN A 67 29.88 -5.46 22.13
N THR A 68 29.20 -6.54 21.76
CA THR A 68 28.75 -7.58 22.69
C THR A 68 29.89 -8.28 23.42
N ALA A 69 31.09 -8.22 22.86
CA ALA A 69 32.28 -8.77 23.49
C ALA A 69 32.78 -7.88 24.64
N LYS A 70 32.46 -6.59 24.57
CA LYS A 70 33.03 -5.59 25.47
C LYS A 70 32.01 -4.86 26.33
N TRP A 71 30.74 -4.89 25.94
CA TRP A 71 29.71 -4.02 26.53
C TRP A 71 29.38 -4.30 28.01
N LEU A 72 29.86 -5.43 28.54
CA LEU A 72 29.70 -5.73 29.96
C LEU A 72 30.89 -5.32 30.81
N SER A 73 32.01 -5.01 30.15
CA SER A 73 33.23 -4.58 30.84
C SER A 73 33.11 -3.17 31.42
N GLU A 74 33.93 -2.88 32.43
CA GLU A 74 33.87 -1.60 33.16
C GLU A 74 34.17 -0.37 32.31
N GLU A 75 35.01 -0.54 31.29
CA GLU A 75 35.38 0.54 30.36
C GLU A 75 34.16 1.04 29.56
N PHE A 76 33.23 0.13 29.29
CA PHE A 76 32.06 0.43 28.44
C PHE A 76 30.82 0.85 29.23
N LEU A 77 30.94 0.98 30.55
CA LEU A 77 29.82 1.29 31.43
C LEU A 77 29.97 2.66 32.10
N LEU A 78 28.83 3.31 32.33
CA LEU A 78 28.80 4.65 32.92
C LEU A 78 27.86 4.72 34.12
N ASP A 79 27.91 5.84 34.85
CA ASP A 79 27.01 6.09 35.97
C ASP A 79 25.95 7.14 35.60
N VAL A 80 24.77 7.03 36.21
CA VAL A 80 23.75 8.06 36.10
C VAL A 80 23.38 8.59 37.48
N PRO A 81 23.77 9.84 37.80
CA PRO A 81 24.51 10.74 36.91
C PRO A 81 26.02 10.51 36.92
N GLY A 82 26.69 11.10 35.93
CA GLY A 82 28.16 11.04 35.80
C GLY A 82 28.60 12.21 34.94
N LYS A 83 29.88 12.26 34.60
CA LYS A 83 30.38 13.38 33.78
C LYS A 83 29.89 13.34 32.33
N GLU A 84 29.46 12.15 31.89
CA GLU A 84 28.88 11.97 30.56
C GLU A 84 27.44 12.49 30.50
N THR A 85 26.64 12.14 31.50
CA THR A 85 25.27 12.65 31.62
C THR A 85 25.26 14.18 31.78
N GLU A 86 26.30 14.70 32.44
CA GLU A 86 26.47 16.13 32.64
C GLU A 86 26.73 16.90 31.36
N LEU A 87 27.47 16.27 30.43
CA LEU A 87 27.69 16.84 29.10
C LEU A 87 26.38 16.97 28.33
N TYR A 88 25.54 15.94 28.42
CA TYR A 88 24.19 15.96 27.85
C TYR A 88 23.33 17.04 28.50
N ALA A 89 23.39 17.11 29.83
CA ALA A 89 22.64 18.08 30.62
C ALA A 89 22.97 19.52 30.20
N LYS A 90 24.26 19.81 30.10
CA LYS A 90 24.77 21.11 29.65
C LYS A 90 24.27 21.44 28.24
N ALA A 91 24.37 20.46 27.34
CA ALA A 91 23.93 20.62 25.95
C ALA A 91 22.45 20.97 25.84
N CYS A 92 21.60 20.27 26.61
CA CYS A 92 20.17 20.53 26.65
C CYS A 92 19.85 21.92 27.20
N LYS A 93 20.63 22.35 28.20
CA LYS A 93 20.46 23.67 28.83
C LYS A 93 20.79 24.80 27.85
N GLU A 94 21.88 24.61 27.10
CA GLU A 94 22.32 25.59 26.10
C GLU A 94 21.39 25.64 24.90
N ALA A 95 20.85 24.48 24.52
CA ALA A 95 19.94 24.38 23.38
C ALA A 95 18.49 24.69 23.75
N LYS A 96 18.19 24.67 25.04
CA LYS A 96 16.84 24.92 25.58
C LYS A 96 15.82 23.86 25.13
N VAL A 97 16.23 22.60 25.17
CA VAL A 97 15.38 21.49 24.73
C VAL A 97 15.30 20.36 25.75
N TYR A 98 14.28 19.53 25.60
CA TYR A 98 14.22 18.24 26.27
C TYR A 98 15.01 17.24 25.42
N GLY A 99 15.92 16.50 26.06
CA GLY A 99 16.69 15.48 25.37
C GLY A 99 16.45 14.09 25.93
N VAL A 100 16.42 13.09 25.06
CA VAL A 100 16.29 11.69 25.48
C VAL A 100 17.53 10.90 25.08
N PHE A 101 18.17 10.28 26.06
CA PHE A 101 19.49 9.67 25.86
C PHE A 101 19.57 8.22 26.35
N SER A 102 20.47 7.45 25.74
CA SER A 102 20.71 6.06 26.10
C SER A 102 22.05 5.91 26.85
N ILE A 103 22.02 5.18 27.96
CA ILE A 103 23.22 4.92 28.75
C ILE A 103 23.16 3.51 29.34
N MET A 104 24.18 2.72 29.03
CA MET A 104 24.36 1.43 29.71
C MET A 104 24.98 1.76 31.06
N GLU A 105 24.20 1.55 32.11
CA GLU A 105 24.52 2.06 33.44
C GLU A 105 25.05 0.99 34.38
N ARG A 106 26.26 1.23 34.89
CA ARG A 106 26.88 0.40 35.92
C ARG A 106 25.93 0.22 37.09
N ASN A 107 25.74 -1.03 37.50
CA ASN A 107 24.84 -1.37 38.60
C ASN A 107 25.45 -1.02 39.95
N PRO A 108 24.70 -0.27 40.80
CA PRO A 108 25.12 0.00 42.18
C PRO A 108 25.41 -1.28 42.98
N ASP A 109 24.68 -2.34 42.67
CA ASP A 109 24.97 -3.65 43.22
C ASP A 109 26.05 -4.31 42.38
N SER A 110 27.21 -4.52 42.99
CA SER A 110 28.39 -5.03 42.30
C SER A 110 28.27 -6.50 41.86
N ASN A 111 27.31 -7.20 42.44
CA ASN A 111 27.03 -8.60 42.08
C ASN A 111 25.89 -8.73 41.04
N LYS A 112 25.49 -7.61 40.46
CA LYS A 112 24.45 -7.59 39.42
C LYS A 112 24.98 -6.96 38.13
N ASN A 113 24.52 -7.48 36.99
CA ASN A 113 24.83 -6.90 35.69
C ASN A 113 24.31 -5.46 35.55
N PRO A 114 24.97 -4.64 34.70
CA PRO A 114 24.55 -3.26 34.44
C PRO A 114 23.15 -3.12 33.86
N TYR A 115 22.53 -1.96 34.08
CA TYR A 115 21.20 -1.66 33.57
C TYR A 115 21.25 -1.00 32.20
N ASN A 116 20.31 -1.36 31.34
CA ASN A 116 20.06 -0.63 30.10
C ASN A 116 19.13 0.53 30.43
N THR A 117 19.65 1.76 30.37
CA THR A 117 18.95 2.91 30.95
C THR A 117 18.65 4.02 29.94
N ALA A 118 17.48 4.63 30.10
CA ALA A 118 17.09 5.82 29.35
C ALA A 118 16.86 6.97 30.33
N ILE A 119 17.30 8.16 29.95
CA ILE A 119 17.07 9.36 30.74
C ILE A 119 16.50 10.52 29.92
N ILE A 120 15.60 11.28 30.53
CA ILE A 120 15.09 12.52 29.95
C ILE A 120 15.61 13.72 30.73
N ILE A 121 16.24 14.65 30.01
CA ILE A 121 16.73 15.89 30.60
C ILE A 121 15.88 17.05 30.08
N ASP A 122 15.52 17.97 30.98
CA ASP A 122 14.72 19.13 30.59
C ASP A 122 15.59 20.32 30.11
N PRO A 123 14.97 21.42 29.64
CA PRO A 123 15.74 22.58 29.19
C PRO A 123 16.53 23.30 30.28
N GLN A 124 16.35 22.90 31.54
CA GLN A 124 17.12 23.48 32.66
C GLN A 124 18.32 22.62 33.05
N GLY A 125 18.56 21.55 32.30
CA GLY A 125 19.72 20.68 32.51
C GLY A 125 19.56 19.65 33.62
N GLU A 126 18.31 19.36 34.00
CA GLU A 126 18.04 18.39 35.05
C GLU A 126 17.43 17.10 34.50
N ILE A 127 17.95 15.96 34.95
CA ILE A 127 17.36 14.66 34.66
C ILE A 127 16.03 14.56 35.41
N ILE A 128 14.93 14.49 34.66
CA ILE A 128 13.60 14.42 35.25
C ILE A 128 12.96 13.03 35.12
N LEU A 129 13.62 12.16 34.35
CA LEU A 129 13.17 10.78 34.21
C LEU A 129 14.36 9.85 34.02
N LYS A 130 14.39 8.79 34.82
CA LYS A 130 15.39 7.75 34.71
C LYS A 130 14.68 6.40 34.66
N TYR A 131 14.76 5.74 33.51
CA TYR A 131 14.09 4.46 33.31
C TYR A 131 15.08 3.34 33.00
N ARG A 132 14.94 2.21 33.69
CA ARG A 132 15.79 1.06 33.45
C ARG A 132 14.98 -0.03 32.75
N LYS A 133 15.47 -0.42 31.56
CA LYS A 133 14.79 -1.38 30.69
C LYS A 133 14.25 -2.55 31.49
N LEU A 134 12.92 -2.65 31.56
CA LEU A 134 12.25 -3.68 32.35
C LEU A 134 12.33 -5.05 31.70
N PHE A 135 12.28 -5.08 30.37
CA PHE A 135 12.32 -6.33 29.61
C PHE A 135 13.47 -6.35 28.60
N PRO A 136 14.69 -6.68 29.06
CA PRO A 136 15.83 -6.85 28.14
C PRO A 136 15.54 -7.88 27.05
N TRP A 137 16.06 -7.62 25.85
CA TRP A 137 15.83 -8.48 24.69
C TRP A 137 16.63 -9.77 24.80
N ASN A 138 16.04 -10.75 25.48
CA ASN A 138 16.69 -12.04 25.69
C ASN A 138 16.47 -12.98 24.51
N PRO A 139 17.44 -13.89 24.25
CA PRO A 139 18.67 -14.19 24.98
C PRO A 139 19.94 -13.42 24.58
N ILE A 140 19.80 -12.38 23.74
CA ILE A 140 20.98 -11.64 23.25
C ILE A 140 21.50 -10.60 24.24
N GLU A 141 20.63 -10.09 25.11
CA GLU A 141 20.99 -9.01 26.03
C GLU A 141 21.19 -9.49 27.48
N PRO A 142 22.33 -9.13 28.09
CA PRO A 142 22.69 -9.53 29.45
C PRO A 142 22.35 -8.48 30.52
N TRP A 143 21.52 -7.50 30.15
CA TRP A 143 21.16 -6.41 31.07
C TRP A 143 20.25 -6.90 32.19
N TYR A 144 20.45 -6.34 33.38
CA TYR A 144 19.61 -6.67 34.53
C TYR A 144 18.23 -6.03 34.36
N PRO A 145 17.15 -6.78 34.63
CA PRO A 145 15.79 -6.22 34.53
C PRO A 145 15.60 -5.03 35.47
N GLY A 146 15.05 -3.94 34.93
CA GLY A 146 14.91 -2.68 35.66
C GLY A 146 14.13 -2.73 36.96
N ASP A 147 14.43 -1.81 37.87
CA ASP A 147 13.84 -1.82 39.20
C ASP A 147 13.20 -0.48 39.59
N LEU A 148 12.95 0.37 38.58
CA LEU A 148 12.39 1.69 38.81
C LEU A 148 11.01 1.85 38.17
N GLY A 149 10.36 0.72 37.92
CA GLY A 149 9.04 0.69 37.29
C GLY A 149 8.99 1.41 35.95
N MET A 150 7.82 1.93 35.61
CA MET A 150 7.61 2.72 34.40
C MET A 150 7.26 4.16 34.80
N PRO A 151 8.28 5.04 34.88
CA PRO A 151 8.09 6.42 35.33
C PRO A 151 7.53 7.36 34.27
N VAL A 152 6.83 8.39 34.74
CA VAL A 152 6.29 9.45 33.89
C VAL A 152 6.80 10.80 34.40
N CYS A 153 7.16 11.70 33.48
CA CYS A 153 7.59 13.05 33.85
C CYS A 153 6.79 14.11 33.09
N GLU A 154 6.89 15.36 33.55
CA GLU A 154 6.29 16.49 32.87
C GLU A 154 7.14 16.86 31.66
N GLY A 155 6.48 17.08 30.52
CA GLY A 155 7.17 17.44 29.29
C GLY A 155 6.67 18.76 28.72
N PRO A 156 7.12 19.11 27.50
CA PRO A 156 6.69 20.37 26.87
C PRO A 156 5.28 20.28 26.32
N GLY A 157 4.65 21.43 26.09
CA GLY A 157 3.31 21.50 25.49
C GLY A 157 2.23 20.71 26.20
N GLY A 158 2.39 20.51 27.50
CA GLY A 158 1.41 19.78 28.31
C GLY A 158 1.49 18.27 28.18
N SER A 159 2.66 17.76 27.81
CA SER A 159 2.85 16.33 27.64
C SER A 159 3.26 15.63 28.92
N LYS A 160 2.76 14.41 29.08
CA LYS A 160 3.23 13.51 30.14
C LYS A 160 4.06 12.43 29.45
N LEU A 161 5.37 12.53 29.61
CA LEU A 161 6.30 11.67 28.89
C LEU A 161 6.65 10.41 29.67
N ALA A 162 6.78 9.30 28.94
CA ALA A 162 7.35 8.07 29.46
C ALA A 162 8.19 7.42 28.36
N VAL A 163 9.27 6.76 28.75
CA VAL A 163 10.16 6.09 27.80
C VAL A 163 10.27 4.59 28.06
N CYS A 164 10.17 3.81 26.99
CA CYS A 164 10.47 2.39 27.02
C CYS A 164 11.59 2.13 26.02
N ILE A 165 12.27 0.99 26.17
CA ILE A 165 13.44 0.73 25.36
C ILE A 165 13.25 -0.50 24.47
N SER A 166 13.33 -0.28 23.16
CA SER A 166 13.13 -1.30 22.12
C SER A 166 12.16 -2.43 22.46
N HIS A 167 12.70 -3.54 22.98
CA HIS A 167 11.93 -4.76 23.24
C HIS A 167 10.70 -4.52 24.13
N ASP A 168 10.84 -3.62 25.10
CA ASP A 168 9.75 -3.20 25.98
C ASP A 168 8.46 -2.90 25.19
N GLY A 169 8.63 -2.26 24.03
CA GLY A 169 7.52 -1.86 23.18
C GLY A 169 6.68 -3.01 22.62
N MET A 170 7.21 -4.23 22.71
CA MET A 170 6.49 -5.43 22.28
C MET A 170 5.57 -5.97 23.36
N ILE A 171 5.65 -5.36 24.55
CA ILE A 171 4.82 -5.73 25.70
C ILE A 171 3.70 -4.70 25.86
N PRO A 172 2.46 -5.06 25.49
CA PRO A 172 1.33 -4.12 25.57
C PRO A 172 1.00 -3.67 26.99
N GLU A 173 1.26 -4.53 27.98
CA GLU A 173 1.03 -4.21 29.39
C GLU A 173 1.90 -3.06 29.87
N LEU A 174 3.09 -2.92 29.28
CA LEU A 174 3.99 -1.82 29.62
C LEU A 174 3.49 -0.49 29.06
N ALA A 175 2.89 -0.53 27.87
CA ALA A 175 2.25 0.64 27.29
C ALA A 175 1.02 1.04 28.12
N ARG A 176 0.30 0.03 28.61
CA ARG A 176 -0.83 0.24 29.49
C ARG A 176 -0.41 0.90 30.81
N GLU A 177 0.70 0.43 31.37
CA GLU A 177 1.23 0.95 32.63
C GLU A 177 1.56 2.43 32.57
N ALA A 178 2.28 2.84 31.52
CA ALA A 178 2.65 4.24 31.30
C ALA A 178 1.43 5.14 31.23
N ALA A 179 0.45 4.76 30.41
CA ALA A 179 -0.81 5.49 30.27
C ALA A 179 -1.60 5.55 31.58
N TYR A 180 -1.57 4.44 32.33
CA TYR A 180 -2.22 4.35 33.64
C TYR A 180 -1.67 5.36 34.63
N LYS A 181 -0.39 5.71 34.45
CA LYS A 181 0.27 6.72 35.27
C LYS A 181 0.24 8.12 34.64
N GLY A 182 -0.57 8.28 33.59
CA GLY A 182 -0.81 9.60 33.01
C GLY A 182 -0.19 9.90 31.65
N CYS A 183 0.69 9.03 31.17
CA CYS A 183 1.44 9.26 29.92
C CYS A 183 0.52 9.49 28.71
N ASN A 184 0.80 10.56 27.96
CA ASN A 184 0.10 10.83 26.71
C ASN A 184 1.02 10.89 25.48
N VAL A 185 2.32 10.82 25.72
CA VAL A 185 3.34 10.74 24.67
C VAL A 185 4.38 9.68 25.07
N TYR A 186 4.30 8.54 24.39
CA TYR A 186 5.06 7.35 24.75
C TYR A 186 6.29 7.22 23.84
N ILE A 187 7.47 7.46 24.41
CA ILE A 187 8.72 7.43 23.64
C ILE A 187 9.36 6.05 23.67
N ARG A 188 9.74 5.56 22.48
CA ARG A 188 10.40 4.27 22.35
C ARG A 188 11.75 4.45 21.66
N ILE A 189 12.82 4.34 22.44
CA ILE A 189 14.18 4.40 21.89
C ILE A 189 14.69 2.97 21.67
N SER A 190 15.28 2.73 20.50
CA SER A 190 15.52 1.35 20.04
C SER A 190 16.86 1.10 19.38
N GLY A 191 17.43 -0.08 19.65
CA GLY A 191 18.70 -0.49 19.06
C GLY A 191 18.62 -1.78 18.27
N TYR A 192 17.40 -2.25 18.01
CA TYR A 192 17.14 -3.39 17.11
C TYR A 192 15.74 -3.31 16.53
N SER A 193 15.61 -2.81 15.30
CA SER A 193 14.36 -2.97 14.53
C SER A 193 14.66 -3.50 13.13
N THR A 194 15.55 -4.49 13.08
CA THR A 194 15.85 -5.22 11.85
C THR A 194 15.31 -6.64 11.95
N GLN A 195 14.57 -7.04 10.90
CA GLN A 195 13.89 -8.35 10.84
C GLN A 195 12.76 -8.47 11.85
N VAL A 196 12.65 -7.46 12.72
CA VAL A 196 11.50 -7.29 13.59
C VAL A 196 10.80 -5.98 13.19
N ASN A 197 11.17 -5.48 12.01
CA ASN A 197 10.73 -4.18 11.46
C ASN A 197 9.22 -4.05 11.26
N ASP A 198 8.59 -5.09 10.71
CA ASP A 198 7.14 -5.09 10.51
C ASP A 198 6.41 -4.98 11.84
N GLN A 199 6.90 -5.74 12.82
CA GLN A 199 6.31 -5.78 14.15
C GLN A 199 6.64 -4.54 14.98
N TRP A 200 7.75 -3.89 14.64
CA TRP A 200 8.12 -2.62 15.25
C TRP A 200 7.13 -1.52 14.84
N ILE A 201 6.74 -1.52 13.56
CA ILE A 201 5.72 -0.59 13.05
C ILE A 201 4.36 -0.89 13.67
N LEU A 202 4.00 -2.18 13.71
CA LEU A 202 2.73 -2.64 14.24
C LEU A 202 2.50 -2.25 15.71
N THR A 203 3.50 -2.53 16.54
CA THR A 203 3.40 -2.28 17.98
C THR A 203 3.40 -0.80 18.36
N ASN A 204 4.13 0.02 17.60
CA ASN A 204 4.10 1.47 17.80
C ASN A 204 2.71 2.05 17.56
N ARG A 205 1.99 1.45 16.61
CA ARG A 205 0.61 1.83 16.31
C ARG A 205 -0.35 1.31 17.37
N SER A 206 -0.20 0.05 17.76
CA SER A 206 -1.09 -0.58 18.72
C SER A 206 -0.94 0.00 20.13
N ASN A 207 0.30 0.23 20.56
CA ASN A 207 0.58 0.89 21.84
C ASN A 207 -0.14 2.23 21.97
N ALA A 208 -0.20 2.96 20.87
CA ALA A 208 -0.90 4.24 20.81
C ALA A 208 -2.42 4.06 20.89
N TRP A 209 -2.97 3.25 19.99
CA TRP A 209 -4.42 3.02 19.92
C TRP A 209 -5.02 2.47 21.21
N HIS A 210 -4.40 1.43 21.78
CA HIS A 210 -4.88 0.79 23.00
C HIS A 210 -5.05 1.77 24.15
N ASN A 211 -4.18 2.76 24.20
CA ASN A 211 -4.05 3.64 25.37
C ASN A 211 -4.43 5.10 25.12
N LEU A 212 -4.91 5.38 23.91
CA LEU A 212 -5.27 6.74 23.48
C LEU A 212 -4.18 7.76 23.80
N MET A 213 -2.97 7.47 23.31
CA MET A 213 -1.81 8.33 23.50
C MET A 213 -0.94 8.33 22.24
N TYR A 214 -0.12 9.37 22.09
CA TYR A 214 0.87 9.42 21.02
C TYR A 214 2.00 8.43 21.29
N THR A 215 2.59 7.90 20.23
CA THR A 215 3.86 7.19 20.33
C THR A 215 4.89 7.85 19.42
N VAL A 216 6.07 8.13 19.98
CA VAL A 216 7.19 8.64 19.20
C VAL A 216 8.35 7.66 19.35
N SER A 217 8.68 6.98 18.26
CA SER A 217 9.64 5.89 18.31
C SER A 217 10.72 6.06 17.26
N VAL A 218 11.95 5.72 17.64
CA VAL A 218 13.09 5.80 16.71
C VAL A 218 14.13 4.71 16.99
N ASN A 219 14.56 4.05 15.92
CA ASN A 219 15.54 2.99 15.98
C ASN A 219 16.88 3.46 15.41
N LEU A 220 17.95 2.85 15.90
CA LEU A 220 19.30 3.09 15.42
C LEU A 220 19.37 2.73 13.94
N ALA A 221 20.03 3.59 13.16
CA ALA A 221 20.16 3.36 11.72
C ALA A 221 21.55 2.84 11.37
N GLY A 222 22.54 3.29 12.12
CA GLY A 222 23.88 2.74 12.05
C GLY A 222 24.32 2.22 13.39
N TYR A 228 26.07 1.17 7.79
CA TYR A 228 25.21 1.66 8.87
C TYR A 228 23.74 1.67 8.45
N TYR A 229 23.12 0.49 8.34
CA TYR A 229 21.76 0.43 7.78
C TYR A 229 20.83 -0.60 8.46
N PHE A 230 20.27 -0.19 9.61
CA PHE A 230 19.29 -1.00 10.36
C PHE A 230 18.19 -0.14 10.97
N GLY A 231 18.01 1.06 10.42
CA GLY A 231 17.23 2.11 11.09
C GLY A 231 15.75 2.24 10.79
N GLU A 232 15.09 3.07 11.62
CA GLU A 232 13.65 3.30 11.56
C GLU A 232 13.24 4.53 12.39
N GLY A 233 12.08 5.12 12.07
CA GLY A 233 11.58 6.31 12.78
C GLY A 233 10.09 6.56 12.56
N GLN A 234 9.33 6.64 13.66
CA GLN A 234 7.86 6.62 13.56
C GLN A 234 7.13 7.47 14.62
N ILE A 235 6.20 8.30 14.14
CA ILE A 235 5.26 9.02 15.00
C ILE A 235 3.84 8.52 14.73
N CYS A 236 3.15 8.09 15.77
CA CYS A 236 1.76 7.65 15.66
C CYS A 236 0.80 8.53 16.44
N ASN A 237 -0.34 8.83 15.82
CA ASN A 237 -1.43 9.56 16.46
C ASN A 237 -2.12 8.70 17.53
N PHE A 238 -2.83 9.36 18.45
CA PHE A 238 -3.48 8.68 19.58
C PHE A 238 -4.53 7.63 19.19
N ASP A 239 -4.91 7.61 17.92
CA ASP A 239 -5.84 6.60 17.40
C ASP A 239 -5.11 5.46 16.66
N GLY A 240 -3.79 5.44 16.77
CA GLY A 240 -2.97 4.39 16.17
C GLY A 240 -2.54 4.61 14.72
N THR A 241 -2.92 5.75 14.14
CA THR A 241 -2.54 6.09 12.77
C THR A 241 -1.11 6.64 12.73
N THR A 242 -0.30 6.13 11.81
CA THR A 242 1.05 6.63 11.61
C THR A 242 0.99 7.98 10.91
N LEU A 243 1.60 9.00 11.53
CA LEU A 243 1.62 10.35 10.99
C LEU A 243 2.90 10.63 10.19
N VAL A 244 4.01 10.07 10.65
CA VAL A 244 5.31 10.27 10.00
C VAL A 244 6.11 8.96 10.02
N GLN A 245 6.77 8.66 8.91
CA GLN A 245 7.54 7.43 8.78
C GLN A 245 8.88 7.68 8.09
N GLY A 246 9.96 7.36 8.81
CA GLY A 246 11.29 7.40 8.24
C GLY A 246 11.66 6.07 7.59
N HIS A 247 12.62 6.11 6.69
CA HIS A 247 13.12 4.91 6.01
C HIS A 247 14.29 4.30 6.81
N ARG A 248 15.24 3.66 6.14
CA ARG A 248 16.28 2.89 6.83
C ARG A 248 17.68 3.52 6.82
N ASN A 249 17.75 4.82 6.52
CA ASN A 249 19.01 5.55 6.39
C ASN A 249 19.49 6.17 7.70
N PRO A 250 20.82 6.24 7.92
CA PRO A 250 21.37 7.03 9.02
C PRO A 250 21.03 8.52 8.87
N TRP A 251 20.99 9.24 9.99
CA TRP A 251 20.80 10.70 10.00
C TRP A 251 19.42 11.22 9.53
N GLU A 252 18.48 10.31 9.26
CA GLU A 252 17.10 10.71 8.99
C GLU A 252 16.47 11.24 10.27
N ILE A 253 15.95 12.46 10.21
CA ILE A 253 15.29 13.07 11.35
C ILE A 253 13.78 13.03 11.14
N VAL A 254 13.09 12.24 11.95
CA VAL A 254 11.64 12.18 11.91
C VAL A 254 11.08 13.25 12.85
N THR A 255 10.29 14.16 12.27
CA THR A 255 9.72 15.28 13.02
C THR A 255 8.22 15.42 12.75
N GLY A 256 7.50 15.97 13.73
CA GLY A 256 6.07 16.20 13.62
C GLY A 256 5.55 16.99 14.81
N GLU A 257 4.37 17.57 14.65
CA GLU A 257 3.74 18.36 15.71
C GLU A 257 2.83 17.48 16.54
N ILE A 258 3.04 17.51 17.85
CA ILE A 258 2.31 16.65 18.79
C ILE A 258 1.37 17.50 19.64
N TYR A 259 0.13 17.07 19.77
CA TYR A 259 -0.87 17.77 20.56
C TYR A 259 -1.40 16.87 21.69
N PRO A 260 -0.67 16.82 22.83
CA PRO A 260 -1.03 15.95 23.95
C PRO A 260 -2.42 16.21 24.51
N LYS A 261 -2.88 17.45 24.41
CA LYS A 261 -4.21 17.85 24.88
C LYS A 261 -5.33 17.13 24.10
N MET A 262 -5.10 16.87 22.81
CA MET A 262 -6.02 16.08 22.01
C MET A 262 -6.15 14.64 22.49
N ALA A 263 -5.02 14.06 22.92
CA ALA A 263 -5.02 12.73 23.52
C ALA A 263 -5.77 12.75 24.85
N ASP A 264 -5.56 13.81 25.64
CA ASP A 264 -6.27 14.02 26.90
C ASP A 264 -7.77 14.17 26.65
N ASN A 265 -8.13 15.02 25.70
CA ASN A 265 -9.53 15.22 25.32
C ASN A 265 -10.20 13.92 24.92
N ALA A 266 -9.51 13.12 24.11
CA ALA A 266 -10.01 11.79 23.70
C ALA A 266 -10.34 10.90 24.90
N ARG A 267 -9.44 10.86 25.87
CA ARG A 267 -9.62 10.06 27.09
C ARG A 267 -10.81 10.54 27.95
N LEU A 268 -11.13 11.83 27.85
CA LEU A 268 -12.23 12.41 28.61
C LEU A 268 -13.55 12.42 27.82
N SER A 269 -13.47 12.76 26.54
CA SER A 269 -14.65 12.99 25.70
C SER A 269 -15.28 11.70 25.20
N TRP A 270 -14.44 10.75 24.79
CA TRP A 270 -14.89 9.56 24.07
C TRP A 270 -15.68 8.59 24.93
N GLY A 271 -16.63 7.90 24.30
CA GLY A 271 -17.40 6.86 24.96
C GLY A 271 -17.14 5.51 24.30
N LEU A 272 -17.42 5.43 23.00
CA LEU A 272 -17.34 4.18 22.25
C LEU A 272 -15.92 3.58 22.17
N GLU A 273 -14.94 4.43 21.85
CA GLU A 273 -13.58 3.94 21.61
C GLU A 273 -12.66 4.04 22.85
N ASN A 274 -13.24 4.39 24.00
CA ASN A 274 -12.47 4.60 25.23
C ASN A 274 -12.08 3.28 25.91
N ASN A 275 -11.20 2.53 25.25
CA ASN A 275 -10.85 1.17 25.67
C ASN A 275 -10.09 1.08 26.99
N ILE A 276 -9.27 2.07 27.27
CA ILE A 276 -8.47 2.12 28.50
C ILE A 276 -9.35 2.22 29.76
N TYR A 277 -10.48 2.91 29.64
CA TYR A 277 -11.44 3.03 30.73
C TYR A 277 -12.25 1.74 30.89
N ASN A 278 -12.65 1.17 29.76
CA ASN A 278 -13.45 -0.05 29.72
C ASN A 278 -12.79 -1.25 30.40
N LEU A 279 -11.45 -1.30 30.35
CA LEU A 279 -10.67 -2.37 30.98
C LEU A 279 -10.99 -2.54 32.47
N GLY A 280 -11.19 -1.43 33.18
CA GLY A 280 -11.48 -1.46 34.61
C GLY A 280 -12.95 -1.35 34.99
N HIS A 281 -13.80 -1.01 34.01
CA HIS A 281 -15.23 -0.78 34.27
C HIS A 281 -16.13 -1.47 33.24
N ARG A 282 -16.00 -2.79 33.16
CA ARG A 282 -16.74 -3.63 32.21
C ARG A 282 -18.25 -3.41 32.24
N GLY A 283 -18.84 -3.23 31.07
CA GLY A 283 -20.29 -3.10 30.93
C GLY A 283 -20.94 -2.17 31.95
N TYR A 284 -20.54 -0.90 31.91
CA TYR A 284 -21.03 0.09 32.88
C TYR A 284 -22.48 0.54 32.66
N VAL A 285 -23.06 0.17 31.52
CA VAL A 285 -24.46 0.49 31.22
C VAL A 285 -25.42 -0.41 31.99
N ALA A 286 -25.23 -1.73 31.89
CA ALA A 286 -26.07 -2.70 32.57
C ALA A 286 -25.78 -2.77 34.07
N LYS A 287 -24.54 -2.47 34.44
CA LYS A 287 -24.10 -2.44 35.83
C LYS A 287 -23.33 -1.15 36.06
N PRO A 288 -23.97 -0.14 36.69
CA PRO A 288 -23.38 1.19 36.89
C PRO A 288 -22.01 1.14 37.54
N GLY A 289 -21.06 1.89 36.99
CA GLY A 289 -19.68 1.87 37.46
C GLY A 289 -18.89 0.71 36.88
N GLY A 290 -19.59 -0.27 36.30
CA GLY A 290 -18.97 -1.41 35.65
C GLY A 290 -18.43 -2.47 36.60
N GLU A 291 -18.14 -3.64 36.05
CA GLU A 291 -17.49 -4.71 36.81
C GLU A 291 -16.00 -4.41 36.91
N HIS A 292 -15.50 -4.34 38.14
CA HIS A 292 -14.10 -3.98 38.39
C HIS A 292 -13.13 -5.14 38.21
N ASP A 293 -13.61 -6.36 38.47
CA ASP A 293 -12.82 -7.55 38.22
C ASP A 293 -12.91 -7.93 36.74
N ALA A 294 -11.79 -7.80 36.04
CA ALA A 294 -11.72 -8.11 34.62
C ALA A 294 -12.02 -9.57 34.32
N GLY A 295 -11.83 -10.43 35.33
CA GLY A 295 -12.07 -11.86 35.21
C GLY A 295 -11.00 -12.56 34.41
N LEU A 296 -9.74 -12.13 34.58
CA LEU A 296 -8.62 -12.66 33.83
C LEU A 296 -7.57 -13.26 34.77
N THR A 297 -7.33 -14.56 34.63
CA THR A 297 -6.44 -15.31 35.52
C THR A 297 -4.99 -14.83 35.49
N TYR A 298 -4.49 -14.47 34.30
CA TYR A 298 -3.10 -14.07 34.14
C TYR A 298 -2.78 -12.76 34.86
N ILE A 299 -3.77 -11.87 34.92
CA ILE A 299 -3.65 -10.61 35.65
C ILE A 299 -3.36 -10.89 37.12
N LYS A 300 -4.15 -11.80 37.70
CA LYS A 300 -4.01 -12.20 39.10
C LYS A 300 -2.73 -13.00 39.36
N ASP A 301 -2.32 -13.81 38.38
CA ASP A 301 -1.07 -14.57 38.46
C ASP A 301 0.17 -13.67 38.41
N LEU A 302 0.18 -12.71 37.49
CA LEU A 302 1.31 -11.81 37.31
C LEU A 302 1.49 -10.84 38.48
N ALA A 303 0.36 -10.40 39.06
CA ALA A 303 0.36 -9.53 40.23
C ALA A 303 1.00 -10.21 41.44
N ALA A 304 0.83 -11.53 41.52
CA ALA A 304 1.34 -12.33 42.63
C ALA A 304 2.70 -12.95 42.34
N GLY A 305 3.19 -12.78 41.12
CA GLY A 305 4.49 -13.31 40.71
C GLY A 305 4.47 -14.79 40.41
N LYS A 306 3.33 -15.28 39.90
CA LYS A 306 3.15 -16.70 39.60
C LYS A 306 2.66 -16.92 38.16
N TYR A 307 2.95 -15.97 37.29
CA TYR A 307 2.68 -16.07 35.85
C TYR A 307 3.42 -17.26 35.26
N LYS A 308 2.64 -18.23 34.76
CA LYS A 308 3.20 -19.47 34.22
C LYS A 308 2.42 -19.92 32.98
N LEU A 309 3.12 -20.01 31.85
CA LEU A 309 2.54 -20.54 30.62
C LEU A 309 2.51 -22.07 30.67
N PRO A 310 1.43 -22.68 30.13
CA PRO A 310 1.25 -24.14 30.12
C PRO A 310 2.37 -24.92 29.43
N TRP A 311 3.03 -24.30 28.46
CA TRP A 311 4.06 -24.97 27.66
C TRP A 311 5.50 -24.64 28.10
N GLU A 312 5.63 -23.90 29.21
CA GLU A 312 6.94 -23.42 29.67
C GLU A 312 8.01 -24.50 29.87
N ASP A 313 7.61 -25.69 30.30
CA ASP A 313 8.55 -26.77 30.59
C ASP A 313 9.23 -27.34 29.34
N HIS A 314 8.61 -27.15 28.18
CA HIS A 314 9.12 -27.71 26.93
C HIS A 314 9.75 -26.66 26.01
N MET A 315 9.94 -25.46 26.53
CA MET A 315 10.55 -24.35 25.79
C MET A 315 12.06 -24.55 25.63
N LYS A 316 12.56 -24.25 24.43
CA LYS A 316 13.96 -24.46 24.06
C LYS A 316 14.91 -23.42 24.65
N ILE A 317 14.52 -22.14 24.56
CA ILE A 317 15.39 -21.04 24.99
C ILE A 317 14.88 -20.36 26.27
N LYS A 318 15.59 -20.59 27.37
CA LYS A 318 15.27 -19.99 28.66
C LYS A 318 16.51 -19.37 29.32
N ASP A 319 17.61 -19.32 28.55
CA ASP A 319 18.85 -18.69 29.01
C ASP A 319 19.62 -18.10 27.82
N GLY A 320 20.76 -17.48 28.10
CA GLY A 320 21.55 -16.83 27.06
C GLY A 320 22.76 -17.61 26.57
N SER A 321 22.70 -18.93 26.69
CA SER A 321 23.83 -19.80 26.33
C SER A 321 24.10 -19.84 24.82
N ILE A 322 23.06 -19.65 24.01
CA ILE A 322 23.21 -19.65 22.54
C ILE A 322 24.11 -18.51 22.05
N TYR A 323 24.17 -17.42 22.84
CA TYR A 323 25.07 -16.30 22.57
C TYR A 323 26.32 -16.32 23.44
N GLY A 324 26.51 -17.40 24.19
CA GLY A 324 27.71 -17.61 25.00
C GLY A 324 27.70 -16.99 26.38
N TYR A 325 26.50 -16.79 26.94
CA TYR A 325 26.36 -16.26 28.29
C TYR A 325 26.16 -17.38 29.32
N PRO A 326 26.81 -17.25 30.49
CA PRO A 326 26.64 -18.21 31.59
C PRO A 326 25.21 -18.23 32.16
N THR A 327 24.79 -19.38 32.67
CA THR A 327 23.41 -19.58 33.13
C THR A 327 23.27 -19.45 34.65
N THR A 328 24.37 -19.12 35.32
CA THR A 328 24.41 -19.09 36.78
C THR A 328 23.97 -17.75 37.38
N GLY A 329 24.03 -16.69 36.57
CA GLY A 329 23.64 -15.36 37.02
C GLY A 329 24.76 -14.60 37.67
N GLY A 330 24.40 -13.60 38.49
CA GLY A 330 25.36 -12.72 39.13
C GLY A 330 26.02 -11.77 38.15
N ARG A 331 27.15 -11.20 38.55
CA ARG A 331 27.91 -10.30 37.70
C ARG A 331 28.86 -11.08 36.79
N PHE A 332 28.72 -10.87 35.48
CA PHE A 332 29.61 -11.49 34.50
C PHE A 332 29.93 -10.57 33.33
N GLY A 333 30.99 -10.90 32.59
CA GLY A 333 31.40 -10.14 31.40
C GLY A 333 32.40 -9.03 31.69
N LYS A 334 33.13 -9.16 32.79
CA LYS A 334 34.15 -8.18 33.18
C LYS A 334 35.37 -8.22 32.25
N GLY B 13 -2.60 -29.06 9.77
CA GLY B 13 -3.46 -27.85 9.84
C GLY B 13 -4.91 -28.09 9.48
N PHE B 14 -5.70 -27.02 9.39
CA PHE B 14 -7.11 -27.11 9.00
C PHE B 14 -7.59 -25.88 8.22
N LEU B 15 -8.67 -26.06 7.47
CA LEU B 15 -9.27 -24.97 6.70
C LEU B 15 -10.40 -24.32 7.48
N VAL B 16 -10.39 -22.99 7.51
CA VAL B 16 -11.42 -22.20 8.20
C VAL B 16 -12.22 -21.35 7.20
N ALA B 17 -13.47 -21.08 7.52
CA ALA B 17 -14.30 -20.17 6.71
C ALA B 17 -15.03 -19.15 7.57
N ALA B 18 -14.72 -17.88 7.35
CA ALA B 18 -15.36 -16.77 8.06
C ALA B 18 -16.32 -16.05 7.12
N ILE B 19 -17.60 -16.04 7.48
CA ILE B 19 -18.65 -15.52 6.61
C ILE B 19 -19.04 -14.09 6.99
N GLN B 20 -18.85 -13.16 6.06
CA GLN B 20 -19.31 -11.79 6.23
C GLN B 20 -20.82 -11.76 6.01
N PHE B 21 -21.54 -12.19 7.05
CA PHE B 21 -22.98 -12.40 7.00
C PHE B 21 -23.76 -11.09 6.95
N PRO B 22 -24.84 -11.05 6.16
CA PRO B 22 -25.79 -9.95 6.23
C PRO B 22 -27.02 -10.28 7.10
N VAL B 23 -27.04 -9.77 8.32
CA VAL B 23 -28.27 -9.84 9.11
C VAL B 23 -29.22 -8.73 8.66
N PRO B 24 -30.44 -9.10 8.21
CA PRO B 24 -31.42 -8.12 7.78
C PRO B 24 -31.96 -7.30 8.95
N ILE B 25 -32.96 -6.47 8.65
CA ILE B 25 -33.71 -5.77 9.68
C ILE B 25 -34.53 -6.82 10.44
N VAL B 26 -34.48 -6.77 11.76
CA VAL B 26 -35.21 -7.72 12.58
C VAL B 26 -36.32 -6.99 13.35
N ASN B 27 -37.56 -7.36 13.07
CA ASN B 27 -38.73 -6.70 13.65
C ASN B 27 -39.55 -7.58 14.58
N SER B 28 -39.46 -8.89 14.39
CA SER B 28 -40.21 -9.86 15.20
C SER B 28 -39.44 -11.18 15.40
N ARG B 29 -40.09 -12.14 16.06
CA ARG B 29 -39.53 -13.49 16.24
C ARG B 29 -39.42 -14.23 14.90
N LYS B 30 -40.34 -13.92 13.99
CA LYS B 30 -40.38 -14.51 12.65
C LYS B 30 -39.10 -14.20 11.85
N ASP B 31 -38.52 -13.02 12.09
CA ASP B 31 -37.29 -12.60 11.42
C ASP B 31 -36.05 -13.26 12.02
N ILE B 32 -36.11 -13.56 13.32
CA ILE B 32 -35.02 -14.27 14.01
C ILE B 32 -34.87 -15.68 13.47
N ASP B 33 -36.01 -16.37 13.33
CA ASP B 33 -36.05 -17.74 12.79
C ASP B 33 -35.55 -17.80 11.34
N HIS B 34 -35.85 -16.76 10.56
CA HIS B 34 -35.36 -16.63 9.18
C HIS B 34 -33.84 -16.51 9.14
N ASN B 35 -33.29 -15.73 10.08
CA ASN B 35 -31.84 -15.61 10.23
C ASN B 35 -31.20 -16.95 10.59
N ILE B 36 -31.83 -17.65 11.54
CA ILE B 36 -31.40 -18.97 11.99
C ILE B 36 -31.35 -19.95 10.82
N GLU B 37 -32.41 -19.95 10.00
CA GLU B 37 -32.47 -20.81 8.82
C GLU B 37 -31.46 -20.41 7.75
N SER B 38 -31.20 -19.11 7.63
CA SER B 38 -30.22 -18.57 6.70
C SER B 38 -28.80 -19.01 7.07
N ILE B 39 -28.48 -18.95 8.36
CA ILE B 39 -27.19 -19.37 8.90
C ILE B 39 -26.97 -20.88 8.71
N ILE B 40 -27.98 -21.68 9.05
CA ILE B 40 -27.94 -23.13 8.87
C ILE B 40 -27.75 -23.49 7.39
N ARG B 41 -28.54 -22.86 6.52
CA ARG B 41 -28.42 -22.98 5.07
C ARG B 41 -26.98 -22.70 4.60
N THR B 42 -26.44 -21.56 5.03
CA THR B 42 -25.09 -21.13 4.68
C THR B 42 -24.03 -22.14 5.14
N LEU B 43 -24.18 -22.63 6.37
CA LEU B 43 -23.23 -23.59 6.94
C LEU B 43 -23.16 -24.88 6.13
N HIS B 44 -24.33 -25.37 5.72
CA HIS B 44 -24.41 -26.56 4.86
C HIS B 44 -23.83 -26.28 3.47
N ALA B 45 -24.11 -25.09 2.94
CA ALA B 45 -23.62 -24.69 1.62
C ALA B 45 -22.11 -24.44 1.59
N THR B 46 -21.58 -23.91 2.69
CA THR B 46 -20.14 -23.65 2.81
C THR B 46 -19.33 -24.95 2.80
N LYS B 47 -19.84 -25.95 3.52
CA LYS B 47 -19.23 -27.29 3.55
C LYS B 47 -19.32 -27.97 2.18
N ALA B 48 -20.42 -27.73 1.46
CA ALA B 48 -20.62 -28.27 0.12
C ALA B 48 -19.60 -27.71 -0.89
N GLY B 49 -19.32 -26.41 -0.80
CA GLY B 49 -18.36 -25.76 -1.68
C GLY B 49 -16.91 -25.95 -1.25
N TYR B 50 -16.71 -26.04 0.07
CA TYR B 50 -15.39 -26.26 0.64
C TYR B 50 -15.38 -27.56 1.45
N PRO B 51 -15.17 -28.71 0.77
CA PRO B 51 -15.29 -30.03 1.41
C PRO B 51 -14.37 -30.23 2.60
N GLY B 52 -13.17 -29.66 2.53
CA GLY B 52 -12.17 -29.81 3.59
C GLY B 52 -12.29 -28.86 4.76
N VAL B 53 -13.27 -27.95 4.73
CA VAL B 53 -13.44 -26.97 5.80
C VAL B 53 -13.89 -27.64 7.10
N GLU B 54 -13.29 -27.21 8.22
CA GLU B 54 -13.57 -27.80 9.52
C GLU B 54 -14.07 -26.79 10.55
N LEU B 55 -13.90 -25.50 10.25
CA LEU B 55 -14.39 -24.44 11.12
C LEU B 55 -15.14 -23.39 10.30
N ILE B 56 -16.39 -23.14 10.68
CA ILE B 56 -17.24 -22.16 10.00
C ILE B 56 -17.73 -21.12 11.01
N ILE B 57 -17.37 -19.86 10.77
CA ILE B 57 -17.56 -18.79 11.74
C ILE B 57 -18.57 -17.75 11.25
N PHE B 58 -19.55 -17.45 12.10
CA PHE B 58 -20.57 -16.42 11.83
C PHE B 58 -20.40 -15.25 12.81
N PRO B 59 -20.65 -14.02 12.34
CA PRO B 59 -20.40 -12.80 13.13
C PRO B 59 -21.40 -12.59 14.25
N GLU B 60 -21.06 -11.68 15.17
CA GLU B 60 -21.95 -11.22 16.23
C GLU B 60 -23.22 -10.62 15.63
N TYR B 61 -24.35 -10.86 16.30
CA TYR B 61 -25.67 -10.31 15.91
C TYR B 61 -26.31 -10.97 14.68
N SER B 62 -25.69 -12.02 14.15
CA SER B 62 -26.22 -12.72 12.98
C SER B 62 -27.58 -13.38 13.23
N THR B 63 -27.81 -13.81 14.46
CA THR B 63 -29.06 -14.47 14.85
C THR B 63 -30.23 -13.48 15.07
N GLN B 64 -29.94 -12.34 15.71
CA GLN B 64 -31.00 -11.45 16.18
C GLN B 64 -30.96 -10.01 15.65
N GLY B 65 -29.89 -9.66 14.94
CA GLY B 65 -29.75 -8.31 14.39
C GLY B 65 -29.45 -7.25 15.45
N LEU B 66 -29.71 -5.99 15.10
CA LEU B 66 -29.44 -4.86 16.01
C LEU B 66 -30.60 -3.87 16.09
N ASN B 67 -31.80 -4.37 16.37
CA ASN B 67 -32.94 -3.51 16.62
C ASN B 67 -32.84 -2.96 18.04
N THR B 68 -32.17 -1.82 18.20
CA THR B 68 -31.85 -1.27 19.52
C THR B 68 -33.08 -0.81 20.33
N ALA B 69 -34.25 -0.86 19.70
CA ALA B 69 -35.50 -0.56 20.39
C ALA B 69 -36.12 -1.83 20.98
N LYS B 70 -35.79 -2.97 20.37
CA LYS B 70 -36.43 -4.24 20.70
C LYS B 70 -35.46 -5.32 21.22
N TRP B 71 -34.16 -5.05 21.18
CA TRP B 71 -33.17 -6.09 21.44
C TRP B 71 -33.04 -6.54 22.91
N LEU B 72 -33.67 -5.79 23.81
CA LEU B 72 -33.73 -6.15 25.23
C LEU B 72 -35.06 -6.84 25.62
N SER B 73 -35.94 -7.02 24.64
CA SER B 73 -37.26 -7.62 24.88
C SER B 73 -37.22 -9.14 24.88
N GLU B 74 -38.24 -9.76 25.48
CA GLU B 74 -38.31 -11.21 25.62
C GLU B 74 -38.38 -11.97 24.30
N GLU B 75 -38.99 -11.33 23.31
CA GLU B 75 -39.12 -11.89 21.96
C GLU B 75 -37.76 -12.00 21.27
N PHE B 76 -36.86 -11.08 21.60
CA PHE B 76 -35.54 -10.99 20.97
C PHE B 76 -34.43 -11.72 21.74
N LEU B 77 -34.76 -12.26 22.90
CA LEU B 77 -33.77 -12.96 23.74
C LEU B 77 -33.99 -14.47 23.80
N LEU B 78 -32.89 -15.21 23.66
CA LEU B 78 -32.92 -16.67 23.62
C LEU B 78 -32.11 -17.30 24.75
N ASP B 79 -32.38 -18.57 25.01
CA ASP B 79 -31.66 -19.33 26.03
C ASP B 79 -30.46 -20.06 25.45
N VAL B 80 -29.38 -20.14 26.22
CA VAL B 80 -28.19 -20.89 25.83
C VAL B 80 -27.86 -21.95 26.90
N PRO B 81 -28.09 -23.24 26.58
CA PRO B 81 -28.66 -23.74 25.33
C PRO B 81 -30.19 -23.63 25.27
N GLY B 82 -30.74 -23.70 24.06
CA GLY B 82 -32.19 -23.70 23.84
C GLY B 82 -32.52 -24.41 22.55
N LYS B 83 -33.76 -24.26 22.08
CA LYS B 83 -34.20 -24.91 20.83
C LYS B 83 -33.46 -24.38 19.60
N GLU B 84 -33.03 -23.13 19.66
CA GLU B 84 -32.32 -22.48 18.55
C GLU B 84 -30.88 -22.99 18.44
N THR B 85 -30.17 -23.07 19.57
CA THR B 85 -28.80 -23.59 19.60
C THR B 85 -28.75 -25.05 19.17
N GLU B 86 -29.77 -25.82 19.54
CA GLU B 86 -29.90 -27.21 19.13
C GLU B 86 -30.03 -27.37 17.62
N LEU B 87 -30.65 -26.38 16.96
CA LEU B 87 -30.74 -26.37 15.50
C LEU B 87 -29.35 -26.16 14.86
N TYR B 88 -28.60 -25.21 15.39
CA TYR B 88 -27.20 -25.00 15.00
C TYR B 88 -26.36 -26.26 15.23
N ALA B 89 -26.54 -26.87 16.41
CA ALA B 89 -25.84 -28.10 16.79
C ALA B 89 -26.16 -29.25 15.85
N LYS B 90 -27.45 -29.40 15.53
CA LYS B 90 -27.92 -30.40 14.55
C LYS B 90 -27.24 -30.22 13.20
N ALA B 91 -27.19 -28.97 12.72
CA ALA B 91 -26.54 -28.63 11.45
C ALA B 91 -25.04 -28.93 11.47
N CYS B 92 -24.38 -28.62 12.58
CA CYS B 92 -22.95 -28.88 12.76
C CYS B 92 -22.65 -30.38 12.76
N LYS B 93 -23.54 -31.16 13.36
CA LYS B 93 -23.43 -32.62 13.36
C LYS B 93 -23.63 -33.18 11.94
N GLU B 94 -24.67 -32.70 11.26
CA GLU B 94 -25.00 -33.13 9.90
C GLU B 94 -23.89 -32.81 8.88
N ALA B 95 -23.29 -31.63 9.01
CA ALA B 95 -22.24 -31.19 8.10
C ALA B 95 -20.86 -31.68 8.55
N LYS B 96 -20.78 -32.10 9.81
CA LYS B 96 -19.53 -32.54 10.44
C LYS B 96 -18.44 -31.46 10.42
N VAL B 97 -18.80 -30.29 10.97
CA VAL B 97 -17.88 -29.17 11.09
C VAL B 97 -17.97 -28.53 12.47
N TYR B 98 -17.00 -27.68 12.79
CA TYR B 98 -17.09 -26.82 13.96
C TYR B 98 -17.79 -25.54 13.55
N GLY B 99 -18.75 -25.11 14.38
CA GLY B 99 -19.50 -23.90 14.10
C GLY B 99 -19.42 -22.89 15.23
N VAL B 100 -19.23 -21.63 14.86
CA VAL B 100 -19.21 -20.53 15.82
C VAL B 100 -20.42 -19.61 15.58
N PHE B 101 -21.24 -19.45 16.61
CA PHE B 101 -22.50 -18.72 16.49
C PHE B 101 -22.66 -17.64 17.55
N SER B 102 -23.58 -16.70 17.30
CA SER B 102 -23.86 -15.59 18.20
C SER B 102 -25.29 -15.67 18.69
N ILE B 103 -25.49 -15.43 19.98
CA ILE B 103 -26.82 -15.38 20.59
C ILE B 103 -26.85 -14.29 21.67
N MET B 104 -27.87 -13.44 21.62
CA MET B 104 -28.15 -12.54 22.72
C MET B 104 -28.94 -13.34 23.76
N GLU B 105 -28.28 -13.66 24.86
CA GLU B 105 -28.77 -14.64 25.83
C GLU B 105 -29.57 -14.02 26.96
N ARG B 106 -30.79 -14.54 27.16
CA ARG B 106 -31.61 -14.21 28.31
C ARG B 106 -30.83 -14.53 29.59
N ASN B 107 -30.76 -13.56 30.48
CA ASN B 107 -30.08 -13.74 31.77
C ASN B 107 -30.95 -14.60 32.68
N PRO B 108 -30.39 -15.71 33.20
CA PRO B 108 -31.10 -16.52 34.21
C PRO B 108 -31.54 -15.69 35.41
N ASP B 109 -30.74 -14.68 35.78
CA ASP B 109 -31.12 -13.70 36.78
C ASP B 109 -31.96 -12.60 36.12
N SER B 110 -33.23 -12.55 36.47
CA SER B 110 -34.19 -11.61 35.87
C SER B 110 -34.02 -10.17 36.37
N ASN B 111 -33.13 -9.97 37.33
CA ASN B 111 -32.81 -8.63 37.84
C ASN B 111 -31.57 -8.02 37.19
N LYS B 112 -31.01 -8.75 36.22
CA LYS B 112 -29.86 -8.29 35.46
C LYS B 112 -30.20 -8.34 33.97
N ASN B 113 -29.56 -7.49 33.19
CA ASN B 113 -29.73 -7.47 31.73
C ASN B 113 -29.19 -8.73 31.05
N PRO B 114 -29.67 -9.04 29.83
CA PRO B 114 -29.20 -10.20 29.07
C PRO B 114 -27.72 -10.11 28.68
N TYR B 115 -27.15 -11.26 28.34
CA TYR B 115 -25.75 -11.34 27.93
C TYR B 115 -25.59 -11.33 26.41
N ASN B 116 -24.42 -10.89 25.95
CA ASN B 116 -24.02 -11.06 24.57
C ASN B 116 -23.11 -12.28 24.49
N THR B 117 -23.65 -13.37 23.96
CA THR B 117 -23.03 -14.69 24.07
C THR B 117 -22.57 -15.29 22.74
N ALA B 118 -21.41 -15.96 22.78
CA ALA B 118 -20.91 -16.73 21.64
C ALA B 118 -20.70 -18.18 22.07
N ILE B 119 -20.96 -19.10 21.15
CA ILE B 119 -20.72 -20.53 21.39
C ILE B 119 -19.89 -21.17 20.28
N ILE B 120 -19.18 -22.24 20.63
CA ILE B 120 -18.53 -23.11 19.65
C ILE B 120 -19.11 -24.51 19.76
N ILE B 121 -19.54 -25.05 18.61
CA ILE B 121 -20.13 -26.38 18.54
C ILE B 121 -19.23 -27.31 17.72
N ASP B 122 -18.99 -28.51 18.24
CA ASP B 122 -18.15 -29.50 17.55
C ASP B 122 -18.95 -30.31 16.52
N PRO B 123 -18.27 -31.13 15.69
CA PRO B 123 -18.93 -31.94 14.67
C PRO B 123 -19.87 -33.02 15.23
N GLN B 124 -19.92 -33.13 16.56
CA GLN B 124 -20.84 -34.05 17.24
C GLN B 124 -22.12 -33.34 17.68
N GLY B 125 -22.21 -32.05 17.38
CA GLY B 125 -23.37 -31.25 17.74
C GLY B 125 -23.45 -30.90 19.21
N GLU B 126 -22.27 -30.73 19.83
CA GLU B 126 -22.20 -30.38 21.25
C GLU B 126 -21.50 -29.05 21.47
N ILE B 127 -22.08 -28.23 22.36
CA ILE B 127 -21.46 -26.98 22.76
C ILE B 127 -20.24 -27.26 23.64
N ILE B 128 -19.06 -27.00 23.09
CA ILE B 128 -17.80 -27.22 23.80
C ILE B 128 -17.23 -25.94 24.39
N LEU B 129 -17.74 -24.80 23.92
CA LEU B 129 -17.32 -23.49 24.44
C LEU B 129 -18.50 -22.53 24.49
N LYS B 130 -18.62 -21.85 25.63
CA LYS B 130 -19.61 -20.80 25.82
C LYS B 130 -18.93 -19.56 26.41
N TYR B 131 -18.99 -18.46 25.68
CA TYR B 131 -18.38 -17.21 26.12
C TYR B 131 -19.40 -16.08 26.20
N ARG B 132 -19.39 -15.36 27.31
CA ARG B 132 -20.21 -14.17 27.47
C ARG B 132 -19.35 -12.92 27.41
N LYS B 133 -19.68 -12.03 26.47
CA LYS B 133 -18.93 -10.81 26.19
C LYS B 133 -18.53 -10.06 27.47
N LEU B 134 -17.23 -10.07 27.76
CA LEU B 134 -16.69 -9.49 28.99
C LEU B 134 -16.71 -7.97 28.96
N PHE B 135 -16.46 -7.40 27.79
CA PHE B 135 -16.45 -5.95 27.62
C PHE B 135 -17.49 -5.52 26.58
N PRO B 136 -18.76 -5.34 27.02
CA PRO B 136 -19.79 -4.83 26.11
C PRO B 136 -19.46 -3.43 25.61
N TRP B 137 -19.69 -3.19 24.31
CA TRP B 137 -19.34 -1.94 23.67
C TRP B 137 -20.22 -0.79 24.18
N ASN B 138 -19.69 -0.08 25.18
CA ASN B 138 -20.41 1.01 25.83
C ASN B 138 -20.06 2.38 25.24
N PRO B 139 -20.99 3.35 25.31
CA PRO B 139 -22.27 3.32 26.02
C PRO B 139 -23.46 2.84 25.18
N ILE B 140 -23.19 2.26 24.01
CA ILE B 140 -24.25 1.88 23.07
C ILE B 140 -24.92 0.53 23.40
N GLU B 141 -24.19 -0.37 24.05
CA GLU B 141 -24.69 -1.72 24.33
C GLU B 141 -25.10 -1.91 25.80
N PRO B 142 -26.33 -2.42 26.03
CA PRO B 142 -26.89 -2.61 27.36
C PRO B 142 -26.67 -4.01 27.95
N TRP B 143 -25.81 -4.81 27.30
CA TRP B 143 -25.58 -6.19 27.74
C TRP B 143 -24.80 -6.23 29.05
N TYR B 144 -25.16 -7.19 29.90
CA TYR B 144 -24.47 -7.38 31.16
C TYR B 144 -23.08 -7.98 30.92
N PRO B 145 -22.05 -7.43 31.59
CA PRO B 145 -20.69 -7.98 31.48
C PRO B 145 -20.66 -9.47 31.84
N GLY B 146 -20.04 -10.27 30.97
CA GLY B 146 -20.02 -11.73 31.12
C GLY B 146 -19.33 -12.23 32.37
N ASP B 147 -19.72 -13.44 32.81
CA ASP B 147 -19.24 -13.99 34.07
C ASP B 147 -18.45 -15.29 33.92
N LEU B 148 -18.19 -15.69 32.66
CA LEU B 148 -17.58 -16.98 32.36
C LEU B 148 -16.08 -16.90 32.02
N GLY B 149 -15.49 -15.72 32.23
CA GLY B 149 -14.08 -15.50 31.91
C GLY B 149 -13.78 -15.62 30.43
N MET B 150 -12.53 -16.00 30.11
CA MET B 150 -12.14 -16.26 28.73
C MET B 150 -11.78 -17.74 28.55
N PRO B 151 -12.77 -18.57 28.19
CA PRO B 151 -12.55 -20.01 28.05
C PRO B 151 -11.85 -20.40 26.75
N VAL B 152 -11.18 -21.55 26.78
CA VAL B 152 -10.48 -22.10 25.62
C VAL B 152 -10.88 -23.56 25.45
N CYS B 153 -11.12 -23.99 24.21
CA CYS B 153 -11.52 -25.36 23.93
C CYS B 153 -10.67 -26.01 22.84
N GLU B 154 -10.68 -27.35 22.82
CA GLU B 154 -10.02 -28.12 21.77
C GLU B 154 -10.81 -27.97 20.47
N GLY B 155 -10.08 -27.88 19.36
CA GLY B 155 -10.70 -27.77 18.04
C GLY B 155 -10.06 -28.69 17.02
N PRO B 156 -10.27 -28.41 15.72
CA PRO B 156 -9.70 -29.24 14.66
C PRO B 156 -8.22 -28.94 14.43
N GLY B 157 -7.54 -29.80 13.67
CA GLY B 157 -6.15 -29.60 13.27
C GLY B 157 -5.16 -29.24 14.37
N GLY B 158 -5.44 -29.68 15.59
CA GLY B 158 -4.56 -29.43 16.74
C GLY B 158 -4.79 -28.09 17.42
N SER B 159 -5.82 -27.37 16.98
CA SER B 159 -6.08 -26.03 17.48
C SER B 159 -6.64 -26.00 18.89
N LYS B 160 -6.37 -24.89 19.59
CA LYS B 160 -7.02 -24.55 20.84
C LYS B 160 -7.77 -23.25 20.59
N LEU B 161 -9.09 -23.35 20.52
CA LEU B 161 -9.93 -22.22 20.12
C LEU B 161 -10.38 -21.37 21.30
N ALA B 162 -10.40 -20.06 21.08
CA ALA B 162 -11.04 -19.12 21.99
C ALA B 162 -11.76 -18.06 21.17
N VAL B 163 -12.85 -17.54 21.69
CA VAL B 163 -13.62 -16.51 20.99
C VAL B 163 -13.80 -15.25 21.83
N CYS B 164 -13.53 -14.10 21.22
CA CYS B 164 -13.91 -12.82 21.80
C CYS B 164 -14.94 -12.15 20.87
N ILE B 165 -15.62 -11.14 21.39
CA ILE B 165 -16.71 -10.52 20.65
C ILE B 165 -16.45 -9.02 20.40
N SER B 166 -16.34 -8.66 19.12
CA SER B 166 -16.13 -7.28 18.67
C SER B 166 -15.22 -6.42 19.55
N HIS B 167 -15.83 -5.60 20.41
CA HIS B 167 -15.13 -4.65 21.29
C HIS B 167 -14.09 -5.30 22.21
N ASP B 168 -14.30 -6.59 22.51
CA ASP B 168 -13.34 -7.40 23.25
C ASP B 168 -11.96 -7.44 22.61
N GLY B 169 -11.91 -7.40 21.27
CA GLY B 169 -10.67 -7.46 20.51
C GLY B 169 -9.80 -6.22 20.62
N MET B 170 -10.36 -5.15 21.21
CA MET B 170 -9.62 -3.91 21.43
C MET B 170 -8.84 -3.97 22.75
N ILE B 171 -9.11 -5.02 23.54
CA ILE B 171 -8.46 -5.22 24.83
C ILE B 171 -7.35 -6.25 24.68
N PRO B 172 -6.07 -5.79 24.69
CA PRO B 172 -4.92 -6.68 24.54
C PRO B 172 -4.78 -7.69 25.68
N GLU B 173 -5.15 -7.27 26.89
CA GLU B 173 -5.12 -8.15 28.07
C GLU B 173 -5.99 -9.38 27.86
N LEU B 174 -7.13 -9.20 27.17
CA LEU B 174 -8.03 -10.30 26.88
C LEU B 174 -7.41 -11.31 25.91
N ALA B 175 -6.71 -10.82 24.90
CA ALA B 175 -5.98 -11.66 23.96
C ALA B 175 -4.85 -12.43 24.67
N ARG B 176 -4.22 -11.77 25.64
CA ARG B 176 -3.21 -12.41 26.47
C ARG B 176 -3.82 -13.54 27.30
N GLU B 177 -5.02 -13.29 27.84
CA GLU B 177 -5.70 -14.27 28.69
C GLU B 177 -6.01 -15.58 27.96
N ALA B 178 -6.60 -15.48 26.77
CA ALA B 178 -6.86 -16.64 25.93
C ALA B 178 -5.59 -17.44 25.66
N ALA B 179 -4.54 -16.73 25.26
CA ALA B 179 -3.23 -17.32 24.97
C ALA B 179 -2.58 -17.95 26.20
N TYR B 180 -2.76 -17.31 27.35
CA TYR B 180 -2.27 -17.79 28.64
C TYR B 180 -2.91 -19.12 29.01
N LYS B 181 -4.14 -19.33 28.56
CA LYS B 181 -4.90 -20.55 28.82
C LYS B 181 -4.78 -21.58 27.71
N GLY B 182 -3.86 -21.37 26.78
CA GLY B 182 -3.52 -22.36 25.75
C GLY B 182 -3.90 -22.06 24.31
N CYS B 183 -4.67 -21.01 24.09
CA CYS B 183 -5.23 -20.69 22.77
C CYS B 183 -4.19 -20.33 21.70
N ASN B 184 -4.22 -21.07 20.59
CA ASN B 184 -3.39 -20.78 19.42
C ASN B 184 -4.18 -20.27 18.20
N VAL B 185 -5.51 -20.32 18.29
CA VAL B 185 -6.38 -19.74 17.26
C VAL B 185 -7.46 -18.86 17.92
N TYR B 186 -7.27 -17.54 17.81
CA TYR B 186 -8.14 -16.56 18.46
C TYR B 186 -9.24 -16.06 17.51
N ILE B 187 -10.47 -16.43 17.81
CA ILE B 187 -11.62 -16.04 16.98
C ILE B 187 -12.25 -14.75 17.51
N ARG B 188 -12.49 -13.79 16.60
CA ARG B 188 -13.20 -12.57 16.93
C ARG B 188 -14.46 -12.47 16.07
N ILE B 189 -15.61 -12.65 16.69
CA ILE B 189 -16.90 -12.49 15.99
C ILE B 189 -17.43 -11.09 16.25
N SER B 190 -17.61 -10.33 15.17
CA SER B 190 -17.86 -8.90 15.30
C SER B 190 -19.16 -8.45 14.66
N GLY B 191 -19.90 -7.61 15.38
CA GLY B 191 -21.20 -7.16 14.94
C GLY B 191 -21.10 -5.96 14.04
N TYR B 192 -21.26 -4.78 14.63
CA TYR B 192 -21.41 -3.55 13.84
C TYR B 192 -20.29 -2.54 14.07
N SER B 193 -19.21 -2.95 14.73
CA SER B 193 -18.14 -2.02 15.14
C SER B 193 -17.50 -1.28 13.95
N THR B 194 -18.29 -0.42 13.32
CA THR B 194 -17.91 0.33 12.14
C THR B 194 -17.29 1.68 12.52
N GLN B 195 -16.71 2.35 11.52
CA GLN B 195 -15.95 3.59 11.72
C GLN B 195 -14.64 3.33 12.45
N VAL B 196 -14.61 2.27 13.26
CA VAL B 196 -13.38 1.82 13.93
C VAL B 196 -12.74 0.75 13.05
N ASN B 197 -12.74 1.00 11.74
CA ASN B 197 -12.34 0.04 10.73
C ASN B 197 -10.83 -0.21 10.65
N ASP B 198 -10.04 0.86 10.74
CA ASP B 198 -8.58 0.77 10.74
C ASP B 198 -8.08 0.04 11.98
N GLN B 199 -8.74 0.32 13.11
CA GLN B 199 -8.33 -0.22 14.40
C GLN B 199 -8.78 -1.67 14.57
N TRP B 200 -9.75 -2.09 13.76
CA TRP B 200 -10.16 -3.48 13.71
C TRP B 200 -9.09 -4.34 13.04
N ILE B 201 -8.52 -3.82 11.95
CA ILE B 201 -7.43 -4.49 11.22
C ILE B 201 -6.14 -4.50 12.05
N LEU B 202 -5.88 -3.38 12.73
CA LEU B 202 -4.68 -3.22 13.55
C LEU B 202 -4.64 -4.18 14.74
N THR B 203 -5.74 -4.24 15.48
CA THR B 203 -5.84 -5.07 16.68
C THR B 203 -5.83 -6.57 16.40
N ASN B 204 -6.40 -6.98 15.26
CA ASN B 204 -6.35 -8.39 14.86
C ASN B 204 -4.93 -8.86 14.59
N ARG B 205 -4.13 -7.98 14.01
CA ARG B 205 -2.71 -8.21 13.79
C ARG B 205 -1.94 -8.21 15.12
N SER B 206 -2.20 -7.21 15.96
CA SER B 206 -1.48 -7.03 17.21
C SER B 206 -1.80 -8.11 18.23
N ASN B 207 -3.08 -8.50 18.30
CA ASN B 207 -3.52 -9.62 19.14
C ASN B 207 -2.80 -10.90 18.78
N ALA B 208 -2.57 -11.09 17.48
CA ALA B 208 -1.86 -12.25 16.97
C ALA B 208 -0.38 -12.22 17.34
N TRP B 209 0.26 -11.09 17.03
CA TRP B 209 1.70 -10.92 17.27
C TRP B 209 2.09 -10.99 18.75
N HIS B 210 1.32 -10.31 19.61
CA HIS B 210 1.63 -10.24 21.04
C HIS B 210 1.70 -11.62 21.70
N ASN B 211 0.93 -12.56 21.19
CA ASN B 211 0.70 -13.84 21.85
C ASN B 211 1.17 -15.06 21.07
N LEU B 212 1.69 -14.82 19.87
CA LEU B 212 2.14 -15.88 18.96
C LEU B 212 1.01 -16.89 18.67
N MET B 213 -0.11 -16.36 18.21
CA MET B 213 -1.27 -17.17 17.84
C MET B 213 -1.94 -16.61 16.58
N TYR B 214 -2.66 -17.47 15.88
CA TYR B 214 -3.49 -17.03 14.75
C TYR B 214 -4.70 -16.26 15.27
N THR B 215 -5.09 -15.23 14.53
CA THR B 215 -6.39 -14.62 14.75
C THR B 215 -7.25 -14.80 13.50
N VAL B 216 -8.49 -15.21 13.72
CA VAL B 216 -9.47 -15.31 12.65
C VAL B 216 -10.66 -14.46 13.06
N SER B 217 -10.83 -13.34 12.36
CA SER B 217 -11.85 -12.38 12.72
C SER B 217 -12.80 -12.13 11.55
N VAL B 218 -14.08 -11.91 11.86
CA VAL B 218 -15.08 -11.58 10.85
C VAL B 218 -16.12 -10.63 11.42
N ASN B 219 -16.48 -9.62 10.63
CA ASN B 219 -17.52 -8.67 10.99
C ASN B 219 -18.73 -8.85 10.07
N LEU B 220 -19.90 -8.50 10.60
CA LEU B 220 -21.14 -8.43 9.86
C LEU B 220 -20.96 -7.46 8.68
N ALA B 221 -21.43 -7.87 7.51
CA ALA B 221 -21.38 -7.00 6.35
C ALA B 221 -22.73 -6.38 6.03
N GLY B 222 -23.80 -7.04 6.46
CA GLY B 222 -25.16 -6.50 6.34
C GLY B 222 -25.82 -6.26 7.69
N TYR B 228 -26.06 -2.30 4.98
CA TYR B 228 -25.86 -3.58 4.29
C TYR B 228 -24.40 -3.89 3.92
N TYR B 229 -23.47 -2.95 4.19
CA TYR B 229 -22.07 -3.11 3.80
C TYR B 229 -21.12 -2.58 4.89
N PHE B 230 -20.57 -3.48 5.70
CA PHE B 230 -19.86 -3.08 6.93
C PHE B 230 -18.59 -3.86 7.34
N GLY B 231 -18.53 -5.16 7.05
CA GLY B 231 -17.52 -6.05 7.63
C GLY B 231 -16.40 -6.55 6.74
N GLU B 232 -15.28 -6.94 7.34
CA GLU B 232 -14.05 -7.27 6.62
C GLU B 232 -13.27 -8.43 7.24
N GLY B 233 -13.68 -9.65 6.95
CA GLY B 233 -13.04 -10.86 7.46
C GLY B 233 -11.53 -10.86 7.31
N GLN B 234 -10.84 -11.37 8.33
CA GLN B 234 -9.39 -11.25 8.41
C GLN B 234 -8.74 -12.46 9.08
N ILE B 235 -7.72 -13.00 8.43
CA ILE B 235 -6.92 -14.11 8.96
C ILE B 235 -5.46 -13.67 9.13
N CYS B 236 -4.98 -13.68 10.37
CA CYS B 236 -3.61 -13.26 10.65
C CYS B 236 -2.72 -14.43 11.09
N ASN B 237 -1.50 -14.44 10.59
CA ASN B 237 -0.46 -15.38 11.02
C ASN B 237 -0.04 -15.07 12.46
N PHE B 238 0.58 -16.05 13.12
CA PHE B 238 1.02 -15.90 14.51
C PHE B 238 2.08 -14.81 14.74
N ASP B 239 2.63 -14.27 13.64
CA ASP B 239 3.58 -13.17 13.74
C ASP B 239 2.95 -11.80 13.40
N GLY B 240 1.62 -11.79 13.31
CA GLY B 240 0.87 -10.55 13.10
C GLY B 240 0.60 -10.18 11.66
N THR B 241 1.09 -10.97 10.72
CA THR B 241 0.91 -10.69 9.29
C THR B 241 -0.47 -11.14 8.81
N THR B 242 -1.19 -10.25 8.14
CA THR B 242 -2.49 -10.59 7.55
C THR B 242 -2.27 -11.53 6.36
N LEU B 243 -2.94 -12.68 6.42
CA LEU B 243 -2.83 -13.70 5.38
C LEU B 243 -3.98 -13.62 4.38
N VAL B 244 -5.17 -13.36 4.90
CA VAL B 244 -6.37 -13.22 4.07
C VAL B 244 -7.18 -12.02 4.54
N GLN B 245 -7.53 -11.15 3.61
CA GLN B 245 -8.32 -9.96 3.91
C GLN B 245 -9.51 -9.83 2.98
N GLY B 246 -10.71 -9.78 3.56
CA GLY B 246 -11.95 -9.56 2.81
C GLY B 246 -12.30 -8.09 2.71
N HIS B 247 -13.10 -7.75 1.71
CA HIS B 247 -13.59 -6.39 1.50
C HIS B 247 -14.87 -6.15 2.30
N ARG B 248 -15.71 -5.21 1.87
CA ARG B 248 -16.88 -4.79 2.64
C ARG B 248 -18.22 -5.31 2.12
N ASN B 249 -18.18 -6.39 1.34
CA ASN B 249 -19.38 -6.95 0.73
C ASN B 249 -20.04 -8.05 1.57
N PRO B 250 -21.38 -8.12 1.58
CA PRO B 250 -22.09 -9.24 2.22
C PRO B 250 -21.82 -10.54 1.48
N TRP B 251 -21.85 -11.65 2.22
CA TRP B 251 -21.63 -13.00 1.67
C TRP B 251 -20.19 -13.30 1.25
N GLU B 252 -19.27 -12.36 1.49
CA GLU B 252 -17.85 -12.64 1.30
C GLU B 252 -17.42 -13.72 2.30
N ILE B 253 -16.89 -14.81 1.76
CA ILE B 253 -16.40 -15.92 2.57
C ILE B 253 -14.88 -15.83 2.64
N VAL B 254 -14.36 -15.51 3.82
CA VAL B 254 -12.92 -15.45 4.04
C VAL B 254 -12.40 -16.83 4.48
N THR B 255 -11.59 -17.45 3.63
CA THR B 255 -11.02 -18.77 3.93
C THR B 255 -9.49 -18.77 3.92
N GLY B 256 -8.92 -19.68 4.68
CA GLY B 256 -7.47 -19.87 4.73
C GLY B 256 -7.09 -21.14 5.46
N GLU B 257 -5.90 -21.65 5.16
CA GLU B 257 -5.38 -22.84 5.84
C GLU B 257 -4.59 -22.40 7.06
N ILE B 258 -5.03 -22.87 8.23
CA ILE B 258 -4.43 -22.53 9.51
C ILE B 258 -3.59 -23.70 9.98
N TYR B 259 -2.37 -23.41 10.44
CA TYR B 259 -1.48 -24.44 10.97
C TYR B 259 -1.13 -24.18 12.44
N PRO B 260 -1.99 -24.64 13.37
CA PRO B 260 -1.86 -24.35 14.80
C PRO B 260 -0.58 -24.88 15.45
N LYS B 261 -0.06 -25.99 14.93
CA LYS B 261 1.17 -26.61 15.45
C LYS B 261 2.39 -25.68 15.31
N MET B 262 2.38 -24.87 14.26
CA MET B 262 3.48 -23.93 14.00
C MET B 262 3.49 -22.76 14.98
N ALA B 263 2.30 -22.36 15.42
CA ALA B 263 2.17 -21.36 16.48
C ALA B 263 2.72 -21.91 17.80
N ASP B 264 2.41 -23.17 18.08
CA ASP B 264 2.95 -23.88 19.24
C ASP B 264 4.47 -23.99 19.14
N ASN B 265 4.95 -24.37 17.96
CA ASN B 265 6.39 -24.47 17.67
C ASN B 265 7.14 -23.16 17.91
N ALA B 266 6.54 -22.06 17.49
CA ALA B 266 7.11 -20.72 17.72
C ALA B 266 7.22 -20.42 19.22
N ARG B 267 6.16 -20.70 19.96
CA ARG B 267 6.14 -20.50 21.41
C ARG B 267 7.19 -21.35 22.13
N LEU B 268 7.49 -22.53 21.58
CA LEU B 268 8.47 -23.44 22.16
C LEU B 268 9.91 -23.12 21.75
N SER B 269 10.11 -22.73 20.50
CA SER B 269 11.44 -22.63 19.91
C SER B 269 12.05 -21.22 19.90
N TRP B 270 11.21 -20.20 19.84
CA TRP B 270 11.68 -18.82 19.70
C TRP B 270 12.37 -18.30 20.96
N GLY B 271 13.32 -17.40 20.75
CA GLY B 271 14.02 -16.74 21.85
C GLY B 271 13.76 -15.24 21.85
N LEU B 272 14.20 -14.58 20.78
CA LEU B 272 14.17 -13.12 20.69
C LEU B 272 12.77 -12.49 20.71
N GLU B 273 11.82 -13.11 20.03
CA GLU B 273 10.47 -12.54 19.92
C GLU B 273 9.44 -13.27 20.79
N ASN B 274 9.91 -14.05 21.75
CA ASN B 274 9.03 -14.79 22.66
C ASN B 274 8.51 -13.88 23.76
N ASN B 275 7.71 -12.89 23.37
CA ASN B 275 7.27 -11.83 24.28
C ASN B 275 6.34 -12.31 25.38
N ILE B 276 5.50 -13.28 25.05
CA ILE B 276 4.56 -13.88 26.01
C ILE B 276 5.28 -14.57 27.19
N TYR B 277 6.44 -15.15 26.92
CA TYR B 277 7.28 -15.71 27.99
C TYR B 277 7.98 -14.59 28.77
N ASN B 278 8.58 -13.65 28.05
CA ASN B 278 9.31 -12.52 28.62
C ASN B 278 8.56 -11.75 29.70
N LEU B 279 7.26 -11.54 29.46
CA LEU B 279 6.39 -10.79 30.38
C LEU B 279 6.44 -11.30 31.82
N GLY B 280 6.52 -12.62 31.98
CA GLY B 280 6.61 -13.24 33.31
C GLY B 280 8.02 -13.59 33.75
N HIS B 281 9.00 -13.41 32.85
CA HIS B 281 10.39 -13.75 33.14
C HIS B 281 11.36 -12.71 32.55
N ARG B 282 11.22 -11.46 33.02
CA ARG B 282 12.03 -10.34 32.54
C ARG B 282 13.51 -10.53 32.82
N GLY B 283 14.34 -10.32 31.81
CA GLY B 283 15.79 -10.37 31.94
C GLY B 283 16.31 -11.66 32.56
N TYR B 284 16.00 -12.78 31.93
CA TYR B 284 16.39 -14.09 32.47
C TYR B 284 17.87 -14.44 32.28
N VAL B 285 18.55 -13.72 31.39
CA VAL B 285 19.99 -13.90 31.18
C VAL B 285 20.79 -13.40 32.39
N ALA B 286 20.48 -12.18 32.84
CA ALA B 286 21.12 -11.59 34.01
C ALA B 286 20.62 -12.21 35.32
N LYS B 287 19.32 -12.52 35.34
CA LYS B 287 18.70 -13.15 36.50
C LYS B 287 18.02 -14.43 36.06
N PRO B 288 18.64 -15.60 36.32
CA PRO B 288 18.07 -16.89 35.91
C PRO B 288 16.61 -17.03 36.33
N GLY B 289 15.77 -17.47 35.39
CA GLY B 289 14.34 -17.60 35.62
C GLY B 289 13.59 -16.28 35.47
N GLY B 290 14.34 -15.18 35.39
CA GLY B 290 13.76 -13.84 35.21
C GLY B 290 13.21 -13.24 36.48
N GLU B 291 12.92 -11.94 36.44
CA GLU B 291 12.20 -11.28 37.52
C GLU B 291 10.71 -11.52 37.29
N HIS B 292 10.07 -12.18 38.25
CA HIS B 292 8.67 -12.58 38.11
C HIS B 292 7.70 -11.44 38.37
N ASP B 293 8.13 -10.47 39.19
CA ASP B 293 7.38 -9.24 39.40
C ASP B 293 7.57 -8.33 38.20
N ALA B 294 6.49 -8.14 37.42
CA ALA B 294 6.53 -7.32 36.21
C ALA B 294 6.90 -5.87 36.47
N GLY B 295 6.53 -5.36 37.65
CA GLY B 295 6.83 -3.99 38.06
C GLY B 295 5.78 -2.98 37.62
N LEU B 296 4.57 -3.47 37.38
CA LEU B 296 3.48 -2.65 36.87
C LEU B 296 2.37 -2.51 37.91
N THR B 297 1.98 -1.27 38.18
CA THR B 297 0.99 -0.96 39.21
C THR B 297 -0.43 -1.33 38.79
N TYR B 298 -0.75 -1.15 37.51
CA TYR B 298 -2.12 -1.38 37.01
C TYR B 298 -2.51 -2.86 37.08
N ILE B 299 -1.53 -3.74 36.87
CA ILE B 299 -1.72 -5.19 36.97
C ILE B 299 -2.18 -5.55 38.39
N LYS B 300 -1.48 -5.02 39.38
CA LYS B 300 -1.81 -5.25 40.79
C LYS B 300 -3.12 -4.58 41.18
N ASP B 301 -3.42 -3.43 40.59
CA ASP B 301 -4.68 -2.72 40.83
C ASP B 301 -5.88 -3.45 40.21
N LEU B 302 -5.74 -3.88 38.97
CA LEU B 302 -6.81 -4.58 38.27
C LEU B 302 -7.09 -5.95 38.87
N ALA B 303 -6.04 -6.61 39.37
CA ALA B 303 -6.17 -7.89 40.06
C ALA B 303 -6.98 -7.79 41.34
N ALA B 304 -6.77 -6.70 42.08
CA ALA B 304 -7.53 -6.43 43.31
C ALA B 304 -8.80 -5.61 43.05
N GLY B 305 -9.10 -5.35 41.77
CA GLY B 305 -10.30 -4.62 41.38
C GLY B 305 -10.32 -3.17 41.81
N LYS B 306 -9.15 -2.54 41.80
CA LYS B 306 -8.99 -1.14 42.22
C LYS B 306 -8.34 -0.29 41.13
N TYR B 307 -8.42 -0.79 39.89
CA TYR B 307 -7.97 -0.10 38.69
C TYR B 307 -8.71 1.22 38.53
N LYS B 308 -7.97 2.32 38.64
CA LYS B 308 -8.56 3.66 38.49
C LYS B 308 -7.61 4.62 37.78
N LEU B 309 -8.11 5.23 36.70
CA LEU B 309 -7.35 6.20 35.93
C LEU B 309 -7.32 7.56 36.64
N PRO B 310 -6.18 8.27 36.54
CA PRO B 310 -6.01 9.59 37.17
C PRO B 310 -6.98 10.67 36.69
N TRP B 311 -7.71 10.41 35.61
CA TRP B 311 -8.61 11.40 35.02
C TRP B 311 -10.08 10.95 34.99
N GLU B 312 -10.41 9.97 35.84
CA GLU B 312 -11.75 9.38 35.85
C GLU B 312 -12.87 10.31 36.33
N ASP B 313 -12.51 11.29 37.17
CA ASP B 313 -13.48 12.24 37.70
C ASP B 313 -13.93 13.29 36.67
N HIS B 314 -13.08 13.52 35.67
CA HIS B 314 -13.32 14.56 34.67
C HIS B 314 -13.91 14.01 33.37
N MET B 315 -14.24 12.72 33.38
CA MET B 315 -14.80 12.05 32.21
C MET B 315 -16.28 12.35 32.03
N LYS B 316 -16.72 12.36 30.77
CA LYS B 316 -18.06 12.83 30.42
C LYS B 316 -19.05 11.70 30.12
N ILE B 317 -18.55 10.56 29.65
CA ILE B 317 -19.40 9.41 29.33
C ILE B 317 -19.06 8.20 30.21
N LYS B 318 -19.91 7.97 31.22
CA LYS B 318 -19.75 6.86 32.15
C LYS B 318 -21.08 6.10 32.35
N ASP B 319 -22.03 6.36 31.45
CA ASP B 319 -23.33 5.68 31.44
C ASP B 319 -23.92 5.69 30.01
N GLY B 320 -25.02 4.98 29.82
CA GLY B 320 -25.65 4.87 28.51
C GLY B 320 -26.81 5.82 28.24
N SER B 321 -26.86 6.93 28.98
CA SER B 321 -27.93 7.93 28.82
C SER B 321 -27.92 8.60 27.45
N ILE B 322 -26.74 8.72 26.86
CA ILE B 322 -26.55 9.36 25.55
C ILE B 322 -27.27 8.61 24.41
N TYR B 323 -27.61 7.34 24.66
CA TYR B 323 -28.41 6.54 23.73
C TYR B 323 -29.82 6.28 24.25
N GLY B 324 -30.08 6.70 25.50
CA GLY B 324 -31.42 6.63 26.08
C GLY B 324 -31.59 5.66 27.24
N TYR B 325 -30.51 4.95 27.58
CA TYR B 325 -30.56 3.94 28.65
C TYR B 325 -30.54 4.57 30.04
N PRO B 326 -31.31 4.00 30.98
CA PRO B 326 -31.31 4.47 32.37
C PRO B 326 -29.99 4.18 33.10
N THR B 327 -29.71 4.96 34.14
CA THR B 327 -28.44 4.93 34.86
C THR B 327 -28.56 4.22 36.21
N THR B 328 -29.79 3.84 36.56
CA THR B 328 -30.12 3.26 37.87
C THR B 328 -29.50 1.88 38.07
N GLY B 329 -29.48 1.08 37.01
CA GLY B 329 -29.04 -0.31 37.09
C GLY B 329 -30.21 -1.27 37.02
N GLY B 330 -29.92 -2.55 37.24
CA GLY B 330 -30.95 -3.59 37.19
C GLY B 330 -31.41 -3.90 35.77
N ARG B 331 -32.56 -4.57 35.66
CA ARG B 331 -33.11 -4.97 34.39
C ARG B 331 -33.94 -3.84 33.76
N PHE B 332 -33.63 -3.52 32.50
CA PHE B 332 -34.39 -2.52 31.75
C PHE B 332 -34.49 -2.86 30.26
N GLY B 333 -35.55 -2.36 29.62
CA GLY B 333 -35.76 -2.55 28.18
C GLY B 333 -36.54 -3.78 27.81
N LYS B 334 -37.02 -4.51 28.83
CA LYS B 334 -37.78 -5.74 28.64
C LYS B 334 -39.16 -5.47 28.06
N GLY C 13 -4.92 3.78 -30.16
CA GLY C 13 -5.39 2.53 -29.51
C GLY C 13 -6.90 2.40 -29.44
N PHE C 14 -7.41 1.74 -28.40
CA PHE C 14 -8.84 1.53 -28.24
C PHE C 14 -9.29 1.47 -26.77
N LEU C 15 -10.59 1.64 -26.55
CA LEU C 15 -11.18 1.56 -25.22
C LEU C 15 -11.81 0.18 -24.98
N VAL C 16 -11.47 -0.42 -23.85
CA VAL C 16 -11.99 -1.73 -23.47
C VAL C 16 -12.89 -1.59 -22.25
N ALA C 17 -13.87 -2.49 -22.11
CA ALA C 17 -14.73 -2.54 -20.94
C ALA C 17 -14.83 -3.98 -20.45
N ALA C 18 -14.58 -4.17 -19.16
CA ALA C 18 -14.66 -5.48 -18.53
C ALA C 18 -15.75 -5.45 -17.46
N ILE C 19 -16.80 -6.24 -17.68
CA ILE C 19 -17.97 -6.22 -16.81
C ILE C 19 -17.85 -7.28 -15.72
N GLN C 20 -17.85 -6.84 -14.46
CA GLN C 20 -17.94 -7.72 -13.31
C GLN C 20 -19.39 -8.20 -13.17
N PHE C 21 -19.77 -9.10 -14.08
CA PHE C 21 -21.14 -9.58 -14.19
C PHE C 21 -21.57 -10.40 -12.97
N PRO C 22 -22.80 -10.16 -12.48
CA PRO C 22 -23.36 -11.05 -11.48
C PRO C 22 -24.15 -12.20 -12.09
N VAL C 23 -23.64 -13.42 -11.94
CA VAL C 23 -24.41 -14.59 -12.34
C VAL C 23 -25.28 -15.00 -11.15
N PRO C 24 -26.57 -15.30 -11.40
CA PRO C 24 -27.41 -15.73 -10.30
C PRO C 24 -27.35 -17.25 -10.14
N ILE C 25 -28.23 -17.79 -9.29
CA ILE C 25 -28.43 -19.23 -9.24
C ILE C 25 -29.15 -19.65 -10.53
N VAL C 26 -28.60 -20.66 -11.19
CA VAL C 26 -29.19 -21.17 -12.43
C VAL C 26 -29.76 -22.55 -12.17
N ASN C 27 -31.07 -22.69 -12.41
CA ASN C 27 -31.78 -23.93 -12.12
C ASN C 27 -32.37 -24.63 -13.35
N SER C 28 -32.46 -23.90 -14.46
CA SER C 28 -33.04 -24.43 -15.70
C SER C 28 -32.54 -23.69 -16.93
N ARG C 29 -33.00 -24.14 -18.10
CA ARG C 29 -32.73 -23.46 -19.38
C ARG C 29 -33.35 -22.06 -19.43
N LYS C 30 -34.48 -21.89 -18.75
CA LYS C 30 -35.17 -20.60 -18.64
C LYS C 30 -34.29 -19.54 -17.98
N ASP C 31 -33.53 -19.95 -16.96
CA ASP C 31 -32.56 -19.06 -16.29
C ASP C 31 -31.38 -18.72 -17.18
N ILE C 32 -30.92 -19.69 -17.97
CA ILE C 32 -29.84 -19.49 -18.93
C ILE C 32 -30.24 -18.44 -19.97
N ASP C 33 -31.48 -18.55 -20.47
CA ASP C 33 -32.02 -17.57 -21.42
C ASP C 33 -32.08 -16.17 -20.83
N HIS C 34 -32.47 -16.07 -19.55
CA HIS C 34 -32.48 -14.82 -18.81
C HIS C 34 -31.08 -14.20 -18.76
N ASN C 35 -30.07 -15.03 -18.49
CA ASN C 35 -28.67 -14.61 -18.46
C ASN C 35 -28.18 -14.07 -19.80
N ILE C 36 -28.55 -14.77 -20.88
CA ILE C 36 -28.23 -14.34 -22.24
C ILE C 36 -28.80 -12.95 -22.53
N GLU C 37 -30.06 -12.74 -22.14
CA GLU C 37 -30.71 -11.45 -22.32
C GLU C 37 -30.10 -10.35 -21.45
N SER C 38 -29.73 -10.71 -20.23
CA SER C 38 -29.05 -9.78 -19.32
C SER C 38 -27.72 -9.31 -19.90
N ILE C 39 -26.95 -10.25 -20.45
CA ILE C 39 -25.65 -9.97 -21.06
C ILE C 39 -25.80 -9.07 -22.29
N ILE C 40 -26.76 -9.38 -23.15
CA ILE C 40 -27.08 -8.58 -24.33
C ILE C 40 -27.50 -7.16 -23.91
N ARG C 41 -28.38 -7.09 -22.91
CA ARG C 41 -28.81 -5.82 -22.32
C ARG C 41 -27.63 -4.98 -21.83
N THR C 42 -26.72 -5.63 -21.10
CA THR C 42 -25.52 -4.98 -20.57
C THR C 42 -24.59 -4.50 -21.67
N LEU C 43 -24.47 -5.28 -22.74
CA LEU C 43 -23.62 -4.95 -23.87
C LEU C 43 -24.09 -3.70 -24.60
N HIS C 44 -25.39 -3.59 -24.85
CA HIS C 44 -25.97 -2.40 -25.48
C HIS C 44 -25.87 -1.18 -24.56
N ALA C 45 -26.09 -1.39 -23.26
CA ALA C 45 -26.06 -0.31 -22.27
C ALA C 45 -24.64 0.23 -22.03
N THR C 46 -23.65 -0.66 -22.05
CA THR C 46 -22.25 -0.28 -21.91
C THR C 46 -21.74 0.49 -23.13
N LYS C 47 -22.20 0.09 -24.31
CA LYS C 47 -21.89 0.80 -25.55
C LYS C 47 -22.55 2.18 -25.57
N ALA C 48 -23.77 2.25 -25.02
CA ALA C 48 -24.50 3.50 -24.91
C ALA C 48 -23.83 4.47 -23.93
N GLY C 49 -23.34 3.93 -22.82
CA GLY C 49 -22.67 4.72 -21.79
C GLY C 49 -21.25 5.08 -22.16
N TYR C 50 -20.56 4.16 -22.84
CA TYR C 50 -19.20 4.40 -23.34
C TYR C 50 -19.19 4.30 -24.86
N PRO C 51 -19.55 5.39 -25.56
CA PRO C 51 -19.72 5.37 -27.03
C PRO C 51 -18.44 4.96 -27.78
N GLY C 52 -17.28 5.20 -27.18
CA GLY C 52 -16.01 4.91 -27.82
C GLY C 52 -15.50 3.50 -27.65
N VAL C 53 -16.15 2.73 -26.77
CA VAL C 53 -15.72 1.35 -26.45
C VAL C 53 -15.78 0.45 -27.69
N GLU C 54 -14.74 -0.37 -27.86
CA GLU C 54 -14.66 -1.28 -29.00
C GLU C 54 -14.56 -2.75 -28.60
N LEU C 55 -14.30 -3.00 -27.32
CA LEU C 55 -14.21 -4.36 -26.79
C LEU C 55 -14.91 -4.46 -25.43
N ILE C 56 -15.95 -5.28 -25.37
CA ILE C 56 -16.70 -5.53 -24.14
C ILE C 56 -16.51 -6.99 -23.74
N ILE C 57 -16.11 -7.22 -22.49
CA ILE C 57 -15.72 -8.55 -22.02
C ILE C 57 -16.58 -9.03 -20.87
N PHE C 58 -17.16 -10.22 -21.03
CA PHE C 58 -17.95 -10.87 -19.99
C PHE C 58 -17.20 -12.08 -19.43
N PRO C 59 -17.35 -12.35 -18.11
CA PRO C 59 -16.57 -13.39 -17.45
C PRO C 59 -17.05 -14.82 -17.70
N GLU C 60 -16.22 -15.79 -17.32
CA GLU C 60 -16.54 -17.21 -17.39
C GLU C 60 -17.80 -17.52 -16.58
N TYR C 61 -18.65 -18.40 -17.12
CA TYR C 61 -19.90 -18.85 -16.48
C TYR C 61 -21.02 -17.79 -16.45
N SER C 62 -20.87 -16.70 -17.20
CA SER C 62 -21.88 -15.63 -17.19
C SER C 62 -23.17 -16.05 -17.90
N THR C 63 -23.06 -16.98 -18.84
CA THR C 63 -24.22 -17.51 -19.57
C THR C 63 -24.96 -18.58 -18.76
N GLN C 64 -24.22 -19.44 -18.07
CA GLN C 64 -24.79 -20.67 -17.52
C GLN C 64 -24.65 -20.88 -16.01
N GLY C 65 -23.86 -20.03 -15.35
CA GLY C 65 -23.68 -20.11 -13.90
C GLY C 65 -22.83 -21.29 -13.47
N LEU C 66 -22.87 -21.62 -12.18
CA LEU C 66 -22.08 -22.71 -11.63
C LEU C 66 -22.93 -23.66 -10.78
N ASN C 67 -24.02 -24.17 -11.36
CA ASN C 67 -24.82 -25.19 -10.69
C ASN C 67 -24.14 -26.54 -10.88
N THR C 68 -23.25 -26.88 -9.96
CA THR C 68 -22.40 -28.07 -10.07
C THR C 68 -23.18 -29.39 -10.17
N ALA C 69 -24.39 -29.39 -9.61
CA ALA C 69 -25.26 -30.56 -9.66
C ALA C 69 -25.90 -30.76 -11.04
N LYS C 70 -25.89 -29.71 -11.86
CA LYS C 70 -26.63 -29.70 -13.12
C LYS C 70 -25.79 -29.32 -14.35
N TRP C 71 -24.61 -28.77 -14.11
CA TRP C 71 -23.83 -28.14 -15.19
C TRP C 71 -23.25 -29.11 -16.24
N LEU C 72 -23.38 -30.41 -15.99
CA LEU C 72 -22.96 -31.44 -16.96
C LEU C 72 -24.13 -32.02 -17.75
N SER C 73 -25.36 -31.66 -17.37
CA SER C 73 -26.55 -32.16 -18.05
C SER C 73 -26.77 -31.48 -19.39
N GLU C 74 -27.51 -32.15 -20.28
CA GLU C 74 -27.76 -31.66 -21.64
C GLU C 74 -28.53 -30.34 -21.67
N GLU C 75 -29.44 -30.16 -20.72
CA GLU C 75 -30.25 -28.93 -20.61
C GLU C 75 -29.37 -27.69 -20.38
N PHE C 76 -28.29 -27.88 -19.63
CA PHE C 76 -27.40 -26.79 -19.23
C PHE C 76 -26.28 -26.54 -20.24
N LEU C 77 -26.28 -27.30 -21.33
CA LEU C 77 -25.23 -27.23 -22.34
C LEU C 77 -25.72 -26.60 -23.64
N LEU C 78 -24.78 -26.00 -24.37
CA LEU C 78 -25.09 -25.30 -25.62
C LEU C 78 -24.12 -25.69 -26.73
N ASP C 79 -24.50 -25.40 -27.97
CA ASP C 79 -23.66 -25.63 -29.14
C ASP C 79 -22.93 -24.35 -29.55
N VAL C 80 -21.70 -24.49 -30.02
CA VAL C 80 -20.92 -23.37 -30.54
C VAL C 80 -20.43 -23.66 -31.96
N PRO C 81 -21.02 -22.99 -32.98
CA PRO C 81 -22.09 -22.00 -32.81
C PRO C 81 -23.48 -22.63 -32.62
N GLY C 82 -24.41 -21.83 -32.11
CA GLY C 82 -25.81 -22.23 -31.95
C GLY C 82 -26.67 -20.99 -31.96
N LYS C 83 -27.96 -21.15 -31.67
CA LYS C 83 -28.88 -20.01 -31.71
C LYS C 83 -28.61 -18.98 -30.62
N GLU C 84 -27.99 -19.42 -29.52
CA GLU C 84 -27.63 -18.53 -28.42
C GLU C 84 -26.45 -17.64 -28.78
N THR C 85 -25.46 -18.22 -29.46
CA THR C 85 -24.28 -17.47 -29.90
C THR C 85 -24.61 -16.45 -30.99
N GLU C 86 -25.58 -16.79 -31.85
CA GLU C 86 -26.04 -15.88 -32.91
C GLU C 86 -26.86 -14.72 -32.33
N LEU C 87 -27.44 -14.92 -31.15
CA LEU C 87 -28.11 -13.86 -30.39
C LEU C 87 -27.09 -12.87 -29.82
N TYR C 88 -25.96 -13.40 -29.35
CA TYR C 88 -24.83 -12.59 -28.92
C TYR C 88 -24.21 -11.86 -30.11
N ALA C 89 -24.09 -12.57 -31.23
CA ALA C 89 -23.55 -12.03 -32.48
C ALA C 89 -24.45 -10.92 -33.06
N LYS C 90 -25.76 -11.12 -32.96
CA LYS C 90 -26.74 -10.11 -33.37
C LYS C 90 -26.52 -8.83 -32.55
N ALA C 91 -26.29 -8.99 -31.25
CA ALA C 91 -26.01 -7.87 -30.34
C ALA C 91 -24.72 -7.13 -30.70
N CYS C 92 -23.66 -7.88 -31.02
CA CYS C 92 -22.37 -7.31 -31.38
C CYS C 92 -22.40 -6.52 -32.69
N LYS C 93 -23.17 -7.03 -33.67
CA LYS C 93 -23.33 -6.34 -34.95
C LYS C 93 -24.17 -5.07 -34.82
N GLU C 94 -25.21 -5.14 -33.99
CA GLU C 94 -26.09 -4.00 -33.74
C GLU C 94 -25.39 -2.92 -32.92
N ALA C 95 -24.58 -3.34 -31.96
CA ALA C 95 -23.86 -2.41 -31.07
C ALA C 95 -22.53 -1.93 -31.66
N LYS C 96 -22.07 -2.65 -32.69
CA LYS C 96 -20.83 -2.32 -33.43
C LYS C 96 -19.56 -2.51 -32.58
N VAL C 97 -19.53 -3.58 -31.79
CA VAL C 97 -18.38 -3.86 -30.91
C VAL C 97 -17.93 -5.32 -30.98
N TYR C 98 -16.67 -5.53 -30.58
CA TYR C 98 -16.15 -6.86 -30.30
C TYR C 98 -16.68 -7.28 -28.93
N GLY C 99 -17.08 -8.55 -28.83
CA GLY C 99 -17.62 -9.08 -27.57
C GLY C 99 -17.00 -10.41 -27.22
N VAL C 100 -16.67 -10.59 -25.94
CA VAL C 100 -16.14 -11.85 -25.44
C VAL C 100 -17.16 -12.51 -24.51
N PHE C 101 -17.47 -13.77 -24.78
CA PHE C 101 -18.53 -14.48 -24.07
C PHE C 101 -18.09 -15.87 -23.62
N SER C 102 -18.76 -16.37 -22.59
CA SER C 102 -18.48 -17.69 -22.03
C SER C 102 -19.62 -18.66 -22.30
N ILE C 103 -19.29 -19.83 -22.84
CA ILE C 103 -20.29 -20.86 -23.11
C ILE C 103 -19.76 -22.25 -22.74
N MET C 104 -20.51 -22.97 -21.91
CA MET C 104 -20.23 -24.37 -21.65
C MET C 104 -20.75 -25.17 -22.83
N GLU C 105 -19.83 -25.65 -23.66
CA GLU C 105 -20.17 -26.22 -24.94
C GLU C 105 -20.32 -27.73 -24.88
N ARG C 106 -21.52 -28.22 -25.25
CA ARG C 106 -21.76 -29.63 -25.47
C ARG C 106 -20.71 -30.19 -26.44
N ASN C 107 -20.09 -31.29 -26.04
CA ASN C 107 -19.06 -31.94 -26.85
C ASN C 107 -19.68 -32.68 -28.04
N PRO C 108 -19.27 -32.33 -29.27
CA PRO C 108 -19.73 -33.01 -30.50
C PRO C 108 -19.47 -34.51 -30.46
N ASP C 109 -18.35 -34.90 -29.86
CA ASP C 109 -18.09 -36.27 -29.45
C ASP C 109 -18.87 -36.49 -28.16
N SER C 110 -20.00 -37.19 -28.26
CA SER C 110 -20.89 -37.40 -27.13
C SER C 110 -20.39 -38.42 -26.10
N ASN C 111 -19.25 -39.04 -26.40
CA ASN C 111 -18.55 -39.89 -25.44
C ASN C 111 -17.63 -39.10 -24.51
N LYS C 112 -17.47 -37.80 -24.77
CA LYS C 112 -16.64 -36.93 -23.95
C LYS C 112 -17.49 -35.87 -23.24
N ASN C 113 -17.02 -35.45 -22.06
CA ASN C 113 -17.64 -34.35 -21.33
C ASN C 113 -17.63 -33.04 -22.13
N PRO C 114 -18.55 -32.11 -21.81
CA PRO C 114 -18.57 -30.80 -22.46
C PRO C 114 -17.29 -29.99 -22.23
N TYR C 115 -17.07 -29.02 -23.12
CA TYR C 115 -15.96 -28.09 -23.01
C TYR C 115 -16.36 -26.83 -22.25
N ASN C 116 -15.36 -26.14 -21.71
CA ASN C 116 -15.53 -24.81 -21.17
C ASN C 116 -14.97 -23.83 -22.21
N THR C 117 -15.87 -23.12 -22.89
CA THR C 117 -15.52 -22.41 -24.12
C THR C 117 -15.62 -20.89 -24.02
N ALA C 118 -14.72 -20.21 -24.73
CA ALA C 118 -14.76 -18.77 -24.88
C ALA C 118 -14.73 -18.38 -26.36
N ILE C 119 -15.58 -17.43 -26.73
CA ILE C 119 -15.63 -16.93 -28.10
C ILE C 119 -15.51 -15.41 -28.18
N ILE C 120 -14.90 -14.95 -29.27
CA ILE C 120 -14.86 -13.52 -29.59
C ILE C 120 -15.61 -13.28 -30.90
N ILE C 121 -16.59 -12.40 -30.85
CA ILE C 121 -17.40 -12.02 -32.01
C ILE C 121 -17.06 -10.58 -32.41
N ASP C 122 -16.77 -10.36 -33.68
CA ASP C 122 -16.41 -9.04 -34.20
C ASP C 122 -17.64 -8.10 -34.38
N PRO C 123 -17.42 -6.80 -34.72
CA PRO C 123 -18.52 -5.86 -34.92
C PRO C 123 -19.39 -6.16 -36.16
N GLN C 124 -18.96 -7.12 -36.96
CA GLN C 124 -19.75 -7.60 -38.11
C GLN C 124 -20.58 -8.83 -37.73
N GLY C 125 -20.58 -9.19 -36.45
CA GLY C 125 -21.40 -10.27 -35.92
C GLY C 125 -20.93 -11.67 -36.23
N GLU C 126 -19.63 -11.84 -36.45
CA GLU C 126 -19.07 -13.14 -36.79
C GLU C 126 -18.07 -13.61 -35.73
N ILE C 127 -18.09 -14.91 -35.44
CA ILE C 127 -17.11 -15.52 -34.55
C ILE C 127 -15.75 -15.51 -35.25
N ILE C 128 -14.76 -14.89 -34.61
CA ILE C 128 -13.43 -14.75 -35.18
C ILE C 128 -12.37 -15.47 -34.34
N LEU C 129 -12.76 -15.87 -33.13
CA LEU C 129 -11.92 -16.69 -32.27
C LEU C 129 -12.79 -17.62 -31.43
N LYS C 130 -12.36 -18.87 -31.34
CA LYS C 130 -13.01 -19.87 -30.50
C LYS C 130 -11.96 -20.62 -29.69
N TYR C 131 -12.16 -20.67 -28.37
CA TYR C 131 -11.19 -21.28 -27.48
C TYR C 131 -11.84 -22.20 -26.45
N ARG C 132 -11.25 -23.38 -26.26
CA ARG C 132 -11.72 -24.32 -25.25
C ARG C 132 -10.68 -24.42 -24.13
N LYS C 133 -11.15 -24.21 -22.90
CA LYS C 133 -10.31 -24.16 -21.70
C LYS C 133 -9.32 -25.34 -21.63
N LEU C 134 -8.05 -25.04 -21.87
CA LEU C 134 -7.00 -26.04 -21.92
C LEU C 134 -6.70 -26.65 -20.55
N PHE C 135 -6.81 -25.82 -19.51
CA PHE C 135 -6.56 -26.27 -18.13
C PHE C 135 -7.78 -26.03 -17.25
N PRO C 136 -8.73 -26.99 -17.22
CA PRO C 136 -9.85 -26.91 -16.29
C PRO C 136 -9.40 -26.91 -14.84
N TRP C 137 -10.17 -26.25 -13.97
CA TRP C 137 -9.81 -26.11 -12.58
C TRP C 137 -10.14 -27.38 -11.79
N ASN C 138 -9.21 -28.33 -11.81
CA ASN C 138 -9.39 -29.60 -11.15
C ASN C 138 -8.99 -29.51 -9.68
N PRO C 139 -9.69 -30.27 -8.79
CA PRO C 139 -10.69 -31.29 -9.07
C PRO C 139 -12.16 -30.82 -9.14
N ILE C 140 -12.42 -29.52 -9.03
CA ILE C 140 -13.79 -29.02 -8.98
C ILE C 140 -14.51 -29.03 -10.33
N GLU C 141 -13.75 -28.87 -11.42
CA GLU C 141 -14.32 -28.79 -12.76
C GLU C 141 -14.20 -30.08 -13.56
N PRO C 142 -15.32 -30.54 -14.14
CA PRO C 142 -15.39 -31.77 -14.91
C PRO C 142 -15.25 -31.58 -16.43
N TRP C 143 -14.87 -30.39 -16.87
CA TRP C 143 -14.78 -30.07 -18.30
C TRP C 143 -13.64 -30.81 -18.98
N TYR C 144 -13.88 -31.22 -20.22
CA TYR C 144 -12.88 -31.93 -21.01
C TYR C 144 -11.79 -30.96 -21.46
N PRO C 145 -10.50 -31.37 -21.31
CA PRO C 145 -9.39 -30.51 -21.72
C PRO C 145 -9.53 -30.10 -23.19
N GLY C 146 -9.36 -28.81 -23.48
CA GLY C 146 -9.59 -28.26 -24.80
C GLY C 146 -8.63 -28.78 -25.86
N ASP C 147 -9.09 -28.82 -27.10
CA ASP C 147 -8.29 -29.35 -28.21
C ASP C 147 -7.98 -28.31 -29.29
N LEU C 148 -8.40 -27.07 -29.07
CA LEU C 148 -8.27 -26.02 -30.07
C LEU C 148 -7.02 -25.14 -29.89
N GLY C 149 -6.09 -25.59 -29.05
CA GLY C 149 -4.86 -24.85 -28.75
C GLY C 149 -5.15 -23.48 -28.14
N MET C 150 -4.23 -22.54 -28.40
CA MET C 150 -4.41 -21.15 -27.97
C MET C 150 -4.39 -20.25 -29.20
N PRO C 151 -5.59 -19.94 -29.74
CA PRO C 151 -5.71 -19.12 -30.95
C PRO C 151 -5.59 -17.62 -30.71
N VAL C 152 -5.12 -16.90 -31.73
CA VAL C 152 -5.00 -15.45 -31.71
C VAL C 152 -5.73 -14.87 -32.92
N CYS C 153 -6.59 -13.88 -32.68
CA CYS C 153 -7.33 -13.19 -33.74
C CYS C 153 -6.99 -11.70 -33.79
N GLU C 154 -7.45 -11.04 -34.86
CA GLU C 154 -7.28 -9.59 -34.99
C GLU C 154 -8.41 -8.88 -34.27
N GLY C 155 -8.06 -7.84 -33.51
CA GLY C 155 -9.05 -7.07 -32.77
C GLY C 155 -9.03 -5.59 -33.15
N PRO C 156 -9.62 -4.73 -32.29
CA PRO C 156 -9.66 -3.29 -32.55
C PRO C 156 -8.31 -2.61 -32.29
N GLY C 157 -8.10 -1.46 -32.94
CA GLY C 157 -6.90 -0.64 -32.73
C GLY C 157 -5.57 -1.35 -32.97
N GLY C 158 -5.57 -2.30 -33.90
CA GLY C 158 -4.36 -3.05 -34.25
C GLY C 158 -3.95 -4.09 -33.22
N SER C 159 -4.90 -4.56 -32.43
CA SER C 159 -4.62 -5.54 -31.38
C SER C 159 -4.70 -6.98 -31.88
N LYS C 160 -3.91 -7.85 -31.25
CA LYS C 160 -3.98 -9.28 -31.48
C LYS C 160 -4.56 -9.92 -30.22
N LEU C 161 -5.83 -10.28 -30.28
CA LEU C 161 -6.55 -10.78 -29.12
C LEU C 161 -6.39 -12.28 -28.94
N ALA C 162 -6.20 -12.70 -27.69
CA ALA C 162 -6.24 -14.11 -27.32
C ALA C 162 -6.99 -14.23 -25.99
N VAL C 163 -7.71 -15.34 -25.82
CA VAL C 163 -8.49 -15.54 -24.60
C VAL C 163 -8.09 -16.81 -23.83
N CYS C 164 -7.97 -16.67 -22.52
CA CYS C 164 -7.80 -17.82 -21.63
C CYS C 164 -8.84 -17.74 -20.53
N ILE C 165 -9.07 -18.85 -19.85
CA ILE C 165 -10.17 -18.93 -18.90
C ILE C 165 -9.70 -19.22 -17.46
N SER C 166 -9.87 -18.22 -16.60
CA SER C 166 -9.53 -18.26 -15.18
C SER C 166 -8.26 -19.02 -14.83
N HIS C 167 -8.41 -20.29 -14.43
CA HIS C 167 -7.29 -21.15 -14.03
C HIS C 167 -6.16 -21.20 -15.07
N ASP C 168 -6.54 -21.15 -16.36
CA ASP C 168 -5.57 -21.05 -17.46
C ASP C 168 -4.51 -19.98 -17.17
N GLY C 169 -4.97 -18.85 -16.63
CA GLY C 169 -4.13 -17.71 -16.32
C GLY C 169 -3.05 -17.96 -15.29
N MET C 170 -3.19 -19.05 -14.53
CA MET C 170 -2.20 -19.45 -13.53
C MET C 170 -1.03 -20.20 -14.16
N ILE C 171 -1.18 -20.56 -15.43
CA ILE C 171 -0.13 -21.27 -16.17
C ILE C 171 0.65 -20.28 -17.03
N PRO C 172 1.92 -20.01 -16.67
CA PRO C 172 2.75 -19.03 -17.40
C PRO C 172 3.11 -19.48 -18.82
N GLU C 173 3.20 -20.80 -19.03
CA GLU C 173 3.49 -21.37 -20.34
C GLU C 173 2.40 -21.03 -21.36
N LEU C 174 1.16 -20.95 -20.89
CA LEU C 174 0.03 -20.62 -21.75
C LEU C 174 0.06 -19.15 -22.17
N ALA C 175 0.46 -18.28 -21.24
CA ALA C 175 0.64 -16.86 -21.53
C ALA C 175 1.75 -16.63 -22.53
N ARG C 176 2.79 -17.47 -22.47
CA ARG C 176 3.88 -17.44 -23.45
C ARG C 176 3.39 -17.86 -24.83
N GLU C 177 2.65 -18.97 -24.88
CA GLU C 177 2.14 -19.52 -26.14
C GLU C 177 1.29 -18.52 -26.93
N ALA C 178 0.41 -17.81 -26.23
CA ALA C 178 -0.43 -16.78 -26.86
C ALA C 178 0.41 -15.68 -27.50
N ALA C 179 1.41 -15.20 -26.76
CA ALA C 179 2.33 -14.16 -27.23
C ALA C 179 3.23 -14.66 -28.37
N TYR C 180 3.64 -15.92 -28.28
CA TYR C 180 4.43 -16.59 -29.32
C TYR C 180 3.67 -16.64 -30.65
N LYS C 181 2.34 -16.59 -30.57
CA LYS C 181 1.49 -16.57 -31.75
C LYS C 181 0.97 -15.17 -32.12
N GLY C 182 1.56 -14.14 -31.50
CA GLY C 182 1.31 -12.75 -31.89
C GLY C 182 0.55 -11.86 -30.93
N CYS C 183 -0.08 -12.46 -29.91
CA CYS C 183 -0.94 -11.75 -28.95
C CYS C 183 -0.25 -10.58 -28.27
N ASN C 184 -0.95 -9.43 -28.23
CA ASN C 184 -0.49 -8.27 -27.48
C ASN C 184 -1.53 -7.76 -26.47
N VAL C 185 -2.73 -8.36 -26.53
CA VAL C 185 -3.79 -8.12 -25.56
C VAL C 185 -4.38 -9.47 -25.13
N TYR C 186 -4.00 -9.90 -23.93
CA TYR C 186 -4.36 -11.21 -23.40
C TYR C 186 -5.60 -11.10 -22.52
N ILE C 187 -6.69 -11.72 -22.97
CA ILE C 187 -7.96 -11.64 -22.25
C ILE C 187 -8.14 -12.87 -21.35
N ARG C 188 -8.49 -12.62 -20.09
CA ARG C 188 -8.75 -13.69 -19.13
C ARG C 188 -10.13 -13.54 -18.52
N ILE C 189 -11.06 -14.42 -18.93
CA ILE C 189 -12.41 -14.42 -18.39
C ILE C 189 -12.50 -15.46 -17.26
N SER C 190 -13.12 -15.09 -16.15
CA SER C 190 -13.03 -15.88 -14.92
C SER C 190 -14.33 -16.04 -14.14
N GLY C 191 -14.56 -17.26 -13.65
CA GLY C 191 -15.74 -17.61 -12.88
C GLY C 191 -15.48 -17.46 -11.40
N TYR C 192 -14.55 -18.26 -10.88
CA TYR C 192 -14.05 -18.06 -9.53
C TYR C 192 -12.54 -17.85 -9.40
N SER C 193 -12.18 -16.62 -9.06
CA SER C 193 -10.86 -16.28 -8.54
C SER C 193 -11.03 -15.90 -7.09
N THR C 194 -11.74 -16.75 -6.36
CA THR C 194 -12.05 -16.51 -4.94
C THR C 194 -11.08 -17.25 -4.04
N GLN C 195 -10.59 -16.54 -3.02
CA GLN C 195 -9.54 -17.07 -2.13
C GLN C 195 -8.25 -17.34 -2.91
N VAL C 196 -8.32 -17.13 -4.22
CA VAL C 196 -7.15 -17.10 -5.09
C VAL C 196 -6.95 -15.65 -5.56
N ASN C 197 -7.63 -14.74 -4.88
CA ASN C 197 -7.66 -13.31 -5.20
C ASN C 197 -6.28 -12.66 -5.38
N ASP C 198 -5.38 -12.92 -4.43
CA ASP C 198 -4.04 -12.36 -4.46
C ASP C 198 -3.22 -12.86 -5.64
N GLN C 199 -3.34 -14.15 -5.92
CA GLN C 199 -2.59 -14.79 -6.99
C GLN C 199 -3.19 -14.49 -8.36
N TRP C 200 -4.45 -14.08 -8.37
CA TRP C 200 -5.12 -13.63 -9.60
C TRP C 200 -4.54 -12.28 -10.03
N ILE C 201 -4.41 -11.36 -9.08
CA ILE C 201 -3.77 -10.06 -9.31
C ILE C 201 -2.31 -10.26 -9.72
N LEU C 202 -1.64 -11.17 -9.02
CA LEU C 202 -0.23 -11.47 -9.23
C LEU C 202 0.09 -11.96 -10.65
N THR C 203 -0.72 -12.92 -11.12
CA THR C 203 -0.46 -13.56 -12.41
C THR C 203 -0.93 -12.74 -13.59
N ASN C 204 -1.97 -11.93 -13.40
CA ASN C 204 -2.41 -10.99 -14.43
C ASN C 204 -1.31 -9.98 -14.76
N ARG C 205 -0.58 -9.58 -13.73
CA ARG C 205 0.59 -8.71 -13.87
C ARG C 205 1.77 -9.46 -14.51
N SER C 206 2.01 -10.67 -14.04
CA SER C 206 3.18 -11.46 -14.47
C SER C 206 3.06 -11.98 -15.91
N ASN C 207 1.86 -12.42 -16.29
CA ASN C 207 1.56 -12.80 -17.67
C ASN C 207 1.80 -11.65 -18.64
N ALA C 208 1.52 -10.44 -18.17
CA ALA C 208 1.80 -9.22 -18.91
C ALA C 208 3.30 -8.97 -19.01
N TRP C 209 3.98 -8.93 -17.87
CA TRP C 209 5.41 -8.64 -17.83
C TRP C 209 6.26 -9.65 -18.59
N HIS C 210 6.04 -10.94 -18.34
CA HIS C 210 6.80 -12.02 -18.97
C HIS C 210 6.82 -11.94 -20.50
N ASN C 211 5.74 -11.43 -21.08
CA ASN C 211 5.52 -11.49 -22.52
C ASN C 211 5.42 -10.15 -23.25
N LEU C 212 5.51 -9.06 -22.48
CA LEU C 212 5.40 -7.70 -22.99
C LEU C 212 4.09 -7.44 -23.74
N MET C 213 2.99 -7.81 -23.09
CA MET C 213 1.65 -7.64 -23.63
C MET C 213 0.70 -7.13 -22.56
N TYR C 214 -0.41 -6.51 -22.97
CA TYR C 214 -1.46 -6.12 -22.05
C TYR C 214 -2.24 -7.35 -21.59
N THR C 215 -2.73 -7.31 -20.36
CA THR C 215 -3.71 -8.29 -19.91
C THR C 215 -4.98 -7.56 -19.49
N VAL C 216 -6.11 -8.05 -19.97
CA VAL C 216 -7.43 -7.54 -19.55
C VAL C 216 -8.22 -8.72 -18.98
N SER C 217 -8.53 -8.64 -17.70
CA SER C 217 -9.08 -9.77 -16.97
C SER C 217 -10.26 -9.36 -16.10
N VAL C 218 -11.31 -10.19 -16.11
CA VAL C 218 -12.49 -9.93 -15.29
C VAL C 218 -13.10 -11.21 -14.74
N ASN C 219 -13.50 -11.16 -13.47
CA ASN C 219 -14.14 -12.29 -12.80
C ASN C 219 -15.59 -11.96 -12.49
N LEU C 220 -16.43 -13.00 -12.45
CA LEU C 220 -17.79 -12.88 -11.95
C LEU C 220 -17.76 -12.22 -10.57
N ALA C 221 -18.72 -11.34 -10.32
CA ALA C 221 -18.90 -10.80 -8.99
C ALA C 221 -20.07 -11.46 -8.29
N GLY C 222 -21.02 -11.95 -9.10
CA GLY C 222 -22.16 -12.74 -8.59
C GLY C 222 -21.81 -14.19 -8.29
N TYR C 228 -22.44 -13.60 -4.07
CA TYR C 228 -22.74 -12.47 -4.94
C TYR C 228 -21.63 -11.42 -5.03
N TYR C 229 -20.46 -11.69 -4.45
CA TYR C 229 -19.40 -10.65 -4.36
C TYR C 229 -17.97 -11.22 -4.51
N PHE C 230 -17.42 -11.08 -5.72
CA PHE C 230 -16.08 -11.60 -6.05
C PHE C 230 -15.25 -10.73 -7.03
N GLY C 231 -15.61 -10.79 -8.32
CA GLY C 231 -14.90 -10.16 -9.45
C GLY C 231 -13.98 -8.97 -9.23
N GLU C 232 -12.78 -9.04 -9.80
CA GLU C 232 -11.75 -8.01 -9.60
C GLU C 232 -11.16 -7.56 -10.93
N GLY C 233 -11.96 -6.89 -11.76
CA GLY C 233 -11.51 -6.38 -13.06
C GLY C 233 -10.12 -5.77 -13.02
N GLN C 234 -9.27 -6.16 -13.97
CA GLN C 234 -7.87 -5.76 -13.94
C GLN C 234 -7.28 -5.57 -15.34
N ILE C 235 -6.83 -4.35 -15.61
CA ILE C 235 -6.08 -4.03 -16.83
C ILE C 235 -4.62 -3.78 -16.46
N CYS C 236 -3.72 -4.56 -17.07
CA CYS C 236 -2.28 -4.40 -16.84
C CYS C 236 -1.54 -3.89 -18.07
N ASN C 237 -0.57 -3.02 -17.83
CA ASN C 237 0.35 -2.54 -18.85
C ASN C 237 1.31 -3.64 -19.30
N PHE C 238 1.99 -3.43 -20.42
CA PHE C 238 2.91 -4.44 -20.99
C PHE C 238 4.18 -4.64 -20.15
N ASP C 239 4.44 -3.72 -19.23
CA ASP C 239 5.54 -3.85 -18.28
C ASP C 239 5.08 -4.49 -16.96
N GLY C 240 3.81 -4.86 -16.90
CA GLY C 240 3.24 -5.57 -15.75
C GLY C 240 2.55 -4.70 -14.70
N THR C 241 2.57 -3.38 -14.91
CA THR C 241 1.95 -2.45 -13.97
C THR C 241 0.44 -2.48 -14.12
N THR C 242 -0.27 -2.61 -13.01
CA THR C 242 -1.73 -2.53 -13.00
C THR C 242 -2.15 -1.08 -13.26
N LEU C 243 -2.96 -0.90 -14.30
CA LEU C 243 -3.41 0.43 -14.72
C LEU C 243 -4.79 0.76 -14.16
N VAL C 244 -5.67 -0.23 -14.14
CA VAL C 244 -7.03 -0.10 -13.62
C VAL C 244 -7.35 -1.32 -12.76
N GLN C 245 -8.03 -1.09 -11.64
CA GLN C 245 -8.37 -2.16 -10.71
C GLN C 245 -9.77 -1.98 -10.13
N GLY C 246 -10.63 -2.98 -10.36
CA GLY C 246 -11.97 -3.00 -9.80
C GLY C 246 -11.99 -3.65 -8.42
N HIS C 247 -13.05 -3.40 -7.66
CA HIS C 247 -13.21 -3.99 -6.34
C HIS C 247 -14.09 -5.24 -6.45
N ARG C 248 -14.81 -5.60 -5.40
CA ARG C 248 -15.51 -6.91 -5.38
C ARG C 248 -17.03 -6.83 -5.59
N ASN C 249 -17.49 -5.73 -6.17
CA ASN C 249 -18.93 -5.48 -6.37
C ASN C 249 -19.46 -5.97 -7.72
N PRO C 250 -20.70 -6.49 -7.74
CA PRO C 250 -21.38 -6.77 -9.01
C PRO C 250 -21.57 -5.50 -9.83
N TRP C 251 -21.56 -5.64 -11.15
CA TRP C 251 -21.86 -4.55 -12.10
C TRP C 251 -20.78 -3.50 -12.28
N GLU C 252 -19.67 -3.61 -11.55
CA GLU C 252 -18.52 -2.74 -11.76
C GLU C 252 -18.00 -2.88 -13.19
N ILE C 253 -17.89 -1.75 -13.88
CA ILE C 253 -17.34 -1.72 -15.23
C ILE C 253 -15.91 -1.19 -15.21
N VAL C 254 -14.96 -2.09 -15.46
CA VAL C 254 -13.56 -1.72 -15.52
C VAL C 254 -13.17 -1.33 -16.95
N THR C 255 -12.91 -0.03 -17.14
CA THR C 255 -12.56 0.51 -18.45
C THR C 255 -11.19 1.16 -18.44
N GLY C 256 -10.56 1.18 -19.61
CA GLY C 256 -9.26 1.83 -19.80
C GLY C 256 -8.84 1.79 -21.25
N GLU C 257 -8.00 2.73 -21.65
CA GLU C 257 -7.50 2.81 -23.01
C GLU C 257 -6.29 1.89 -23.18
N ILE C 258 -6.33 1.05 -24.22
CA ILE C 258 -5.25 0.14 -24.54
C ILE C 258 -4.51 0.64 -25.77
N TYR C 259 -3.18 0.61 -25.72
CA TYR C 259 -2.36 1.01 -26.86
C TYR C 259 -1.50 -0.16 -27.33
N PRO C 260 -2.09 -1.06 -28.14
CA PRO C 260 -1.46 -2.33 -28.51
C PRO C 260 -0.15 -2.16 -29.26
N LYS C 261 -0.01 -1.06 -29.99
CA LYS C 261 1.18 -0.80 -30.81
C LYS C 261 2.43 -0.53 -29.98
N MET C 262 2.25 -0.01 -28.76
CA MET C 262 3.36 0.25 -27.85
C MET C 262 3.92 -1.04 -27.26
N ALA C 263 3.06 -2.04 -27.11
CA ALA C 263 3.49 -3.39 -26.73
C ALA C 263 4.30 -4.00 -27.86
N ASP C 264 3.85 -3.80 -29.10
CA ASP C 264 4.58 -4.22 -30.30
C ASP C 264 5.94 -3.52 -30.40
N ASN C 265 5.95 -2.21 -30.16
CA ASN C 265 7.18 -1.41 -30.18
C ASN C 265 8.19 -1.86 -29.15
N ALA C 266 7.71 -2.17 -27.94
CA ALA C 266 8.55 -2.67 -26.86
C ALA C 266 9.26 -3.96 -27.26
N ARG C 267 8.52 -4.85 -27.92
CA ARG C 267 9.05 -6.13 -28.41
C ARG C 267 10.11 -5.94 -29.50
N LEU C 268 9.93 -4.93 -30.34
CA LEU C 268 10.85 -4.65 -31.44
C LEU C 268 12.05 -3.80 -31.03
N SER C 269 11.88 -2.95 -30.01
CA SER C 269 12.89 -1.95 -29.65
C SER C 269 13.72 -2.28 -28.40
N TRP C 270 13.16 -3.08 -27.49
CA TRP C 270 13.82 -3.37 -26.21
C TRP C 270 15.01 -4.32 -26.37
N GLY C 271 16.06 -4.04 -25.59
CA GLY C 271 17.22 -4.91 -25.52
C GLY C 271 17.32 -5.58 -24.16
N LEU C 272 17.41 -4.76 -23.11
CA LEU C 272 17.67 -5.26 -21.75
C LEU C 272 16.60 -6.18 -21.17
N GLU C 273 15.35 -5.74 -21.17
CA GLU C 273 14.27 -6.51 -20.56
C GLU C 273 13.41 -7.27 -21.57
N ASN C 274 13.97 -7.50 -22.76
CA ASN C 274 13.27 -8.23 -23.82
C ASN C 274 13.34 -9.75 -23.59
N ASN C 275 12.64 -10.20 -22.55
CA ASN C 275 12.75 -11.57 -22.05
C ASN C 275 12.17 -12.62 -22.99
N ILE C 276 11.13 -12.25 -23.74
CA ILE C 276 10.48 -13.16 -24.68
C ILE C 276 11.43 -13.60 -25.80
N TYR C 277 12.33 -12.71 -26.21
CA TYR C 277 13.33 -13.03 -27.21
C TYR C 277 14.48 -13.85 -26.60
N ASN C 278 14.90 -13.47 -25.40
CA ASN C 278 16.03 -14.11 -24.72
C ASN C 278 15.86 -15.61 -24.45
N LEU C 279 14.61 -16.04 -24.30
CA LEU C 279 14.29 -17.44 -24.04
C LEU C 279 14.83 -18.39 -25.11
N GLY C 280 14.68 -18.01 -26.39
CA GLY C 280 15.16 -18.82 -27.50
C GLY C 280 16.51 -18.37 -28.05
N HIS C 281 17.09 -17.34 -27.44
CA HIS C 281 18.38 -16.80 -27.89
C HIS C 281 19.27 -16.42 -26.69
N ARG C 282 19.68 -17.43 -25.94
CA ARG C 282 20.52 -17.26 -24.75
C ARG C 282 21.89 -16.67 -25.07
N GLY C 283 22.22 -15.56 -24.40
CA GLY C 283 23.55 -14.95 -24.48
C GLY C 283 24.05 -14.70 -25.89
N TYR C 284 23.32 -13.89 -26.65
CA TYR C 284 23.65 -13.64 -28.06
C TYR C 284 24.85 -12.72 -28.28
N VAL C 285 25.34 -12.09 -27.21
CA VAL C 285 26.52 -11.23 -27.27
C VAL C 285 27.80 -12.07 -27.30
N ALA C 286 27.82 -13.13 -26.50
CA ALA C 286 28.95 -14.06 -26.48
C ALA C 286 28.86 -15.10 -27.60
N LYS C 287 27.62 -15.39 -28.02
CA LYS C 287 27.36 -16.35 -29.08
C LYS C 287 26.27 -15.81 -30.00
N PRO C 288 26.68 -15.21 -31.15
CA PRO C 288 25.75 -14.57 -32.10
C PRO C 288 24.55 -15.45 -32.45
N GLY C 289 23.36 -14.86 -32.40
CA GLY C 289 22.12 -15.60 -32.63
C GLY C 289 21.61 -16.29 -31.37
N GLY C 290 22.48 -16.40 -30.37
CA GLY C 290 22.12 -17.04 -29.10
C GLY C 290 22.06 -18.55 -29.16
N GLU C 291 22.23 -19.20 -28.02
CA GLU C 291 22.02 -20.65 -27.91
C GLU C 291 20.53 -20.94 -27.94
N HIS C 292 20.09 -21.69 -28.95
CA HIS C 292 18.67 -21.95 -29.19
C HIS C 292 18.07 -23.00 -28.25
N ASP C 293 18.92 -23.88 -27.72
CA ASP C 293 18.50 -24.85 -26.71
C ASP C 293 18.49 -24.16 -25.33
N ALA C 294 17.32 -24.15 -24.70
CA ALA C 294 17.15 -23.53 -23.38
C ALA C 294 17.84 -24.32 -22.26
N GLY C 295 18.10 -25.60 -22.51
CA GLY C 295 18.74 -26.47 -21.53
C GLY C 295 17.82 -26.89 -20.41
N LEU C 296 16.53 -27.03 -20.73
CA LEU C 296 15.52 -27.38 -19.73
C LEU C 296 14.89 -28.72 -20.06
N THR C 297 14.97 -29.65 -19.11
CA THR C 297 14.46 -31.02 -19.28
C THR C 297 12.93 -31.10 -19.33
N TYR C 298 12.26 -30.20 -18.61
CA TYR C 298 10.79 -30.20 -18.57
C TYR C 298 10.18 -29.76 -19.90
N ILE C 299 10.87 -28.88 -20.61
CA ILE C 299 10.46 -28.43 -21.94
C ILE C 299 10.47 -29.59 -22.94
N LYS C 300 11.51 -30.42 -22.86
CA LYS C 300 11.64 -31.60 -23.72
C LYS C 300 10.64 -32.68 -23.35
N ASP C 301 10.44 -32.86 -22.03
CA ASP C 301 9.47 -33.82 -21.51
C ASP C 301 8.03 -33.46 -21.89
N LEU C 302 7.66 -32.20 -21.71
CA LEU C 302 6.28 -31.74 -22.00
C LEU C 302 5.94 -31.78 -23.49
N ALA C 303 6.93 -31.48 -24.33
CA ALA C 303 6.76 -31.57 -25.78
C ALA C 303 6.46 -33.01 -26.21
N ALA C 304 7.14 -33.96 -25.57
CA ALA C 304 6.98 -35.38 -25.85
C ALA C 304 5.81 -36.00 -25.07
N GLY C 305 5.23 -35.23 -24.16
CA GLY C 305 4.11 -35.71 -23.34
C GLY C 305 4.54 -36.61 -22.20
N LYS C 306 5.77 -36.43 -21.73
CA LYS C 306 6.32 -37.22 -20.62
C LYS C 306 6.67 -36.35 -19.41
N TYR C 307 5.93 -35.25 -19.24
CA TYR C 307 6.07 -34.36 -18.09
C TYR C 307 5.65 -35.11 -16.83
N LYS C 308 6.60 -35.29 -15.91
CA LYS C 308 6.35 -36.02 -14.66
C LYS C 308 7.12 -35.41 -13.49
N LEU C 309 6.38 -35.05 -12.44
CA LEU C 309 6.96 -34.50 -11.22
C LEU C 309 7.44 -35.64 -10.31
N PRO C 310 8.63 -35.47 -9.68
CA PRO C 310 9.26 -36.51 -8.86
C PRO C 310 8.43 -36.98 -7.67
N TRP C 311 7.40 -36.21 -7.31
CA TRP C 311 6.59 -36.48 -6.13
C TRP C 311 5.16 -36.92 -6.46
N GLU C 312 4.89 -37.17 -7.74
CA GLU C 312 3.54 -37.53 -8.21
C GLU C 312 2.97 -38.81 -7.58
N ASP C 313 3.85 -39.72 -7.20
CA ASP C 313 3.46 -41.01 -6.59
C ASP C 313 2.76 -40.84 -5.24
N HIS C 314 3.15 -39.80 -4.51
CA HIS C 314 2.65 -39.57 -3.15
C HIS C 314 1.57 -38.49 -3.05
N MET C 315 1.12 -37.98 -4.20
CA MET C 315 0.09 -36.93 -4.24
C MET C 315 -1.30 -37.44 -3.86
N LYS C 316 -2.05 -36.59 -3.16
CA LYS C 316 -3.37 -36.95 -2.63
C LYS C 316 -4.51 -36.81 -3.64
N ILE C 317 -4.52 -35.69 -4.36
CA ILE C 317 -5.61 -35.39 -5.31
C ILE C 317 -5.13 -35.47 -6.76
N LYS C 318 -5.59 -36.51 -7.46
CA LYS C 318 -5.27 -36.72 -8.87
C LYS C 318 -6.53 -37.03 -9.69
N ASP C 319 -7.67 -37.01 -9.01
CA ASP C 319 -8.98 -37.19 -9.64
C ASP C 319 -10.00 -36.25 -9.00
N GLY C 320 -11.27 -36.40 -9.37
CA GLY C 320 -12.32 -35.50 -8.89
C GLY C 320 -13.27 -36.09 -7.86
N SER C 321 -12.81 -37.11 -7.13
CA SER C 321 -13.64 -37.82 -6.15
C SER C 321 -14.06 -36.98 -4.94
N ILE C 322 -13.26 -35.97 -4.61
CA ILE C 322 -13.57 -35.04 -3.51
C ILE C 322 -14.86 -34.25 -3.77
N TYR C 323 -15.12 -33.94 -5.02
CA TYR C 323 -16.35 -33.25 -5.42
C TYR C 323 -17.41 -34.20 -6.00
N GLY C 324 -17.26 -35.50 -5.71
CA GLY C 324 -18.27 -36.50 -6.04
C GLY C 324 -18.21 -37.09 -7.44
N TYR C 325 -17.24 -36.64 -8.25
CA TYR C 325 -17.11 -37.10 -9.63
C TYR C 325 -16.51 -38.51 -9.73
N PRO C 326 -17.00 -39.31 -10.70
CA PRO C 326 -16.40 -40.63 -10.97
C PRO C 326 -14.98 -40.50 -11.50
N THR C 327 -14.18 -41.55 -11.29
CA THR C 327 -12.74 -41.50 -11.52
C THR C 327 -12.31 -42.27 -12.78
N THR C 328 -13.28 -42.79 -13.52
CA THR C 328 -13.00 -43.71 -14.63
C THR C 328 -13.19 -43.11 -16.03
N GLY C 329 -13.57 -41.83 -16.08
CA GLY C 329 -13.65 -41.10 -17.35
C GLY C 329 -14.90 -41.37 -18.18
N GLY C 330 -14.79 -41.09 -19.48
CA GLY C 330 -15.93 -41.14 -20.39
C GLY C 330 -16.90 -40.01 -20.09
N ARG C 331 -18.06 -40.05 -20.73
CA ARG C 331 -19.12 -39.08 -20.47
C ARG C 331 -19.83 -39.37 -19.14
N PHE C 332 -19.93 -38.35 -18.30
CA PHE C 332 -20.73 -38.44 -17.08
C PHE C 332 -21.40 -37.10 -16.73
N GLY C 333 -22.36 -37.15 -15.80
CA GLY C 333 -23.11 -35.98 -15.38
C GLY C 333 -24.33 -35.71 -16.24
N LYS C 334 -24.54 -36.59 -17.22
CA LYS C 334 -25.70 -36.53 -18.11
C LYS C 334 -26.98 -36.81 -17.33
N GLY D 13 12.25 -26.16 10.20
CA GLY D 13 12.81 -25.44 9.00
C GLY D 13 14.23 -24.95 9.21
N PHE D 14 14.55 -23.81 8.59
CA PHE D 14 15.86 -23.17 8.77
C PHE D 14 15.84 -21.66 8.58
N LEU D 15 16.83 -20.98 9.16
CA LEU D 15 16.97 -19.54 9.06
C LEU D 15 17.92 -19.17 7.91
N VAL D 16 17.43 -18.37 6.97
CA VAL D 16 18.22 -17.88 5.85
C VAL D 16 18.67 -16.43 6.09
N ALA D 17 19.78 -16.04 5.49
CA ALA D 17 20.26 -14.66 5.53
C ALA D 17 20.75 -14.23 4.15
N ALA D 18 20.13 -13.19 3.61
CA ALA D 18 20.50 -12.63 2.32
C ALA D 18 21.11 -11.24 2.53
N ILE D 19 22.39 -11.11 2.19
CA ILE D 19 23.14 -9.87 2.41
C ILE D 19 23.06 -8.97 1.19
N GLN D 20 22.51 -7.77 1.38
CA GLN D 20 22.53 -6.73 0.35
C GLN D 20 23.93 -6.12 0.28
N PHE D 21 24.87 -6.91 -0.24
CA PHE D 21 26.29 -6.57 -0.25
C PHE D 21 26.58 -5.35 -1.13
N PRO D 22 27.40 -4.42 -0.62
CA PRO D 22 27.84 -3.32 -1.48
C PRO D 22 29.01 -3.73 -2.36
N VAL D 23 28.82 -3.70 -3.67
CA VAL D 23 29.94 -3.94 -4.57
C VAL D 23 30.77 -2.67 -4.66
N PRO D 24 32.09 -2.79 -4.41
CA PRO D 24 32.92 -1.62 -4.55
C PRO D 24 33.35 -1.45 -5.99
N ILE D 25 34.03 -0.35 -6.28
CA ILE D 25 34.61 -0.14 -7.59
C ILE D 25 35.86 -1.01 -7.62
N VAL D 26 35.87 -1.97 -8.53
CA VAL D 26 36.98 -2.90 -8.65
C VAL D 26 37.89 -2.47 -9.80
N ASN D 27 39.14 -2.14 -9.45
CA ASN D 27 40.13 -1.68 -10.42
C ASN D 27 41.24 -2.70 -10.68
N SER D 28 41.47 -3.58 -9.72
CA SER D 28 42.53 -4.59 -9.82
C SER D 28 42.16 -5.90 -9.15
N ARG D 29 43.06 -6.88 -9.22
CA ARG D 29 42.91 -8.17 -8.54
C ARG D 29 43.00 -7.99 -7.02
N LYS D 30 43.77 -6.99 -6.58
CA LYS D 30 43.86 -6.63 -5.17
C LYS D 30 42.48 -6.25 -4.62
N ASP D 31 41.71 -5.51 -5.42
CA ASP D 31 40.34 -5.15 -5.08
C ASP D 31 39.42 -6.38 -5.03
N ILE D 32 39.63 -7.31 -5.96
CA ILE D 32 38.92 -8.60 -5.94
C ILE D 32 39.24 -9.37 -4.66
N ASP D 33 40.52 -9.34 -4.26
CA ASP D 33 40.96 -9.96 -3.00
C ASP D 33 40.33 -9.31 -1.77
N HIS D 34 40.11 -8.00 -1.83
CA HIS D 34 39.44 -7.28 -0.76
C HIS D 34 37.98 -7.71 -0.62
N ASN D 35 37.31 -7.87 -1.77
CA ASN D 35 35.93 -8.34 -1.80
C ASN D 35 35.75 -9.71 -1.15
N ILE D 36 36.64 -10.63 -1.51
CA ILE D 36 36.65 -12.00 -0.97
C ILE D 36 36.78 -12.00 0.55
N GLU D 37 37.73 -11.19 1.06
CA GLU D 37 37.94 -11.07 2.50
C GLU D 37 36.77 -10.36 3.18
N SER D 38 36.23 -9.34 2.53
CA SER D 38 35.03 -8.64 3.00
C SER D 38 33.86 -9.62 3.13
N ILE D 39 33.64 -10.42 2.09
CA ILE D 39 32.59 -11.43 2.07
C ILE D 39 32.80 -12.50 3.16
N ILE D 40 34.04 -12.96 3.32
CA ILE D 40 34.39 -13.93 4.37
C ILE D 40 34.13 -13.36 5.76
N ARG D 41 34.59 -12.13 6.01
CA ARG D 41 34.31 -11.43 7.27
C ARG D 41 32.81 -11.28 7.52
N THR D 42 32.07 -10.91 6.48
CA THR D 42 30.60 -10.76 6.55
C THR D 42 29.94 -12.07 6.94
N LEU D 43 30.37 -13.15 6.28
CA LEU D 43 29.85 -14.50 6.53
C LEU D 43 30.02 -14.93 7.99
N HIS D 44 31.21 -14.73 8.54
CA HIS D 44 31.49 -15.06 9.94
C HIS D 44 30.69 -14.21 10.92
N ALA D 45 30.58 -12.91 10.62
CA ALA D 45 29.85 -11.96 11.47
C ALA D 45 28.34 -12.20 11.50
N THR D 46 27.80 -12.66 10.37
CA THR D 46 26.38 -12.96 10.24
C THR D 46 26.01 -14.19 11.07
N LYS D 47 26.88 -15.20 11.04
CA LYS D 47 26.73 -16.40 11.87
C LYS D 47 26.84 -16.06 13.36
N ALA D 48 27.74 -15.15 13.69
CA ALA D 48 27.90 -14.67 15.07
C ALA D 48 26.70 -13.84 15.52
N GLY D 49 26.14 -13.04 14.61
CA GLY D 49 24.94 -12.25 14.88
C GLY D 49 23.69 -13.11 14.98
N TYR D 50 23.55 -14.04 14.04
CA TYR D 50 22.42 -14.97 14.03
C TYR D 50 22.94 -16.40 14.15
N PRO D 51 22.99 -16.94 15.39
CA PRO D 51 23.58 -18.24 15.66
C PRO D 51 22.85 -19.42 15.00
N GLY D 52 21.58 -19.22 14.67
CA GLY D 52 20.76 -20.27 14.07
C GLY D 52 20.83 -20.36 12.55
N VAL D 53 21.43 -19.34 11.92
CA VAL D 53 21.46 -19.25 10.45
C VAL D 53 22.20 -20.44 9.80
N GLU D 54 21.59 -20.98 8.74
CA GLU D 54 22.15 -22.14 8.04
C GLU D 54 22.48 -21.83 6.59
N LEU D 55 21.90 -20.74 6.06
CA LEU D 55 22.12 -20.35 4.67
C LEU D 55 22.40 -18.86 4.54
N ILE D 56 23.58 -18.54 4.02
CA ILE D 56 24.03 -17.16 3.87
C ILE D 56 24.30 -16.86 2.39
N ILE D 57 23.53 -15.93 1.83
CA ILE D 57 23.52 -15.68 0.39
C ILE D 57 24.12 -14.31 0.02
N PHE D 58 25.08 -14.33 -0.91
CA PHE D 58 25.70 -13.11 -1.43
C PHE D 58 25.27 -12.93 -2.89
N PRO D 59 25.13 -11.67 -3.35
CA PRO D 59 24.59 -11.39 -4.69
C PRO D 59 25.59 -11.59 -5.83
N GLU D 60 25.10 -11.49 -7.05
CA GLU D 60 25.90 -11.52 -8.28
C GLU D 60 26.89 -10.36 -8.30
N TYR D 61 28.08 -10.61 -8.84
CA TYR D 61 29.16 -9.62 -8.97
C TYR D 61 29.79 -9.14 -7.65
N SER D 62 29.47 -9.81 -6.55
CA SER D 62 30.00 -9.41 -5.24
C SER D 62 31.52 -9.62 -5.13
N THR D 63 32.03 -10.66 -5.76
CA THR D 63 33.46 -10.97 -5.76
C THR D 63 34.27 -10.02 -6.66
N GLN D 64 33.74 -9.69 -7.84
CA GLN D 64 34.53 -9.05 -8.90
C GLN D 64 34.04 -7.69 -9.39
N GLY D 65 32.84 -7.30 -8.99
CA GLY D 65 32.26 -6.02 -9.40
C GLY D 65 31.75 -5.99 -10.81
N LEU D 66 31.51 -4.79 -11.32
CA LEU D 66 31.01 -4.58 -12.68
C LEU D 66 31.86 -3.56 -13.43
N ASN D 67 33.16 -3.82 -13.52
CA ASN D 67 34.07 -2.98 -14.28
C ASN D 67 34.06 -3.40 -15.75
N THR D 68 33.06 -2.91 -16.50
CA THR D 68 32.78 -3.36 -17.86
C THR D 68 33.93 -3.20 -18.85
N ALA D 69 34.90 -2.35 -18.50
CA ALA D 69 36.09 -2.14 -19.33
C ALA D 69 37.19 -3.15 -19.02
N LYS D 70 37.07 -3.83 -17.87
CA LYS D 70 38.09 -4.79 -17.43
C LYS D 70 37.56 -6.18 -17.10
N TRP D 71 36.23 -6.33 -17.03
CA TRP D 71 35.62 -7.57 -16.51
C TRP D 71 35.74 -8.79 -17.41
N LEU D 72 36.26 -8.60 -18.62
CA LEU D 72 36.55 -9.72 -19.52
C LEU D 72 38.03 -10.10 -19.53
N SER D 73 38.86 -9.26 -18.92
CA SER D 73 40.30 -9.51 -18.85
C SER D 73 40.63 -10.68 -17.90
N GLU D 74 41.76 -11.32 -18.14
CA GLU D 74 42.18 -12.50 -17.38
C GLU D 74 42.45 -12.21 -15.90
N GLU D 75 42.89 -10.97 -15.63
CA GLU D 75 43.12 -10.50 -14.25
C GLU D 75 41.81 -10.45 -13.46
N PHE D 76 40.70 -10.18 -14.14
CA PHE D 76 39.39 -10.07 -13.52
C PHE D 76 38.59 -11.38 -13.57
N LEU D 77 39.25 -12.47 -13.91
CA LEU D 77 38.60 -13.78 -14.03
C LEU D 77 39.21 -14.83 -13.12
N LEU D 78 38.38 -15.78 -12.69
CA LEU D 78 38.80 -16.83 -11.76
C LEU D 78 38.37 -18.22 -12.24
N ASP D 79 38.85 -19.25 -11.56
CA ASP D 79 38.49 -20.63 -11.88
C ASP D 79 37.59 -21.21 -10.80
N VAL D 80 36.68 -22.12 -11.21
CA VAL D 80 35.83 -22.86 -10.27
C VAL D 80 36.04 -24.36 -10.52
N PRO D 81 36.74 -25.05 -9.59
CA PRO D 81 37.28 -24.54 -8.33
C PRO D 81 38.59 -23.76 -8.50
N GLY D 82 39.00 -23.08 -7.44
CA GLY D 82 40.24 -22.30 -7.42
C GLY D 82 40.61 -21.94 -5.99
N LYS D 83 41.74 -21.26 -5.83
CA LYS D 83 42.21 -20.85 -4.50
C LYS D 83 41.23 -19.88 -3.84
N GLU D 84 40.51 -19.11 -4.64
CA GLU D 84 39.52 -18.15 -4.16
C GLU D 84 38.25 -18.85 -3.67
N THR D 85 37.82 -19.87 -4.41
CA THR D 85 36.65 -20.67 -4.01
C THR D 85 36.94 -21.47 -2.73
N GLU D 86 38.18 -21.92 -2.59
CA GLU D 86 38.61 -22.65 -1.39
C GLU D 86 38.63 -21.78 -0.15
N LEU D 87 38.84 -20.47 -0.33
CA LEU D 87 38.75 -19.51 0.77
C LEU D 87 37.31 -19.35 1.27
N TYR D 88 36.35 -19.39 0.35
CA TYR D 88 34.93 -19.43 0.70
C TYR D 88 34.57 -20.76 1.36
N ALA D 89 35.16 -21.84 0.87
CA ALA D 89 34.95 -23.18 1.42
C ALA D 89 35.52 -23.28 2.83
N LYS D 90 36.69 -22.67 3.03
CA LYS D 90 37.32 -22.53 4.33
C LYS D 90 36.36 -21.84 5.30
N ALA D 91 35.85 -20.67 4.89
CA ALA D 91 34.93 -19.88 5.70
C ALA D 91 33.63 -20.63 6.02
N CYS D 92 33.05 -21.29 5.02
CA CYS D 92 31.82 -22.07 5.20
C CYS D 92 32.00 -23.23 6.17
N LYS D 93 33.14 -23.90 6.07
CA LYS D 93 33.48 -25.02 6.95
C LYS D 93 33.65 -24.56 8.39
N GLU D 94 34.31 -23.42 8.56
CA GLU D 94 34.57 -22.85 9.89
C GLU D 94 33.30 -22.34 10.57
N ALA D 95 32.42 -21.71 9.78
CA ALA D 95 31.17 -21.15 10.31
C ALA D 95 30.05 -22.19 10.42
N LYS D 96 30.24 -23.32 9.73
CA LYS D 96 29.22 -24.39 9.64
C LYS D 96 27.90 -23.90 9.03
N VAL D 97 28.01 -23.23 7.89
CA VAL D 97 26.83 -22.74 7.15
C VAL D 97 26.90 -23.15 5.69
N TYR D 98 25.75 -23.12 5.02
CA TYR D 98 25.68 -23.17 3.57
C TYR D 98 25.91 -21.75 3.04
N GLY D 99 26.80 -21.62 2.06
CA GLY D 99 27.12 -20.31 1.48
C GLY D 99 26.88 -20.27 -0.01
N VAL D 100 26.39 -19.12 -0.49
CA VAL D 100 26.15 -18.93 -1.92
C VAL D 100 27.02 -17.76 -2.43
N PHE D 101 27.82 -18.03 -3.45
CA PHE D 101 28.82 -17.06 -3.93
C PHE D 101 28.78 -16.87 -5.44
N SER D 102 29.21 -15.69 -5.88
CA SER D 102 29.23 -15.32 -7.29
C SER D 102 30.67 -15.22 -7.80
N ILE D 103 30.95 -15.91 -8.90
CA ILE D 103 32.27 -15.88 -9.52
C ILE D 103 32.17 -15.81 -11.04
N MET D 104 32.78 -14.79 -11.63
CA MET D 104 32.93 -14.71 -13.08
C MET D 104 34.04 -15.69 -13.48
N GLU D 105 33.62 -16.81 -14.08
CA GLU D 105 34.48 -17.97 -14.28
C GLU D 105 35.16 -17.99 -15.64
N ARG D 106 36.49 -18.11 -15.60
CA ARG D 106 37.29 -18.31 -16.81
C ARG D 106 36.79 -19.55 -17.55
N ASN D 107 36.56 -19.39 -18.84
CA ASN D 107 36.10 -20.50 -19.67
C ASN D 107 37.28 -21.43 -19.99
N PRO D 108 37.16 -22.73 -19.60
CA PRO D 108 38.19 -23.73 -19.87
C PRO D 108 38.50 -23.86 -21.36
N ASP D 109 37.53 -23.48 -22.20
CA ASP D 109 37.73 -23.30 -23.63
C ASP D 109 38.17 -21.86 -23.88
N SER D 110 39.41 -21.70 -24.33
CA SER D 110 40.01 -20.37 -24.56
C SER D 110 39.31 -19.56 -25.65
N ASN D 111 38.70 -20.25 -26.62
CA ASN D 111 37.98 -19.60 -27.73
C ASN D 111 36.57 -19.12 -27.38
N LYS D 112 36.20 -19.24 -26.11
CA LYS D 112 34.88 -18.80 -25.64
C LYS D 112 35.01 -17.77 -24.51
N ASN D 113 34.02 -16.88 -24.43
CA ASN D 113 33.94 -15.91 -23.34
C ASN D 113 33.70 -16.58 -21.98
N PRO D 114 34.14 -15.92 -20.89
CA PRO D 114 33.94 -16.45 -19.54
C PRO D 114 32.48 -16.64 -19.15
N TYR D 115 32.26 -17.48 -18.15
CA TYR D 115 30.92 -17.74 -17.62
C TYR D 115 30.62 -16.88 -16.40
N ASN D 116 29.35 -16.54 -16.22
CA ASN D 116 28.84 -15.92 -15.00
C ASN D 116 28.32 -17.05 -14.11
N THR D 117 29.03 -17.31 -13.01
CA THR D 117 28.83 -18.53 -12.24
C THR D 117 28.42 -18.30 -10.77
N ALA D 118 27.58 -19.20 -10.26
CA ALA D 118 27.20 -19.22 -8.86
C ALA D 118 27.47 -20.59 -8.26
N ILE D 119 27.92 -20.61 -7.01
CA ILE D 119 28.19 -21.86 -6.30
C ILE D 119 27.53 -21.91 -4.93
N ILE D 120 27.13 -23.11 -4.51
CA ILE D 120 26.67 -23.32 -3.14
C ILE D 120 27.67 -24.24 -2.42
N ILE D 121 28.15 -23.79 -1.27
CA ILE D 121 29.12 -24.55 -0.49
C ILE D 121 28.50 -24.96 0.83
N ASP D 122 28.52 -26.27 1.10
CA ASP D 122 27.93 -26.84 2.32
C ASP D 122 28.84 -26.62 3.54
N PRO D 123 28.32 -26.92 4.76
CA PRO D 123 29.06 -26.74 6.02
C PRO D 123 30.39 -27.51 6.13
N GLN D 124 30.68 -28.39 5.18
CA GLN D 124 31.95 -29.13 5.16
C GLN D 124 32.95 -28.59 4.14
N GLY D 125 32.61 -27.44 3.54
CA GLY D 125 33.49 -26.78 2.57
C GLY D 125 33.56 -27.47 1.22
N GLU D 126 32.47 -28.14 0.85
CA GLU D 126 32.37 -28.81 -0.45
C GLU D 126 31.37 -28.09 -1.34
N ILE D 127 31.76 -27.82 -2.57
CA ILE D 127 30.83 -27.31 -3.59
C ILE D 127 29.80 -28.39 -3.91
N ILE D 128 28.55 -28.13 -3.53
CA ILE D 128 27.48 -29.11 -3.75
C ILE D 128 26.56 -28.70 -4.90
N LEU D 129 26.78 -27.52 -5.45
CA LEU D 129 26.06 -27.06 -6.62
C LEU D 129 26.90 -26.05 -7.41
N LYS D 130 27.00 -26.25 -8.71
CA LYS D 130 27.63 -25.29 -9.61
C LYS D 130 26.69 -24.95 -10.75
N TYR D 131 26.38 -23.67 -10.89
CA TYR D 131 25.46 -23.21 -11.93
C TYR D 131 26.08 -22.06 -12.73
N ARG D 132 25.92 -22.12 -14.03
CA ARG D 132 26.38 -21.07 -14.92
C ARG D 132 25.18 -20.34 -15.54
N LYS D 133 25.26 -19.01 -15.56
CA LYS D 133 24.15 -18.16 -16.03
C LYS D 133 23.66 -18.58 -17.40
N LEU D 134 22.43 -19.12 -17.44
CA LEU D 134 21.81 -19.59 -18.67
C LEU D 134 21.32 -18.43 -19.55
N PHE D 135 20.89 -17.36 -18.91
CA PHE D 135 20.37 -16.19 -19.63
C PHE D 135 21.13 -14.91 -19.25
N PRO D 136 22.32 -14.70 -19.83
CA PRO D 136 23.06 -13.45 -19.59
C PRO D 136 22.24 -12.23 -20.02
N TRP D 137 22.25 -11.20 -19.17
CA TRP D 137 21.44 -10.01 -19.39
C TRP D 137 21.94 -9.22 -20.60
N ASN D 138 21.38 -9.52 -21.76
CA ASN D 138 21.78 -8.88 -23.01
C ASN D 138 20.99 -7.60 -23.26
N PRO D 139 21.58 -6.64 -24.00
CA PRO D 139 22.89 -6.69 -24.66
C PRO D 139 24.08 -6.35 -23.77
N ILE D 140 23.83 -5.90 -22.54
CA ILE D 140 24.88 -5.34 -21.68
C ILE D 140 25.96 -6.35 -21.26
N GLU D 141 25.59 -7.62 -21.13
CA GLU D 141 26.50 -8.66 -20.62
C GLU D 141 27.12 -9.53 -21.71
N PRO D 142 28.46 -9.67 -21.69
CA PRO D 142 29.21 -10.46 -22.67
C PRO D 142 29.43 -11.91 -22.26
N TRP D 143 28.80 -12.34 -21.17
CA TRP D 143 29.01 -13.68 -20.62
C TRP D 143 28.45 -14.77 -21.53
N TYR D 144 29.14 -15.91 -21.57
CA TYR D 144 28.76 -17.03 -22.41
C TYR D 144 27.60 -17.80 -21.77
N PRO D 145 26.59 -18.18 -22.58
CA PRO D 145 25.44 -18.95 -22.08
C PRO D 145 25.87 -20.22 -21.37
N GLY D 146 25.33 -20.45 -20.18
CA GLY D 146 25.72 -21.57 -19.32
C GLY D 146 25.38 -22.93 -19.89
N ASP D 147 26.23 -23.92 -19.59
CA ASP D 147 26.08 -25.26 -20.18
C ASP D 147 25.77 -26.34 -19.14
N LEU D 148 25.49 -25.94 -17.91
CA LEU D 148 25.25 -26.87 -16.82
C LEU D 148 23.78 -27.04 -16.45
N GLY D 149 22.89 -26.47 -17.26
CA GLY D 149 21.46 -26.54 -17.02
C GLY D 149 21.06 -25.84 -15.73
N MET D 150 20.03 -26.36 -15.08
CA MET D 150 19.58 -25.84 -13.79
C MET D 150 19.69 -26.93 -12.72
N PRO D 151 20.86 -27.03 -12.06
CA PRO D 151 21.10 -28.06 -11.05
C PRO D 151 20.35 -27.80 -9.73
N VAL D 152 20.07 -28.89 -9.01
CA VAL D 152 19.39 -28.84 -7.72
C VAL D 152 20.18 -29.69 -6.71
N CYS D 153 20.43 -29.14 -5.52
CA CYS D 153 21.18 -29.84 -4.48
C CYS D 153 20.41 -29.95 -3.19
N GLU D 154 20.88 -30.81 -2.28
CA GLU D 154 20.32 -30.92 -0.94
C GLU D 154 20.81 -29.77 -0.07
N GLY D 155 19.88 -29.10 0.60
CA GLY D 155 20.22 -28.00 1.49
C GLY D 155 19.77 -28.25 2.92
N PRO D 156 19.86 -27.22 3.78
CA PRO D 156 19.52 -27.36 5.19
C PRO D 156 18.01 -27.45 5.42
N GLY D 157 17.62 -28.12 6.52
CA GLY D 157 16.22 -28.22 6.93
C GLY D 157 15.29 -28.87 5.92
N GLY D 158 15.82 -29.84 5.18
CA GLY D 158 15.03 -30.59 4.20
C GLY D 158 14.83 -29.89 2.85
N SER D 159 15.59 -28.82 2.63
CA SER D 159 15.44 -28.02 1.42
C SER D 159 16.18 -28.62 0.23
N LYS D 160 15.56 -28.50 -0.94
CA LYS D 160 16.24 -28.73 -2.20
C LYS D 160 16.52 -27.36 -2.79
N LEU D 161 17.80 -27.01 -2.85
CA LEU D 161 18.21 -25.69 -3.31
C LEU D 161 18.52 -25.66 -4.80
N ALA D 162 18.14 -24.58 -5.46
CA ALA D 162 18.60 -24.27 -6.80
C ALA D 162 18.89 -22.77 -6.86
N VAL D 163 19.85 -22.39 -7.69
CA VAL D 163 20.24 -20.98 -7.81
C VAL D 163 20.11 -20.47 -9.25
N CYS D 164 19.57 -19.28 -9.40
CA CYS D 164 19.53 -18.57 -10.68
C CYS D 164 20.17 -17.20 -10.51
N ILE D 165 20.56 -16.58 -11.62
CA ILE D 165 21.30 -15.32 -11.57
C ILE D 165 20.54 -14.17 -12.25
N SER D 166 20.17 -13.18 -11.45
CA SER D 166 19.52 -11.94 -11.89
C SER D 166 18.48 -12.11 -13.01
N HIS D 167 18.91 -11.86 -14.24
CA HIS D 167 18.03 -11.90 -15.40
C HIS D 167 17.36 -13.27 -15.59
N ASP D 168 18.00 -14.32 -15.07
CA ASP D 168 17.43 -15.67 -15.06
C ASP D 168 16.02 -15.67 -14.47
N GLY D 169 15.86 -14.95 -13.36
CA GLY D 169 14.58 -14.88 -12.63
C GLY D 169 13.42 -14.23 -13.37
N MET D 170 13.72 -13.62 -14.53
CA MET D 170 12.69 -13.03 -15.39
C MET D 170 12.03 -14.08 -16.28
N ILE D 171 12.68 -15.23 -16.40
CA ILE D 171 12.23 -16.33 -17.25
C ILE D 171 11.46 -17.35 -16.41
N PRO D 172 10.12 -17.40 -16.56
CA PRO D 172 9.29 -18.32 -15.76
C PRO D 172 9.60 -19.80 -16.04
N GLU D 173 10.01 -20.11 -17.27
CA GLU D 173 10.38 -21.47 -17.65
C GLU D 173 11.52 -22.03 -16.80
N LEU D 174 12.48 -21.17 -16.48
CA LEU D 174 13.64 -21.56 -15.68
C LEU D 174 13.26 -21.89 -14.23
N ALA D 175 12.31 -21.12 -13.69
CA ALA D 175 11.79 -21.38 -12.34
C ALA D 175 11.01 -22.70 -12.32
N ARG D 176 10.27 -22.97 -13.39
CA ARG D 176 9.58 -24.25 -13.56
C ARG D 176 10.56 -25.41 -13.56
N GLU D 177 11.65 -25.26 -14.31
CA GLU D 177 12.67 -26.30 -14.45
C GLU D 177 13.30 -26.69 -13.10
N ALA D 178 13.65 -25.70 -12.29
CA ALA D 178 14.23 -25.93 -10.97
C ALA D 178 13.28 -26.76 -10.10
N ALA D 179 12.02 -26.35 -10.07
CA ALA D 179 10.99 -27.05 -9.30
C ALA D 179 10.72 -28.45 -9.84
N TYR D 180 10.75 -28.58 -11.16
CA TYR D 180 10.58 -29.87 -11.83
C TYR D 180 11.63 -30.88 -11.38
N LYS D 181 12.77 -30.37 -10.91
CA LYS D 181 13.87 -31.21 -10.44
C LYS D 181 13.94 -31.31 -8.91
N GLY D 182 12.89 -30.85 -8.23
CA GLY D 182 12.76 -31.02 -6.79
C GLY D 182 12.90 -29.78 -5.93
N CYS D 183 13.40 -28.68 -6.52
CA CYS D 183 13.64 -27.44 -5.79
C CYS D 183 12.42 -26.91 -5.04
N ASN D 184 12.59 -26.68 -3.74
CA ASN D 184 11.56 -26.06 -2.92
C ASN D 184 11.99 -24.69 -2.36
N VAL D 185 13.26 -24.34 -2.58
CA VAL D 185 13.81 -23.02 -2.22
C VAL D 185 14.65 -22.50 -3.39
N TYR D 186 14.08 -21.55 -4.13
CA TYR D 186 14.70 -20.98 -5.33
C TYR D 186 15.46 -19.70 -4.99
N ILE D 187 16.77 -19.73 -5.19
CA ILE D 187 17.64 -18.59 -4.88
C ILE D 187 17.97 -17.77 -6.13
N ARG D 188 17.85 -16.45 -6.01
CA ARG D 188 18.17 -15.53 -7.11
C ARG D 188 19.19 -14.51 -6.64
N ILE D 189 20.41 -14.63 -7.15
CA ILE D 189 21.47 -13.66 -6.85
C ILE D 189 21.61 -12.68 -8.02
N SER D 190 21.58 -11.38 -7.71
CA SER D 190 21.47 -10.36 -8.75
C SER D 190 22.42 -9.18 -8.58
N GLY D 191 22.80 -8.58 -9.71
CA GLY D 191 23.67 -7.41 -9.74
C GLY D 191 22.88 -6.12 -9.67
N TYR D 192 21.99 -5.92 -10.63
CA TYR D 192 21.14 -4.74 -10.67
C TYR D 192 19.64 -5.05 -10.70
N SER D 193 18.96 -4.72 -9.59
CA SER D 193 17.50 -4.67 -9.56
C SER D 193 17.09 -3.20 -9.68
N THR D 194 17.86 -2.46 -10.49
CA THR D 194 17.63 -1.04 -10.70
C THR D 194 16.92 -0.78 -12.02
N GLN D 195 15.99 0.18 -12.00
CA GLN D 195 15.10 0.48 -13.13
C GLN D 195 14.34 -0.78 -13.57
N VAL D 196 14.55 -1.85 -12.81
CA VAL D 196 13.89 -3.14 -12.96
C VAL D 196 13.23 -3.48 -11.62
N ASN D 197 13.28 -2.51 -10.71
CA ASN D 197 12.83 -2.62 -9.31
C ASN D 197 11.49 -3.31 -9.08
N ASP D 198 10.46 -2.87 -9.80
CA ASP D 198 9.12 -3.41 -9.64
C ASP D 198 9.02 -4.83 -10.18
N GLN D 199 9.66 -5.04 -11.33
CA GLN D 199 9.61 -6.32 -12.03
C GLN D 199 10.43 -7.39 -11.32
N TRP D 200 11.43 -6.96 -10.55
CA TRP D 200 12.21 -7.86 -9.72
C TRP D 200 11.36 -8.41 -8.58
N ILE D 201 10.55 -7.53 -7.97
CA ILE D 201 9.64 -7.90 -6.89
C ILE D 201 8.51 -8.81 -7.39
N LEU D 202 7.96 -8.47 -8.55
CA LEU D 202 6.86 -9.20 -9.17
C LEU D 202 7.24 -10.63 -9.56
N THR D 203 8.42 -10.78 -10.17
CA THR D 203 8.86 -12.08 -10.66
C THR D 203 9.32 -13.03 -9.55
N ASN D 204 9.87 -12.47 -8.47
CA ASN D 204 10.21 -13.26 -7.28
C ASN D 204 8.97 -13.83 -6.62
N ARG D 205 7.87 -13.09 -6.69
CA ARG D 205 6.59 -13.53 -6.17
C ARG D 205 5.99 -14.61 -7.07
N SER D 206 5.99 -14.35 -8.38
CA SER D 206 5.38 -15.25 -9.36
C SER D 206 6.15 -16.56 -9.53
N ASN D 207 7.49 -16.49 -9.48
CA ASN D 207 8.34 -17.69 -9.50
C ASN D 207 8.03 -18.62 -8.34
N ALA D 208 7.64 -18.04 -7.20
CA ALA D 208 7.25 -18.80 -6.02
C ALA D 208 5.88 -19.44 -6.20
N TRP D 209 4.89 -18.64 -6.55
CA TRP D 209 3.51 -19.11 -6.68
C TRP D 209 3.30 -20.13 -7.81
N HIS D 210 3.90 -19.86 -8.97
CA HIS D 210 3.78 -20.76 -10.13
C HIS D 210 4.19 -22.20 -9.83
N ASN D 211 5.16 -22.35 -8.93
CA ASN D 211 5.84 -23.63 -8.71
C ASN D 211 5.68 -24.20 -7.29
N LEU D 212 4.92 -23.50 -6.45
CA LEU D 212 4.72 -23.89 -5.05
C LEU D 212 6.06 -24.11 -4.31
N MET D 213 6.94 -23.12 -4.41
CA MET D 213 8.23 -23.14 -3.75
C MET D 213 8.58 -21.77 -3.18
N TYR D 214 9.51 -21.75 -2.24
CA TYR D 214 10.01 -20.49 -1.69
C TYR D 214 10.91 -19.81 -2.72
N THR D 215 11.00 -18.49 -2.63
CA THR D 215 12.02 -17.74 -3.35
C THR D 215 12.78 -16.86 -2.38
N VAL D 216 14.11 -17.00 -2.39
CA VAL D 216 14.99 -16.13 -1.61
C VAL D 216 15.93 -15.40 -2.57
N SER D 217 15.74 -14.09 -2.69
CA SER D 217 16.42 -13.32 -3.71
C SER D 217 17.08 -12.09 -3.11
N VAL D 218 18.29 -11.79 -3.57
CA VAL D 218 19.01 -10.62 -3.08
C VAL D 218 19.80 -9.93 -4.20
N ASN D 219 19.76 -8.60 -4.19
CA ASN D 219 20.52 -7.80 -5.13
C ASN D 219 21.60 -7.01 -4.43
N LEU D 220 22.68 -6.76 -5.18
CA LEU D 220 23.75 -5.86 -4.78
C LEU D 220 23.14 -4.50 -4.43
N ALA D 221 23.59 -3.92 -3.33
CA ALA D 221 23.11 -2.60 -2.96
C ALA D 221 24.13 -1.53 -3.32
N GLY D 222 25.42 -1.90 -3.28
CA GLY D 222 26.50 -1.02 -3.69
C GLY D 222 27.01 -1.32 -5.09
N TYR D 228 26.21 3.53 -5.54
CA TYR D 228 26.32 2.73 -4.32
C TYR D 228 24.98 2.26 -3.74
N TYR D 229 23.87 2.62 -4.38
CA TYR D 229 22.54 2.31 -3.86
C TYR D 229 21.63 1.78 -4.98
N PHE D 230 21.60 0.45 -5.14
CA PHE D 230 21.05 -0.18 -6.35
C PHE D 230 20.35 -1.54 -6.16
N GLY D 231 19.87 -1.85 -4.95
CA GLY D 231 19.36 -3.19 -4.69
C GLY D 231 18.25 -3.35 -3.67
N GLU D 232 17.90 -4.61 -3.42
CA GLU D 232 16.83 -5.03 -2.50
C GLU D 232 17.00 -6.52 -2.18
N GLY D 233 16.29 -6.99 -1.16
CA GLY D 233 16.34 -8.40 -0.72
C GLY D 233 14.94 -8.89 -0.37
N GLN D 234 14.60 -10.09 -0.84
CA GLN D 234 13.21 -10.55 -0.81
C GLN D 234 13.05 -12.05 -0.55
N ILE D 235 12.20 -12.38 0.42
CA ILE D 235 11.81 -13.76 0.72
C ILE D 235 10.31 -13.93 0.49
N CYS D 236 9.95 -14.84 -0.41
CA CYS D 236 8.54 -15.10 -0.70
C CYS D 236 8.10 -16.49 -0.27
N ASN D 237 6.90 -16.57 0.29
CA ASN D 237 6.27 -17.84 0.62
C ASN D 237 5.92 -18.62 -0.66
N PHE D 238 5.63 -19.92 -0.52
CA PHE D 238 5.35 -20.79 -1.66
C PHE D 238 4.03 -20.46 -2.36
N ASP D 239 3.23 -19.57 -1.77
CA ASP D 239 2.01 -19.11 -2.40
C ASP D 239 2.20 -17.74 -3.08
N GLY D 240 3.45 -17.29 -3.15
CA GLY D 240 3.80 -16.04 -3.81
C GLY D 240 3.75 -14.79 -2.94
N THR D 241 3.49 -14.98 -1.65
CA THR D 241 3.38 -13.87 -0.70
C THR D 241 4.76 -13.43 -0.21
N THR D 242 5.05 -12.14 -0.32
CA THR D 242 6.30 -11.59 0.22
C THR D 242 6.26 -11.62 1.74
N LEU D 243 7.24 -12.30 2.33
CA LEU D 243 7.35 -12.45 3.78
C LEU D 243 8.29 -11.41 4.38
N VAL D 244 9.42 -11.19 3.73
CA VAL D 244 10.40 -10.18 4.15
C VAL D 244 10.88 -9.37 2.95
N GLN D 245 11.01 -8.06 3.14
CA GLN D 245 11.44 -7.14 2.10
C GLN D 245 12.44 -6.12 2.63
N GLY D 246 13.64 -6.12 2.05
CA GLY D 246 14.66 -5.11 2.36
C GLY D 246 14.47 -3.86 1.54
N HIS D 247 15.18 -2.81 1.91
CA HIS D 247 15.13 -1.54 1.19
C HIS D 247 16.33 -1.41 0.24
N ARG D 248 16.77 -0.19 -0.04
CA ARG D 248 17.83 0.02 -1.03
C ARG D 248 19.22 0.32 -0.44
N ASN D 249 19.38 0.03 0.85
CA ASN D 249 20.63 0.32 1.57
C ASN D 249 21.66 -0.81 1.48
N PRO D 250 22.95 -0.45 1.33
CA PRO D 250 24.05 -1.41 1.44
C PRO D 250 24.09 -2.03 2.83
N TRP D 251 24.54 -3.28 2.90
CA TRP D 251 24.71 -4.01 4.18
C TRP D 251 23.42 -4.47 4.87
N GLU D 252 22.26 -4.20 4.28
CA GLU D 252 21.00 -4.73 4.80
C GLU D 252 21.01 -6.25 4.75
N ILE D 253 20.65 -6.88 5.86
CA ILE D 253 20.60 -8.34 5.95
C ILE D 253 19.15 -8.80 6.04
N VAL D 254 18.65 -9.38 4.95
CA VAL D 254 17.30 -9.90 4.90
C VAL D 254 17.29 -11.34 5.42
N THR D 255 16.58 -11.57 6.51
CA THR D 255 16.52 -12.89 7.14
C THR D 255 15.07 -13.32 7.40
N GLY D 256 14.87 -14.63 7.45
CA GLY D 256 13.55 -15.21 7.74
C GLY D 256 13.64 -16.71 7.89
N GLU D 257 12.63 -17.29 8.54
CA GLU D 257 12.55 -18.74 8.69
C GLU D 257 11.88 -19.37 7.47
N ILE D 258 12.54 -20.37 6.90
CA ILE D 258 12.04 -21.08 5.72
C ILE D 258 11.59 -22.48 6.14
N TYR D 259 10.40 -22.88 5.72
CA TYR D 259 9.88 -24.22 6.02
C TYR D 259 9.64 -25.03 4.75
N PRO D 260 10.69 -25.68 4.21
CA PRO D 260 10.61 -26.37 2.92
C PRO D 260 9.59 -27.50 2.90
N LYS D 261 9.36 -28.11 4.07
CA LYS D 261 8.39 -29.18 4.24
C LYS D 261 6.96 -28.75 3.88
N MET D 262 6.62 -27.50 4.17
CA MET D 262 5.30 -26.95 3.89
C MET D 262 5.07 -26.70 2.40
N ALA D 263 6.15 -26.39 1.68
CA ALA D 263 6.10 -26.29 0.22
C ALA D 263 5.90 -27.67 -0.39
N ASP D 264 6.62 -28.65 0.15
CA ASP D 264 6.44 -30.06 -0.21
C ASP D 264 5.01 -30.52 0.06
N ASN D 265 4.52 -30.21 1.25
CA ASN D 265 3.15 -30.58 1.66
C ASN D 265 2.07 -30.01 0.74
N ALA D 266 2.22 -28.76 0.34
CA ALA D 266 1.32 -28.11 -0.60
C ALA D 266 1.33 -28.82 -1.96
N ARG D 267 2.52 -29.23 -2.41
CA ARG D 267 2.67 -29.95 -3.66
C ARG D 267 2.04 -31.34 -3.62
N LEU D 268 2.06 -31.96 -2.44
CA LEU D 268 1.48 -33.28 -2.25
C LEU D 268 -0.03 -33.24 -1.96
N SER D 269 -0.47 -32.21 -1.24
CA SER D 269 -1.83 -32.15 -0.68
C SER D 269 -2.84 -31.34 -1.48
N TRP D 270 -2.37 -30.35 -2.25
CA TRP D 270 -3.26 -29.41 -2.93
C TRP D 270 -3.89 -30.01 -4.18
N GLY D 271 -5.16 -29.64 -4.39
CA GLY D 271 -5.86 -29.99 -5.62
C GLY D 271 -6.07 -28.75 -6.47
N LEU D 272 -6.96 -27.87 -5.99
CA LEU D 272 -7.38 -26.67 -6.73
C LEU D 272 -6.23 -25.83 -7.29
N GLU D 273 -5.25 -25.53 -6.46
CA GLU D 273 -4.20 -24.57 -6.83
C GLU D 273 -2.86 -25.24 -7.19
N ASN D 274 -2.88 -26.56 -7.33
CA ASN D 274 -1.66 -27.31 -7.68
C ASN D 274 -1.33 -27.18 -9.17
N ASN D 275 -0.89 -25.98 -9.54
CA ASN D 275 -0.67 -25.58 -10.94
C ASN D 275 0.49 -26.30 -11.62
N ILE D 276 1.53 -26.61 -10.86
CA ILE D 276 2.71 -27.31 -11.37
C ILE D 276 2.38 -28.74 -11.84
N TYR D 277 1.38 -29.34 -11.20
CA TYR D 277 0.90 -30.67 -11.59
C TYR D 277 -0.03 -30.56 -12.80
N ASN D 278 -0.93 -29.58 -12.77
CA ASN D 278 -1.91 -29.36 -13.83
C ASN D 278 -1.33 -29.20 -15.22
N LEU D 279 -0.14 -28.61 -15.30
CA LEU D 279 0.55 -28.38 -16.58
C LEU D 279 0.73 -29.65 -17.41
N GLY D 280 1.03 -30.77 -16.74
CA GLY D 280 1.21 -32.05 -17.40
C GLY D 280 0.03 -33.00 -17.31
N HIS D 281 -1.05 -32.57 -16.65
CA HIS D 281 -2.24 -33.42 -16.48
C HIS D 281 -3.52 -32.61 -16.60
N ARG D 282 -3.72 -31.97 -17.75
CA ARG D 282 -4.87 -31.10 -18.00
C ARG D 282 -6.19 -31.86 -17.95
N GLY D 283 -7.17 -31.30 -17.24
CA GLY D 283 -8.52 -31.85 -17.19
C GLY D 283 -8.59 -33.31 -16.79
N TYR D 284 -7.89 -33.66 -15.71
CA TYR D 284 -7.78 -35.06 -15.27
C TYR D 284 -9.07 -35.65 -14.69
N VAL D 285 -10.03 -34.77 -14.37
CA VAL D 285 -11.35 -35.19 -13.92
C VAL D 285 -12.15 -35.77 -15.09
N ALA D 286 -12.11 -35.06 -16.23
CA ALA D 286 -12.79 -35.50 -17.44
C ALA D 286 -12.08 -36.69 -18.10
N LYS D 287 -10.74 -36.62 -18.14
CA LYS D 287 -9.91 -37.64 -18.74
C LYS D 287 -8.86 -38.06 -17.70
N PRO D 288 -9.02 -39.26 -17.11
CA PRO D 288 -8.11 -39.73 -16.06
C PRO D 288 -6.63 -39.62 -16.43
N GLY D 289 -5.85 -39.02 -15.54
CA GLY D 289 -4.43 -38.77 -15.78
C GLY D 289 -4.18 -37.52 -16.63
N GLY D 290 -5.27 -36.90 -17.07
CA GLY D 290 -5.19 -35.69 -17.89
C GLY D 290 -4.68 -35.91 -19.30
N GLU D 291 -4.74 -34.85 -20.10
CA GLU D 291 -4.12 -34.83 -21.42
C GLU D 291 -2.67 -34.43 -21.25
N HIS D 292 -1.77 -35.39 -21.44
CA HIS D 292 -0.33 -35.15 -21.25
C HIS D 292 0.26 -34.15 -22.24
N ASP D 293 -0.41 -33.97 -23.37
CA ASP D 293 0.00 -33.00 -24.37
C ASP D 293 -0.59 -31.62 -24.04
N ALA D 294 0.28 -30.67 -23.74
CA ALA D 294 -0.12 -29.31 -23.36
C ALA D 294 -0.81 -28.54 -24.49
N GLY D 295 -0.52 -28.91 -25.73
CA GLY D 295 -1.10 -28.25 -26.90
C GLY D 295 -0.49 -26.88 -27.15
N LEU D 296 0.81 -26.77 -26.90
CA LEU D 296 1.51 -25.49 -27.02
C LEU D 296 2.67 -25.61 -28.01
N THR D 297 2.58 -24.86 -29.11
CA THR D 297 3.55 -24.93 -30.19
C THR D 297 4.96 -24.51 -29.77
N TYR D 298 5.07 -23.49 -28.93
CA TYR D 298 6.37 -22.96 -28.50
C TYR D 298 7.18 -23.96 -27.69
N ILE D 299 6.50 -24.79 -26.92
CA ILE D 299 7.12 -25.87 -26.15
C ILE D 299 7.82 -26.85 -27.10
N LYS D 300 7.09 -27.26 -28.14
CA LYS D 300 7.59 -28.21 -29.13
C LYS D 300 8.69 -27.61 -30.02
N ASP D 301 8.57 -26.32 -30.33
CA ASP D 301 9.59 -25.60 -31.09
C ASP D 301 10.87 -25.43 -30.28
N LEU D 302 10.72 -25.08 -29.01
CA LEU D 302 11.86 -24.83 -28.13
C LEU D 302 12.61 -26.11 -27.75
N ALA D 303 11.87 -27.22 -27.67
CA ALA D 303 12.47 -28.54 -27.47
C ALA D 303 13.24 -28.99 -28.71
N ALA D 304 12.75 -28.57 -29.88
CA ALA D 304 13.40 -28.88 -31.17
C ALA D 304 14.49 -27.87 -31.55
N GLY D 305 14.59 -26.79 -30.78
CA GLY D 305 15.61 -25.76 -31.01
C GLY D 305 15.27 -24.78 -32.11
N LYS D 306 13.99 -24.57 -32.33
CA LYS D 306 13.51 -23.68 -33.38
C LYS D 306 12.56 -22.58 -32.88
N TYR D 307 12.80 -22.11 -31.65
CA TYR D 307 12.03 -21.00 -31.08
C TYR D 307 12.17 -19.77 -31.99
N LYS D 308 11.05 -19.34 -32.54
CA LYS D 308 11.02 -18.26 -33.52
C LYS D 308 9.76 -17.42 -33.37
N LEU D 309 9.94 -16.21 -32.84
CA LEU D 309 8.85 -15.24 -32.69
C LEU D 309 8.56 -14.58 -34.05
N PRO D 310 7.27 -14.31 -34.34
CA PRO D 310 6.84 -13.81 -35.66
C PRO D 310 7.38 -12.43 -36.04
N TRP D 311 7.91 -11.69 -35.05
CA TRP D 311 8.39 -10.32 -35.29
C TRP D 311 9.91 -10.19 -35.28
N GLU D 312 10.61 -11.33 -35.13
CA GLU D 312 12.07 -11.36 -34.96
C GLU D 312 12.88 -10.67 -36.07
N ASP D 313 12.33 -10.66 -37.29
CA ASP D 313 13.00 -10.06 -38.44
C ASP D 313 13.09 -8.54 -38.37
N HIS D 314 12.16 -7.92 -37.64
CA HIS D 314 12.10 -6.46 -37.53
C HIS D 314 12.58 -5.95 -36.18
N MET D 315 13.35 -6.77 -35.46
CA MET D 315 13.89 -6.39 -34.16
C MET D 315 15.17 -5.55 -34.28
N LYS D 316 15.31 -4.57 -33.39
CA LYS D 316 16.43 -3.63 -33.44
C LYS D 316 17.70 -4.15 -32.76
N ILE D 317 17.58 -4.57 -31.50
CA ILE D 317 18.74 -4.99 -30.72
C ILE D 317 18.87 -6.52 -30.67
N LYS D 318 19.89 -7.04 -31.35
CA LYS D 318 20.15 -8.48 -31.40
C LYS D 318 21.64 -8.79 -31.16
N ASP D 319 22.40 -7.77 -30.79
CA ASP D 319 23.81 -7.92 -30.46
C ASP D 319 24.22 -6.93 -29.35
N GLY D 320 25.51 -6.93 -28.99
CA GLY D 320 26.02 -6.07 -27.94
C GLY D 320 26.86 -4.90 -28.44
N SER D 321 26.59 -4.45 -29.66
CA SER D 321 27.32 -3.35 -30.28
C SER D 321 27.02 -2.00 -29.62
N ILE D 322 25.83 -1.88 -29.04
CA ILE D 322 25.40 -0.69 -28.32
C ILE D 322 26.26 -0.43 -27.06
N TYR D 323 26.78 -1.51 -26.47
CA TYR D 323 27.73 -1.40 -25.36
C TYR D 323 29.17 -1.66 -25.80
N GLY D 324 29.40 -1.63 -27.12
CA GLY D 324 30.75 -1.67 -27.69
C GLY D 324 31.32 -3.04 -28.01
N TYR D 325 30.53 -4.09 -27.80
CA TYR D 325 31.00 -5.46 -28.03
C TYR D 325 30.90 -5.87 -29.50
N PRO D 326 31.92 -6.60 -30.01
CA PRO D 326 31.93 -7.10 -31.39
C PRO D 326 30.79 -8.07 -31.66
N THR D 327 30.41 -8.19 -32.94
CA THR D 327 29.19 -8.90 -33.33
C THR D 327 29.44 -10.22 -34.08
N THR D 328 30.64 -10.78 -33.94
CA THR D 328 30.99 -12.02 -34.65
C THR D 328 31.33 -13.19 -33.73
N GLY D 329 31.33 -12.95 -32.42
CA GLY D 329 31.54 -14.00 -31.43
C GLY D 329 32.99 -14.23 -31.02
N GLY D 330 33.26 -15.42 -30.50
CA GLY D 330 34.60 -15.79 -30.02
C GLY D 330 34.95 -15.15 -28.69
N ARG D 331 36.23 -15.18 -28.35
CA ARG D 331 36.73 -14.56 -27.13
C ARG D 331 37.16 -13.12 -27.39
N PHE D 332 36.54 -12.19 -26.67
CA PHE D 332 36.88 -10.76 -26.80
C PHE D 332 36.95 -10.05 -25.45
N GLY D 333 37.66 -8.93 -25.42
CA GLY D 333 37.85 -8.15 -24.20
C GLY D 333 38.96 -8.69 -23.31
N LYS D 334 39.86 -9.48 -23.90
CA LYS D 334 40.96 -10.10 -23.18
C LYS D 334 42.10 -9.12 -22.92
N GLY E 13 9.59 7.85 -27.52
CA GLY E 13 9.84 9.13 -26.78
C GLY E 13 11.29 9.31 -26.43
N PHE E 14 11.56 9.59 -25.15
CA PHE E 14 12.95 9.74 -24.68
C PHE E 14 13.15 9.22 -23.26
N LEU E 15 14.38 8.78 -22.98
CA LEU E 15 14.76 8.32 -21.65
C LEU E 15 15.27 9.48 -20.80
N VAL E 16 14.72 9.60 -19.60
CA VAL E 16 15.11 10.64 -18.65
C VAL E 16 15.82 10.02 -17.46
N ALA E 17 16.79 10.74 -16.89
CA ALA E 17 17.46 10.32 -15.67
C ALA E 17 17.46 11.44 -14.64
N ALA E 18 16.87 11.17 -13.49
CA ALA E 18 16.86 12.09 -12.37
C ALA E 18 17.81 11.56 -11.29
N ILE E 19 18.75 12.39 -10.86
CA ILE E 19 19.81 11.94 -9.96
C ILE E 19 19.63 12.47 -8.54
N GLN E 20 19.45 11.55 -7.60
CA GLN E 20 19.33 11.88 -6.18
C GLN E 20 20.73 12.20 -5.64
N PHE E 21 21.20 13.39 -6.01
CA PHE E 21 22.56 13.83 -5.78
C PHE E 21 22.78 14.16 -4.30
N PRO E 22 23.94 13.74 -3.76
CA PRO E 22 24.32 14.18 -2.42
C PRO E 22 25.18 15.44 -2.44
N VAL E 23 24.57 16.59 -2.19
CA VAL E 23 25.37 17.80 -1.99
C VAL E 23 26.04 17.71 -0.62
N PRO E 24 27.36 18.02 -0.56
CA PRO E 24 28.04 17.94 0.72
C PRO E 24 27.85 19.21 1.53
N ILE E 25 28.63 19.34 2.60
CA ILE E 25 28.72 20.57 3.34
C ILE E 25 29.67 21.47 2.54
N VAL E 26 29.22 22.69 2.26
CA VAL E 26 30.02 23.65 1.50
C VAL E 26 30.52 24.74 2.43
N ASN E 27 31.84 24.89 2.49
CA ASN E 27 32.48 25.87 3.37
C ASN E 27 33.12 27.04 2.62
N SER E 28 33.52 26.80 1.37
CA SER E 28 34.23 27.79 0.56
C SER E 28 33.94 27.64 -0.93
N ARG E 29 34.62 28.44 -1.75
CA ARG E 29 34.56 28.32 -3.20
C ARG E 29 35.17 27.00 -3.68
N LYS E 30 36.21 26.55 -2.96
CA LYS E 30 36.87 25.27 -3.21
C LYS E 30 35.87 24.10 -3.21
N ASP E 31 34.90 24.15 -2.31
CA ASP E 31 33.88 23.10 -2.19
C ASP E 31 32.84 23.19 -3.32
N ILE E 32 32.46 24.41 -3.68
CA ILE E 32 31.56 24.65 -4.82
C ILE E 32 32.14 24.06 -6.10
N ASP E 33 33.44 24.23 -6.29
CA ASP E 33 34.15 23.71 -7.46
C ASP E 33 34.20 22.18 -7.48
N HIS E 34 34.33 21.56 -6.31
CA HIS E 34 34.30 20.11 -6.19
C HIS E 34 32.92 19.55 -6.56
N ASN E 35 31.87 20.26 -6.14
CA ASN E 35 30.50 19.92 -6.50
C ASN E 35 30.29 19.95 -8.02
N ILE E 36 30.69 21.06 -8.63
CA ILE E 36 30.61 21.24 -10.09
C ILE E 36 31.25 20.08 -10.84
N GLU E 37 32.46 19.70 -10.43
CA GLU E 37 33.19 18.63 -11.09
C GLU E 37 32.64 17.24 -10.78
N SER E 38 32.01 17.10 -9.61
CA SER E 38 31.31 15.86 -9.24
C SER E 38 30.05 15.71 -10.08
N ILE E 39 29.36 16.82 -10.30
CA ILE E 39 28.17 16.87 -11.15
C ILE E 39 28.51 16.53 -12.61
N ILE E 40 29.65 17.06 -13.08
CA ILE E 40 30.13 16.77 -14.43
C ILE E 40 30.51 15.29 -14.59
N ARG E 41 31.19 14.73 -13.60
CA ARG E 41 31.58 13.32 -13.62
C ARG E 41 30.36 12.40 -13.63
N THR E 42 29.35 12.77 -12.86
CA THR E 42 28.09 12.01 -12.78
C THR E 42 27.30 12.13 -14.09
N LEU E 43 27.33 13.31 -14.70
CA LEU E 43 26.68 13.56 -15.99
C LEU E 43 27.26 12.67 -17.10
N HIS E 44 28.59 12.60 -17.16
CA HIS E 44 29.28 11.77 -18.16
C HIS E 44 29.09 10.28 -17.90
N ALA E 45 29.01 9.91 -16.62
CA ALA E 45 28.90 8.50 -16.22
C ALA E 45 27.49 7.93 -16.37
N THR E 46 26.47 8.76 -16.09
CA THR E 46 25.07 8.39 -16.32
C THR E 46 24.85 8.09 -17.79
N LYS E 47 25.39 8.97 -18.64
CA LYS E 47 25.34 8.80 -20.10
C LYS E 47 26.05 7.54 -20.56
N ALA E 48 27.19 7.24 -19.91
CA ALA E 48 27.93 6.02 -20.20
C ALA E 48 27.12 4.77 -19.86
N GLY E 49 26.50 4.77 -18.68
CA GLY E 49 25.68 3.65 -18.22
C GLY E 49 24.36 3.51 -18.97
N TYR E 50 23.75 4.63 -19.32
CA TYR E 50 22.51 4.64 -20.10
C TYR E 50 22.72 5.39 -21.43
N PRO E 51 23.27 4.71 -22.45
CA PRO E 51 23.55 5.37 -23.73
C PRO E 51 22.33 6.05 -24.37
N GLY E 52 21.13 5.57 -24.03
CA GLY E 52 19.89 6.11 -24.59
C GLY E 52 19.34 7.34 -23.88
N VAL E 53 19.95 7.71 -22.76
CA VAL E 53 19.47 8.86 -21.97
C VAL E 53 19.68 10.20 -22.70
N GLU E 54 18.65 11.04 -22.67
CA GLU E 54 18.66 12.31 -23.36
C GLU E 54 18.43 13.51 -22.44
N LEU E 55 17.88 13.25 -21.25
CA LEU E 55 17.64 14.28 -20.26
C LEU E 55 18.14 13.85 -18.88
N ILE E 56 19.10 14.59 -18.35
CA ILE E 56 19.70 14.30 -17.04
C ILE E 56 19.47 15.47 -16.10
N ILE E 57 18.87 15.19 -14.95
CA ILE E 57 18.40 16.22 -14.02
C ILE E 57 19.09 16.17 -12.66
N PHE E 58 19.68 17.30 -12.27
CA PHE E 58 20.30 17.46 -10.96
C PHE E 58 19.44 18.39 -10.08
N PRO E 59 19.37 18.12 -8.77
CA PRO E 59 18.46 18.82 -7.87
C PRO E 59 18.89 20.25 -7.53
N GLU E 60 18.00 20.97 -6.84
CA GLU E 60 18.28 22.32 -6.32
C GLU E 60 19.37 22.26 -5.26
N TYR E 61 20.23 23.29 -5.25
CA TYR E 61 21.36 23.42 -4.31
C TYR E 61 22.50 22.41 -4.51
N SER E 62 22.48 21.70 -5.65
CA SER E 62 23.49 20.68 -5.92
C SER E 62 24.87 21.27 -6.24
N THR E 63 24.88 22.52 -6.70
CA THR E 63 26.13 23.21 -7.02
C THR E 63 26.78 23.82 -5.78
N GLN E 64 25.99 24.45 -4.92
CA GLN E 64 26.52 25.29 -3.85
C GLN E 64 26.06 24.93 -2.43
N GLY E 65 25.26 23.87 -2.31
CA GLY E 65 24.82 23.38 -0.99
C GLY E 65 23.87 24.31 -0.27
N LEU E 66 23.74 24.11 1.04
CA LEU E 66 22.82 24.89 1.87
C LEU E 66 23.48 25.38 3.16
N ASN E 67 24.63 26.04 3.03
CA ASN E 67 25.27 26.70 4.16
C ASN E 67 24.58 28.03 4.42
N THR E 68 23.63 28.02 5.36
CA THR E 68 22.77 29.19 5.63
C THR E 68 23.54 30.39 6.19
N ALA E 69 24.77 30.16 6.64
CA ALA E 69 25.63 31.22 7.15
C ALA E 69 26.44 31.87 6.03
N LYS E 70 26.60 31.16 4.91
CA LYS E 70 27.52 31.57 3.85
C LYS E 70 26.86 31.80 2.49
N TRP E 71 25.68 31.22 2.27
CA TRP E 71 25.06 31.16 0.94
C TRP E 71 24.65 32.50 0.32
N LEU E 72 24.72 33.57 1.11
CA LEU E 72 24.42 34.92 0.63
C LEU E 72 25.67 35.72 0.27
N SER E 73 26.84 35.17 0.56
CA SER E 73 28.12 35.87 0.35
C SER E 73 28.65 35.73 -1.07
N GLU E 74 29.45 36.71 -1.48
CA GLU E 74 29.99 36.78 -2.85
C GLU E 74 30.73 35.51 -3.29
N GLU E 75 31.41 34.87 -2.36
CA GLU E 75 32.12 33.60 -2.60
C GLU E 75 31.17 32.47 -3.00
N PHE E 76 29.95 32.51 -2.47
CA PHE E 76 28.97 31.45 -2.68
C PHE E 76 27.99 31.72 -3.84
N LEU E 77 28.18 32.85 -4.53
CA LEU E 77 27.29 33.25 -5.63
C LEU E 77 27.99 33.14 -6.97
N LEU E 78 27.19 32.99 -8.03
CA LEU E 78 27.70 32.81 -9.39
C LEU E 78 26.87 33.61 -10.41
N ASP E 79 27.43 33.79 -11.60
CA ASP E 79 26.74 34.47 -12.70
C ASP E 79 26.12 33.47 -13.67
N VAL E 80 24.97 33.83 -14.24
CA VAL E 80 24.32 33.04 -15.28
C VAL E 80 24.03 33.91 -16.52
N PRO E 81 24.76 33.67 -17.63
CA PRO E 81 25.83 32.67 -17.77
C PRO E 81 27.15 33.11 -17.15
N GLY E 82 27.95 32.13 -16.73
CA GLY E 82 29.27 32.38 -16.17
C GLY E 82 30.24 31.27 -16.59
N LYS E 83 31.41 31.25 -15.97
CA LYS E 83 32.43 30.24 -16.28
C LYS E 83 32.04 28.84 -15.80
N GLU E 84 31.23 28.79 -14.74
CA GLU E 84 30.73 27.52 -14.19
C GLU E 84 29.54 26.95 -14.96
N THR E 85 28.65 27.84 -15.43
CA THR E 85 27.56 27.43 -16.31
C THR E 85 28.10 26.92 -17.64
N GLU E 86 29.23 27.48 -18.07
CA GLU E 86 29.89 27.05 -19.30
C GLU E 86 30.65 25.73 -19.15
N LEU E 87 30.99 25.39 -17.91
CA LEU E 87 31.57 24.09 -17.61
C LEU E 87 30.52 23.00 -17.77
N TYR E 88 29.30 23.27 -17.28
CA TYR E 88 28.17 22.37 -17.48
C TYR E 88 27.79 22.28 -18.95
N ALA E 89 27.84 23.41 -19.65
CA ALA E 89 27.51 23.48 -21.07
C ALA E 89 28.48 22.65 -21.90
N LYS E 90 29.76 22.74 -21.57
CA LYS E 90 30.82 21.93 -22.20
C LYS E 90 30.57 20.44 -21.95
N ALA E 91 30.13 20.12 -20.73
CA ALA E 91 29.83 18.74 -20.32
C ALA E 91 28.64 18.15 -21.07
N CYS E 92 27.58 18.94 -21.24
CA CYS E 92 26.39 18.52 -21.98
C CYS E 92 26.68 18.32 -23.46
N LYS E 93 27.57 19.13 -24.01
CA LYS E 93 27.94 19.04 -25.42
C LYS E 93 28.80 17.81 -25.71
N GLU E 94 29.74 17.52 -24.82
CA GLU E 94 30.63 16.36 -24.94
C GLU E 94 29.89 15.04 -24.75
N ALA E 95 28.85 15.07 -23.92
CA ALA E 95 28.04 13.89 -23.64
C ALA E 95 26.83 13.78 -24.56
N LYS E 96 26.53 14.87 -25.27
CA LYS E 96 25.39 14.94 -26.21
C LYS E 96 24.05 14.70 -25.52
N VAL E 97 23.82 15.42 -24.43
CA VAL E 97 22.58 15.29 -23.64
C VAL E 97 22.01 16.65 -23.23
N TYR E 98 20.73 16.63 -22.87
CA TYR E 98 20.12 17.77 -22.18
C TYR E 98 20.46 17.66 -20.69
N GLY E 99 20.81 18.79 -20.09
CA GLY E 99 21.15 18.83 -18.67
C GLY E 99 20.43 19.93 -17.92
N VAL E 100 19.91 19.59 -16.74
CA VAL E 100 19.27 20.57 -15.87
C VAL E 100 20.15 20.79 -14.64
N PHE E 101 20.42 22.06 -14.33
CA PHE E 101 21.34 22.42 -13.25
C PHE E 101 20.80 23.52 -12.34
N SER E 102 21.38 23.62 -11.15
CA SER E 102 20.96 24.60 -10.16
C SER E 102 22.10 25.54 -9.81
N ILE E 103 21.85 26.84 -9.86
CA ILE E 103 22.86 27.85 -9.54
C ILE E 103 22.22 29.03 -8.80
N MET E 104 22.77 29.33 -7.61
CA MET E 104 22.37 30.51 -6.87
C MET E 104 23.03 31.72 -7.55
N GLU E 105 22.21 32.51 -8.23
CA GLU E 105 22.71 33.55 -9.13
C GLU E 105 22.82 34.91 -8.45
N ARG E 106 23.99 35.52 -8.60
CA ARG E 106 24.22 36.89 -8.15
C ARG E 106 23.33 37.85 -8.93
N ASN E 107 22.51 38.61 -8.22
CA ASN E 107 21.66 39.62 -8.81
C ASN E 107 22.51 40.77 -9.34
N PRO E 108 22.39 41.09 -10.66
CA PRO E 108 23.09 42.23 -11.26
C PRO E 108 22.78 43.55 -10.55
N ASP E 109 21.57 43.66 -10.03
CA ASP E 109 21.18 44.77 -9.16
C ASP E 109 21.70 44.47 -7.75
N SER E 110 22.70 45.24 -7.32
CA SER E 110 23.40 44.99 -6.05
C SER E 110 22.59 45.34 -4.80
N ASN E 111 21.51 46.09 -4.98
CA ASN E 111 20.61 46.45 -3.88
C ASN E 111 19.53 45.39 -3.62
N LYS E 112 19.63 44.28 -4.34
CA LYS E 112 18.68 43.17 -4.21
C LYS E 112 19.40 41.85 -3.93
N ASN E 113 18.75 40.98 -3.16
CA ASN E 113 19.26 39.64 -2.87
C ASN E 113 19.40 38.76 -4.13
N PRO E 114 20.30 37.76 -4.08
CA PRO E 114 20.52 36.84 -5.19
C PRO E 114 19.30 36.00 -5.55
N TYR E 115 19.33 35.38 -6.72
CA TYR E 115 18.24 34.53 -7.19
C TYR E 115 18.56 33.04 -7.03
N ASN E 116 17.51 32.24 -6.82
CA ASN E 116 17.61 30.79 -6.92
C ASN E 116 17.25 30.41 -8.37
N THR E 117 18.25 30.01 -9.14
CA THR E 117 18.09 29.85 -10.58
C THR E 117 18.29 28.40 -11.07
N ALA E 118 17.40 27.99 -11.97
CA ALA E 118 17.55 26.74 -12.70
C ALA E 118 17.79 27.01 -14.19
N ILE E 119 18.63 26.18 -14.80
CA ILE E 119 18.90 26.30 -16.24
C ILE E 119 18.80 24.94 -16.95
N ILE E 120 18.45 24.99 -18.23
CA ILE E 120 18.45 23.80 -19.08
C ILE E 120 19.41 24.02 -20.25
N ILE E 121 20.27 23.03 -20.49
CA ILE E 121 21.27 23.10 -21.56
C ILE E 121 21.06 21.94 -22.54
N ASP E 122 21.08 22.24 -23.84
CA ASP E 122 20.87 21.23 -24.87
C ASP E 122 22.17 20.48 -25.23
N PRO E 123 22.07 19.40 -26.05
CA PRO E 123 23.22 18.56 -26.43
C PRO E 123 24.32 19.28 -27.22
N GLN E 124 24.10 20.56 -27.54
CA GLN E 124 25.09 21.35 -28.27
C GLN E 124 25.80 22.38 -27.38
N GLY E 125 25.50 22.34 -26.08
CA GLY E 125 26.11 23.24 -25.11
C GLY E 125 25.41 24.57 -24.98
N GLU E 126 24.18 24.64 -25.51
CA GLU E 126 23.41 25.88 -25.52
C GLU E 126 22.44 25.93 -24.34
N ILE E 127 22.50 27.00 -23.56
CA ILE E 127 21.48 27.26 -22.56
C ILE E 127 20.21 27.68 -23.30
N ILE E 128 19.17 26.88 -23.18
CA ILE E 128 17.92 27.10 -23.92
C ILE E 128 16.77 27.56 -23.01
N LEU E 129 17.00 27.50 -21.70
CA LEU E 129 16.02 27.94 -20.71
C LEU E 129 16.70 28.42 -19.42
N LYS E 130 16.17 29.50 -18.86
CA LYS E 130 16.61 30.03 -17.58
C LYS E 130 15.39 30.43 -16.76
N TYR E 131 15.34 29.96 -15.51
CA TYR E 131 14.22 30.24 -14.62
C TYR E 131 14.69 30.63 -13.22
N ARG E 132 14.06 31.66 -12.65
CA ARG E 132 14.37 32.12 -11.31
C ARG E 132 13.21 31.85 -10.36
N LYS E 133 13.46 30.99 -9.37
CA LYS E 133 12.48 30.59 -8.36
C LYS E 133 11.52 31.74 -8.01
N LEU E 134 10.28 31.62 -8.49
CA LEU E 134 9.26 32.65 -8.27
C LEU E 134 8.74 32.64 -6.83
N PHE E 135 8.76 31.46 -6.20
CA PHE E 135 8.26 31.31 -4.84
C PHE E 135 9.32 30.66 -3.94
N PRO E 136 10.19 31.49 -3.33
CA PRO E 136 11.17 30.98 -2.37
C PRO E 136 10.51 30.40 -1.13
N TRP E 137 11.13 29.36 -0.57
CA TRP E 137 10.58 28.68 0.60
C TRP E 137 10.81 29.52 1.87
N ASN E 138 9.87 30.42 2.13
CA ASN E 138 9.97 31.35 3.27
C ASN E 138 9.33 30.79 4.53
N PRO E 139 9.83 31.18 5.72
CA PRO E 139 10.81 32.23 6.01
C PRO E 139 12.29 31.84 5.97
N ILE E 140 12.60 30.59 5.63
CA ILE E 140 13.99 30.10 5.66
C ILE E 140 14.88 30.62 4.52
N GLU E 141 14.27 30.94 3.38
CA GLU E 141 15.03 31.34 2.19
C GLU E 141 15.08 32.86 1.97
N PRO E 142 16.29 33.40 1.76
CA PRO E 142 16.51 34.83 1.54
C PRO E 142 16.57 35.24 0.06
N TRP E 143 16.27 34.30 -0.84
CA TRP E 143 16.36 34.57 -2.28
C TRP E 143 15.26 35.53 -2.75
N TYR E 144 15.59 36.32 -3.77
CA TYR E 144 14.64 37.29 -4.33
C TYR E 144 13.66 36.56 -5.25
N PRO E 145 12.35 36.87 -5.13
CA PRO E 145 11.34 36.30 -6.03
C PRO E 145 11.65 36.58 -7.49
N GLY E 146 11.64 35.53 -8.32
CA GLY E 146 12.07 35.61 -9.72
C GLY E 146 11.32 36.60 -10.59
N ASP E 147 11.89 36.90 -11.75
CA ASP E 147 11.33 37.90 -12.65
C ASP E 147 11.34 37.47 -14.12
N LEU E 148 11.66 36.20 -14.35
CA LEU E 148 11.67 35.65 -15.71
C LEU E 148 10.40 34.87 -16.05
N GLY E 149 9.41 34.95 -15.16
CA GLY E 149 8.15 34.21 -15.29
C GLY E 149 8.38 32.71 -15.29
N MET E 150 7.48 31.98 -15.94
CA MET E 150 7.64 30.53 -16.10
C MET E 150 7.88 30.21 -17.58
N PRO E 151 9.17 30.07 -17.97
CA PRO E 151 9.54 29.86 -19.37
C PRO E 151 9.42 28.40 -19.82
N VAL E 152 9.31 28.21 -21.14
CA VAL E 152 9.20 26.88 -21.73
C VAL E 152 10.16 26.77 -22.93
N CYS E 153 10.86 25.64 -23.01
CA CYS E 153 11.80 25.40 -24.11
C CYS E 153 11.51 24.09 -24.82
N GLU E 154 12.10 23.91 -26.00
CA GLU E 154 11.98 22.67 -26.76
C GLU E 154 13.03 21.68 -26.28
N GLY E 155 12.59 20.46 -25.99
CA GLY E 155 13.49 19.41 -25.50
C GLY E 155 13.57 18.20 -26.41
N PRO E 156 14.02 17.05 -25.87
CA PRO E 156 14.13 15.82 -26.65
C PRO E 156 12.79 15.12 -26.81
N GLY E 157 12.67 14.29 -27.86
CA GLY E 157 11.49 13.46 -28.09
C GLY E 157 10.19 14.19 -28.26
N GLY E 158 10.26 15.44 -28.73
CA GLY E 158 9.08 16.28 -28.94
C GLY E 158 8.52 16.90 -27.67
N SER E 159 9.34 16.94 -26.62
CA SER E 159 8.92 17.50 -25.34
C SER E 159 9.02 19.01 -25.31
N LYS E 160 8.06 19.64 -24.62
CA LYS E 160 8.14 21.05 -24.29
C LYS E 160 8.46 21.14 -22.80
N LEU E 161 9.67 21.57 -22.49
CA LEU E 161 10.19 21.51 -21.12
C LEU E 161 10.00 22.79 -20.33
N ALA E 162 9.68 22.64 -19.06
CA ALA E 162 9.65 23.75 -18.11
C ALA E 162 10.18 23.25 -16.77
N VAL E 163 10.82 24.15 -16.02
CA VAL E 163 11.37 23.79 -14.72
C VAL E 163 10.88 24.70 -13.61
N CYS E 164 10.50 24.09 -12.49
CA CYS E 164 10.20 24.81 -11.26
C CYS E 164 11.14 24.30 -10.16
N ILE E 165 11.20 25.04 -9.05
CA ILE E 165 12.17 24.74 -8.01
C ILE E 165 11.52 24.47 -6.65
N SER E 166 11.65 23.22 -6.19
CA SER E 166 11.14 22.75 -4.89
C SER E 166 9.79 23.32 -4.47
N HIS E 167 9.82 24.41 -3.69
CA HIS E 167 8.62 25.04 -3.15
C HIS E 167 7.64 25.50 -4.23
N ASP E 168 8.19 25.85 -5.39
CA ASP E 168 7.39 26.24 -6.56
C ASP E 168 6.34 25.17 -6.90
N GLY E 169 6.70 23.90 -6.71
CA GLY E 169 5.82 22.78 -7.04
C GLY E 169 4.59 22.64 -6.16
N MET E 170 4.54 23.40 -5.06
CA MET E 170 3.41 23.39 -4.15
C MET E 170 2.29 24.32 -4.62
N ILE E 171 2.62 25.20 -5.55
CA ILE E 171 1.66 26.15 -6.12
C ILE E 171 1.08 25.58 -7.42
N PRO E 172 -0.20 25.14 -7.39
CA PRO E 172 -0.84 24.57 -8.57
C PRO E 172 -0.99 25.56 -9.72
N GLU E 173 -1.08 26.85 -9.39
CA GLU E 173 -1.17 27.92 -10.40
C GLU E 173 0.06 27.96 -11.31
N LEU E 174 1.23 27.68 -10.73
CA LEU E 174 2.48 27.66 -11.49
C LEU E 174 2.54 26.50 -12.47
N ALA E 175 2.04 25.34 -12.05
CA ALA E 175 1.97 24.16 -12.92
C ALA E 175 1.02 24.41 -14.08
N ARG E 176 -0.06 25.15 -13.83
CA ARG E 176 -0.99 25.55 -14.89
C ARG E 176 -0.30 26.45 -15.91
N GLU E 177 0.51 27.38 -15.43
CA GLU E 177 1.22 28.36 -16.26
C GLU E 177 2.18 27.70 -17.25
N ALA E 178 2.98 26.76 -16.77
CA ALA E 178 3.92 26.02 -17.62
C ALA E 178 3.17 25.31 -18.75
N ALA E 179 2.12 24.59 -18.39
CA ALA E 179 1.26 23.89 -19.34
C ALA E 179 0.57 24.85 -20.31
N TYR E 180 0.10 25.98 -19.79
CA TYR E 180 -0.55 27.04 -20.57
C TYR E 180 0.37 27.57 -21.68
N LYS E 181 1.68 27.46 -21.44
CA LYS E 181 2.68 27.94 -22.39
C LYS E 181 3.30 26.79 -23.19
N GLY E 182 2.69 25.61 -23.12
CA GLY E 182 3.04 24.49 -23.99
C GLY E 182 3.69 23.28 -23.33
N CYS E 183 4.14 23.43 -22.09
CA CYS E 183 4.87 22.37 -21.38
C CYS E 183 4.08 21.07 -21.23
N ASN E 184 4.73 19.97 -21.59
CA ASN E 184 4.18 18.63 -21.41
C ASN E 184 5.08 17.73 -20.53
N VAL E 185 6.26 18.24 -20.20
CA VAL E 185 7.17 17.59 -19.26
C VAL E 185 7.64 18.64 -18.24
N TYR E 186 7.07 18.59 -17.04
CA TYR E 186 7.31 19.58 -15.99
C TYR E 186 8.40 19.10 -15.03
N ILE E 187 9.55 19.75 -15.08
CA ILE E 187 10.70 19.36 -14.27
C ILE E 187 10.71 20.10 -12.93
N ARG E 188 10.86 19.35 -11.84
CA ARG E 188 10.91 19.93 -10.51
C ARG E 188 12.21 19.53 -9.81
N ILE E 189 13.17 20.46 -9.81
CA ILE E 189 14.42 20.26 -9.07
C ILE E 189 14.23 20.71 -7.62
N SER E 190 14.73 19.93 -6.67
CA SER E 190 14.40 20.14 -5.27
C SER E 190 15.59 19.95 -4.33
N GLY E 191 15.71 20.86 -3.36
CA GLY E 191 16.82 20.85 -2.42
C GLY E 191 16.45 20.11 -1.15
N TYR E 192 15.30 20.47 -0.56
CA TYR E 192 14.78 19.77 0.61
C TYR E 192 13.26 19.67 0.67
N SER E 193 12.78 18.44 0.51
CA SER E 193 11.39 18.08 0.77
C SER E 193 11.35 17.28 2.07
N THR E 194 12.15 17.72 3.05
CA THR E 194 12.25 17.04 4.33
C THR E 194 11.10 17.45 5.25
N GLN E 195 10.47 16.44 5.86
CA GLN E 195 9.25 16.60 6.67
C GLN E 195 8.04 17.04 5.83
N VAL E 196 8.30 17.44 4.58
CA VAL E 196 7.26 17.70 3.60
C VAL E 196 7.30 16.55 2.57
N ASN E 197 7.47 15.34 3.09
CA ASN E 197 7.69 14.14 2.28
C ASN E 197 6.45 13.66 1.54
N ASP E 198 5.32 13.59 2.24
CA ASP E 198 4.06 13.13 1.66
C ASP E 198 3.57 14.10 0.59
N GLN E 199 3.71 15.39 0.88
CA GLN E 199 3.18 16.46 0.03
C GLN E 199 3.99 16.65 -1.26
N TRP E 200 5.27 16.28 -1.21
CA TRP E 200 6.13 16.28 -2.40
C TRP E 200 5.65 15.26 -3.42
N ILE E 201 5.26 14.07 -2.94
CA ILE E 201 4.70 13.01 -3.78
C ILE E 201 3.32 13.41 -4.30
N LEU E 202 2.49 13.96 -3.41
CA LEU E 202 1.14 14.41 -3.74
C LEU E 202 1.11 15.45 -4.85
N THR E 203 1.87 16.52 -4.68
CA THR E 203 1.88 17.63 -5.64
C THR E 203 2.47 17.28 -6.99
N ASN E 204 3.48 16.40 -7.00
CA ASN E 204 4.06 15.89 -8.24
C ASN E 204 3.02 15.17 -9.09
N ARG E 205 2.15 14.42 -8.42
CA ARG E 205 1.06 13.70 -9.06
C ARG E 205 -0.05 14.63 -9.52
N SER E 206 -0.40 15.60 -8.66
CA SER E 206 -1.47 16.56 -8.96
C SER E 206 -1.09 17.51 -10.09
N ASN E 207 0.15 18.00 -10.06
CA ASN E 207 0.66 18.89 -11.11
C ASN E 207 0.61 18.22 -12.50
N ALA E 208 0.80 16.91 -12.50
CA ALA E 208 0.70 16.10 -13.71
C ALA E 208 -0.75 15.98 -14.18
N TRP E 209 -1.63 15.54 -13.28
CA TRP E 209 -3.03 15.29 -13.60
C TRP E 209 -3.82 16.54 -13.99
N HIS E 210 -3.66 17.60 -13.21
CA HIS E 210 -4.37 18.86 -13.43
C HIS E 210 -4.19 19.40 -14.85
N ASN E 211 -3.01 19.16 -15.42
CA ASN E 211 -2.58 19.81 -16.65
C ASN E 211 -2.28 18.87 -17.81
N LEU E 212 -2.56 17.58 -17.60
CA LEU E 212 -2.28 16.51 -18.58
C LEU E 212 -0.84 16.56 -19.12
N MET E 213 0.11 16.62 -18.19
CA MET E 213 1.54 16.63 -18.55
C MET E 213 2.34 15.68 -17.65
N TYR E 214 3.52 15.29 -18.12
CA TYR E 214 4.46 14.53 -17.30
C TYR E 214 5.09 15.43 -16.25
N THR E 215 5.43 14.84 -15.10
CA THR E 215 6.27 15.49 -14.12
C THR E 215 7.46 14.61 -13.80
N VAL E 216 8.66 15.19 -13.84
CA VAL E 216 9.88 14.52 -13.42
C VAL E 216 10.48 15.37 -12.31
N SER E 217 10.55 14.79 -11.12
CA SER E 217 10.97 15.51 -9.94
C SER E 217 12.04 14.75 -9.18
N VAL E 218 13.00 15.48 -8.63
CA VAL E 218 14.08 14.87 -7.84
C VAL E 218 14.56 15.81 -6.73
N ASN E 219 14.67 15.24 -5.53
CA ASN E 219 15.20 15.96 -4.39
C ASN E 219 16.63 15.54 -4.09
N LEU E 220 17.40 16.48 -3.57
CA LEU E 220 18.73 16.24 -3.04
C LEU E 220 18.63 15.16 -1.97
N ALA E 221 19.55 14.20 -1.98
CA ALA E 221 19.60 13.19 -0.92
C ALA E 221 20.79 13.39 -0.01
N GLY E 222 21.49 14.52 -0.16
CA GLY E 222 22.66 14.84 0.67
C GLY E 222 22.53 16.13 1.45
N TYR E 228 24.24 11.66 4.40
CA TYR E 228 23.60 12.16 3.19
C TYR E 228 22.31 11.41 2.88
N TYR E 229 21.20 11.80 3.52
CA TYR E 229 19.93 11.06 3.40
C TYR E 229 18.70 11.95 3.61
N PHE E 230 18.33 12.73 2.58
CA PHE E 230 17.22 13.70 2.70
C PHE E 230 16.23 13.75 1.53
N GLY E 231 16.52 13.02 0.45
CA GLY E 231 15.73 13.16 -0.78
C GLY E 231 14.95 11.95 -1.28
N GLU E 232 14.28 12.17 -2.43
CA GLU E 232 13.50 11.15 -3.16
C GLU E 232 13.46 11.57 -4.63
N GLY E 233 12.91 10.71 -5.48
CA GLY E 233 12.86 10.95 -6.93
C GLY E 233 11.64 10.32 -7.58
N GLN E 234 10.96 11.06 -8.45
CA GLN E 234 9.64 10.66 -8.93
C GLN E 234 9.34 11.08 -10.37
N ILE E 235 8.84 10.12 -11.16
CA ILE E 235 8.33 10.39 -12.51
C ILE E 235 6.85 10.02 -12.57
N CYS E 236 6.01 11.00 -12.92
CA CYS E 236 4.56 10.78 -13.01
C CYS E 236 4.04 10.87 -14.44
N ASN E 237 3.16 9.94 -14.79
CA ASN E 237 2.43 9.96 -16.06
C ASN E 237 1.49 11.17 -16.13
N PHE E 238 1.06 11.52 -17.35
CA PHE E 238 0.19 12.69 -17.57
C PHE E 238 -1.20 12.58 -16.92
N ASP E 239 -1.52 11.41 -16.38
CA ASP E 239 -2.77 11.22 -15.64
C ASP E 239 -2.55 11.25 -14.12
N GLY E 240 -1.32 11.54 -13.72
CA GLY E 240 -0.97 11.66 -12.30
C GLY E 240 -0.53 10.37 -11.63
N THR E 241 -0.38 9.30 -12.41
CA THR E 241 0.08 8.02 -11.88
C THR E 241 1.60 8.03 -11.74
N THR E 242 2.09 7.71 -10.56
CA THR E 242 3.52 7.58 -10.33
C THR E 242 4.03 6.37 -11.11
N LEU E 243 4.99 6.63 -12.00
CA LEU E 243 5.60 5.59 -12.82
C LEU E 243 6.86 5.03 -12.16
N VAL E 244 7.71 5.93 -11.67
CA VAL E 244 8.98 5.54 -11.05
C VAL E 244 9.15 6.30 -9.73
N GLN E 245 9.68 5.62 -8.73
CA GLN E 245 9.84 6.20 -7.40
C GLN E 245 11.14 5.74 -6.73
N GLY E 246 12.00 6.70 -6.39
CA GLY E 246 13.19 6.43 -5.58
C GLY E 246 12.86 6.47 -4.10
N HIS E 247 13.74 5.89 -3.29
CA HIS E 247 13.49 5.71 -1.86
C HIS E 247 14.00 6.86 -0.99
N ASN E 249 17.96 7.45 -0.58
CA ASN E 249 19.36 7.12 -0.69
C ASN E 249 20.12 8.05 -1.62
N PRO E 250 21.36 8.44 -1.24
CA PRO E 250 22.16 9.25 -2.16
C PRO E 250 22.63 8.41 -3.34
N TRP E 251 22.74 9.06 -4.51
CA TRP E 251 23.20 8.43 -5.77
C TRP E 251 22.16 7.59 -6.52
N GLU E 252 20.94 7.50 -5.99
CA GLU E 252 19.87 6.80 -6.70
C GLU E 252 19.55 7.50 -8.00
N ILE E 253 19.65 6.77 -9.11
CA ILE E 253 19.32 7.30 -10.43
C ILE E 253 17.92 6.83 -10.81
N VAL E 254 16.97 7.76 -10.76
CA VAL E 254 15.58 7.50 -11.14
C VAL E 254 15.42 7.74 -12.64
N THR E 255 15.24 6.66 -13.40
CA THR E 255 15.08 6.76 -14.86
C THR E 255 13.71 6.27 -15.31
N GLY E 256 13.25 6.78 -16.46
CA GLY E 256 11.96 6.40 -17.01
C GLY E 256 11.79 6.82 -18.45
N GLU E 257 10.92 6.10 -19.16
CA GLU E 257 10.65 6.38 -20.56
C GLU E 257 9.49 7.36 -20.68
N ILE E 258 9.75 8.51 -21.30
CA ILE E 258 8.77 9.57 -21.44
C ILE E 258 8.22 9.62 -22.87
N TYR E 259 6.92 9.83 -22.99
CA TYR E 259 6.26 9.93 -24.30
C TYR E 259 5.43 11.21 -24.38
N PRO E 260 6.09 12.34 -24.72
CA PRO E 260 5.44 13.66 -24.77
C PRO E 260 4.25 13.73 -25.72
N LYS E 261 4.31 12.96 -26.81
CA LYS E 261 3.22 12.92 -27.79
C LYS E 261 1.91 12.41 -27.20
N MET E 262 2.01 11.47 -26.26
CA MET E 262 0.84 10.95 -25.55
C MET E 262 0.16 12.01 -24.68
N ALA E 263 0.97 12.87 -24.06
CA ALA E 263 0.45 14.02 -23.32
C ALA E 263 -0.19 15.02 -24.28
N ASP E 264 0.41 15.19 -25.45
CA ASP E 264 -0.13 16.07 -26.50
C ASP E 264 -1.45 15.51 -27.05
N ASN E 265 -1.50 14.19 -27.21
CA ASN E 265 -2.70 13.51 -27.72
C ASN E 265 -3.88 13.57 -26.76
N ALA E 266 -3.59 13.44 -25.46
CA ALA E 266 -4.61 13.52 -24.42
C ALA E 266 -5.26 14.90 -24.39
N ARG E 267 -4.45 15.95 -24.50
CA ARG E 267 -4.94 17.33 -24.51
C ARG E 267 -5.77 17.66 -25.76
N LEU E 268 -5.51 16.95 -26.86
CA LEU E 268 -6.22 17.17 -28.12
C LEU E 268 -7.47 16.30 -28.27
N SER E 269 -7.40 15.07 -27.81
CA SER E 269 -8.44 14.07 -28.07
C SER E 269 -9.35 13.73 -26.89
N TRP E 270 -8.94 14.09 -25.68
CA TRP E 270 -9.76 13.88 -24.48
C TRP E 270 -10.93 14.85 -24.42
N GLY E 271 -12.03 14.39 -23.83
CA GLY E 271 -13.22 15.21 -23.64
C GLY E 271 -13.65 15.30 -22.19
N LEU E 272 -13.97 14.15 -21.61
CA LEU E 272 -14.49 14.05 -20.24
C LEU E 272 -13.56 14.67 -19.18
N GLU E 273 -12.27 14.31 -19.24
CA GLU E 273 -11.32 14.75 -18.22
C GLU E 273 -10.31 15.77 -18.73
N ASN E 274 -10.71 16.57 -19.72
CA ASN E 274 -9.84 17.62 -20.26
C ASN E 274 -9.96 18.90 -19.43
N ASN E 275 -9.48 18.82 -18.19
CA ASN E 275 -9.69 19.84 -17.17
C ASN E 275 -9.05 21.20 -17.50
N ILE E 276 -7.87 21.15 -18.12
CA ILE E 276 -7.14 22.35 -18.52
C ILE E 276 -7.92 23.19 -19.55
N TYR E 277 -8.74 22.52 -20.36
CA TYR E 277 -9.58 23.19 -21.34
C TYR E 277 -10.88 23.70 -20.72
N ASN E 278 -11.47 22.92 -19.82
CA ASN E 278 -12.71 23.26 -19.13
C ASN E 278 -12.62 24.55 -18.30
N LEU E 279 -11.40 24.85 -17.83
CA LEU E 279 -11.14 26.01 -16.98
C LEU E 279 -11.53 27.34 -17.64
N GLY E 280 -11.26 27.47 -18.94
CA GLY E 280 -11.58 28.68 -19.68
C GLY E 280 -12.79 28.57 -20.59
N HIS E 281 -13.37 27.37 -20.64
CA HIS E 281 -14.52 27.09 -21.51
C HIS E 281 -15.60 26.31 -20.77
N ARG E 282 -16.00 26.82 -19.61
CA ARG E 282 -16.94 26.15 -18.70
C ARG E 282 -18.29 25.88 -19.35
N GLY E 283 -18.77 24.63 -19.21
CA GLY E 283 -20.09 24.24 -19.68
C GLY E 283 -20.35 24.58 -21.14
N TYR E 284 -19.51 24.07 -22.03
CA TYR E 284 -19.59 24.41 -23.45
C TYR E 284 -20.73 23.74 -24.21
N VAL E 285 -21.28 22.67 -23.64
CA VAL E 285 -22.40 21.94 -24.24
C VAL E 285 -23.69 22.78 -24.19
N ALA E 286 -23.93 23.40 -23.04
CA ALA E 286 -25.10 24.27 -22.86
C ALA E 286 -24.88 25.65 -23.48
N LYS E 287 -23.63 26.11 -23.45
CA LYS E 287 -23.26 27.41 -24.01
C LYS E 287 -22.05 27.24 -24.94
N PRO E 288 -22.29 27.24 -26.27
CA PRO E 288 -21.23 27.00 -27.26
C PRO E 288 -20.03 27.92 -27.06
N GLY E 289 -18.83 27.31 -27.04
CA GLY E 289 -17.61 28.04 -26.76
C GLY E 289 -17.25 28.07 -25.28
N GLY E 290 -18.25 27.85 -24.43
CA GLY E 290 -18.07 27.83 -22.98
C GLY E 290 -18.08 29.21 -22.36
N GLU E 291 -18.42 29.28 -21.07
CA GLU E 291 -18.37 30.53 -20.32
C GLU E 291 -16.91 30.88 -20.00
N HIS E 292 -16.44 31.95 -20.62
CA HIS E 292 -15.03 32.36 -20.54
C HIS E 292 -14.65 32.90 -19.16
N ASP E 293 -15.54 33.66 -18.54
CA ASP E 293 -15.33 34.17 -17.20
C ASP E 293 -15.44 33.04 -16.18
N ALA E 294 -14.30 32.72 -15.55
CA ALA E 294 -14.22 31.63 -14.57
C ALA E 294 -15.02 31.89 -13.30
N GLY E 295 -15.40 33.14 -13.08
CA GLY E 295 -16.21 33.54 -11.92
C GLY E 295 -15.49 33.42 -10.59
N LEU E 296 -14.18 33.59 -10.61
CA LEU E 296 -13.36 33.48 -9.40
C LEU E 296 -12.76 34.83 -9.05
N THR E 297 -13.05 35.30 -7.83
CA THR E 297 -12.59 36.61 -7.38
C THR E 297 -11.08 36.67 -7.14
N TYR E 298 -10.48 35.55 -6.74
CA TYR E 298 -9.05 35.52 -6.42
C TYR E 298 -8.18 35.67 -7.66
N ILE E 299 -8.66 35.15 -8.79
CA ILE E 299 -7.99 35.31 -10.08
C ILE E 299 -7.95 36.79 -10.46
N LYS E 300 -9.10 37.45 -10.33
CA LYS E 300 -9.25 38.86 -10.67
C LYS E 300 -8.44 39.76 -9.74
N ASP E 301 -8.39 39.39 -8.45
CA ASP E 301 -7.59 40.12 -7.47
C ASP E 301 -6.09 39.95 -7.69
N LEU E 302 -5.68 38.74 -8.05
CA LEU E 302 -4.26 38.44 -8.28
C LEU E 302 -3.73 39.06 -9.58
N ALA E 303 -4.58 39.11 -10.60
CA ALA E 303 -4.23 39.74 -11.88
C ALA E 303 -4.02 41.24 -11.71
N ALA E 304 -4.87 41.86 -10.91
CA ALA E 304 -4.75 43.28 -10.55
C ALA E 304 -3.61 43.49 -9.55
N GLY E 305 -3.35 42.48 -8.74
CA GLY E 305 -2.25 42.49 -7.79
C GLY E 305 -2.64 42.83 -6.37
N LYS E 306 -3.90 42.56 -6.03
CA LYS E 306 -4.40 42.79 -4.68
C LYS E 306 -4.91 41.51 -4.00
N TYR E 307 -4.18 40.42 -4.20
CA TYR E 307 -4.46 39.14 -3.54
C TYR E 307 -4.29 39.32 -2.03
N LYS E 308 -5.41 39.27 -1.32
CA LYS E 308 -5.40 39.38 0.14
C LYS E 308 -6.38 38.40 0.77
N LEU E 309 -5.85 37.55 1.64
CA LEU E 309 -6.65 36.58 2.38
C LEU E 309 -7.34 37.28 3.56
N PRO E 310 -8.58 36.85 3.90
CA PRO E 310 -9.37 37.50 4.94
C PRO E 310 -8.76 37.42 6.35
N TRP E 311 -7.80 36.51 6.54
CA TRP E 311 -7.22 36.26 7.86
C TRP E 311 -5.78 36.78 8.01
N GLU E 312 -5.32 37.56 7.03
CA GLU E 312 -3.95 38.07 6.99
C GLU E 312 -3.50 38.90 8.20
N ASP E 313 -4.42 39.68 8.77
CA ASP E 313 -4.10 40.58 9.87
C ASP E 313 -3.76 39.87 11.19
N HIS E 314 -4.16 38.61 11.31
CA HIS E 314 -3.92 37.81 12.52
C HIS E 314 -2.80 36.78 12.33
N MET E 315 -2.09 36.85 11.21
CA MET E 315 -1.00 35.93 10.90
C MET E 315 0.26 36.22 11.71
N LYS E 316 1.00 35.16 12.02
CA LYS E 316 2.17 35.26 12.91
C LYS E 316 3.51 35.35 12.18
N ILE E 317 3.62 34.70 11.02
CA ILE E 317 4.85 34.73 10.23
C ILE E 317 4.60 35.37 8.85
N LYS E 318 4.93 36.66 8.75
CA LYS E 318 4.81 37.39 7.49
C LYS E 318 6.16 37.94 7.03
N ASP E 319 7.21 37.66 7.82
CA ASP E 319 8.58 38.02 7.48
C ASP E 319 9.58 36.99 8.04
N GLY E 320 10.80 36.99 7.51
CA GLY E 320 11.80 35.98 7.86
C GLY E 320 12.63 36.27 9.10
N SER E 321 12.01 36.87 10.12
CA SER E 321 12.71 37.26 11.34
C SER E 321 13.16 36.06 12.20
N ILE E 322 12.37 35.00 12.16
CA ILE E 322 12.61 33.80 12.97
C ILE E 322 13.87 33.01 12.56
N TYR E 323 14.40 33.31 11.37
CA TYR E 323 15.62 32.67 10.87
C TYR E 323 16.83 33.61 10.83
N GLY E 324 16.76 34.70 11.59
CA GLY E 324 17.87 35.63 11.74
C GLY E 324 18.05 36.59 10.59
N TYR E 325 17.01 36.77 9.79
CA TYR E 325 17.02 37.72 8.67
C TYR E 325 16.34 39.03 9.04
N PRO E 326 16.93 40.17 8.65
CA PRO E 326 16.31 41.48 8.85
C PRO E 326 15.03 41.64 8.04
N THR E 327 14.10 42.47 8.55
CA THR E 327 12.79 42.67 7.93
C THR E 327 12.71 44.02 7.21
N THR E 328 13.86 44.66 7.01
CA THR E 328 13.93 45.97 6.37
C THR E 328 13.85 45.87 4.84
N GLY E 329 14.49 44.84 4.29
CA GLY E 329 14.52 44.63 2.84
C GLY E 329 15.90 44.86 2.26
N GLY E 330 15.95 45.03 0.94
CA GLY E 330 17.20 45.29 0.22
C GLY E 330 18.17 44.12 0.25
N ARG E 331 19.46 44.45 0.19
CA ARG E 331 20.52 43.44 0.19
C ARG E 331 21.04 43.18 1.60
N PHE E 332 21.13 41.91 1.97
CA PHE E 332 21.73 41.50 3.24
C PHE E 332 22.45 40.16 3.14
N GLY E 333 23.50 39.99 3.95
CA GLY E 333 24.31 38.78 3.95
C GLY E 333 25.40 38.79 2.88
N LYS E 334 25.62 39.96 2.27
CA LYS E 334 26.57 40.14 1.17
C LYS E 334 28.00 39.71 1.50
N GLY F 13 -14.27 20.27 17.75
CA GLY F 13 -14.81 20.42 16.37
C GLY F 13 -16.20 19.83 16.23
N PHE F 14 -16.44 19.15 15.12
CA PHE F 14 -17.75 18.51 14.88
C PHE F 14 -17.65 17.16 14.16
N LEU F 15 -18.74 16.41 14.22
CA LEU F 15 -18.84 15.10 13.57
C LEU F 15 -19.59 15.19 12.24
N VAL F 16 -18.98 14.68 11.19
CA VAL F 16 -19.56 14.70 9.86
C VAL F 16 -19.92 13.29 9.40
N ALA F 17 -20.94 13.17 8.55
CA ALA F 17 -21.32 11.90 7.95
C ALA F 17 -21.62 12.10 6.47
N ALA F 18 -20.96 11.30 5.62
CA ALA F 18 -21.17 11.35 4.18
C ALA F 18 -21.72 10.00 3.69
N ILE F 19 -22.82 10.07 2.93
CA ILE F 19 -23.56 8.88 2.55
C ILE F 19 -23.30 8.49 1.10
N GLN F 20 -22.77 7.29 0.90
CA GLN F 20 -22.61 6.71 -0.44
C GLN F 20 -23.98 6.19 -0.90
N PHE F 21 -24.87 7.16 -1.18
CA PHE F 21 -26.27 6.90 -1.50
C PHE F 21 -26.43 6.15 -2.82
N PRO F 22 -27.37 5.20 -2.87
CA PRO F 22 -27.77 4.61 -4.14
C PRO F 22 -28.99 5.30 -4.77
N VAL F 23 -28.75 6.14 -5.79
CA VAL F 23 -29.85 6.62 -6.62
C VAL F 23 -30.25 5.51 -7.60
N PRO F 24 -31.56 5.29 -7.79
CA PRO F 24 -31.95 4.22 -8.71
C PRO F 24 -32.04 4.73 -10.14
N ILE F 25 -32.66 3.91 -11.00
CA ILE F 25 -33.13 4.37 -12.29
C ILE F 25 -34.34 5.26 -12.03
N VAL F 26 -34.31 6.47 -12.58
CA VAL F 26 -35.43 7.39 -12.46
C VAL F 26 -36.15 7.46 -13.81
N ASN F 27 -37.43 7.11 -13.80
CA ASN F 27 -38.25 7.09 -15.02
C ASN F 27 -39.36 8.14 -15.01
N SER F 28 -39.69 8.65 -13.82
CA SER F 28 -40.77 9.61 -13.66
C SER F 28 -40.58 10.51 -12.42
N ARG F 29 -41.56 11.38 -12.19
CA ARG F 29 -41.58 12.25 -11.02
C ARG F 29 -41.79 11.43 -9.73
N LYS F 30 -42.48 10.31 -9.86
CA LYS F 30 -42.75 9.41 -8.74
C LYS F 30 -41.46 8.84 -8.15
N ASP F 31 -40.51 8.50 -9.02
CA ASP F 31 -39.20 8.02 -8.59
C ASP F 31 -38.42 9.11 -7.86
N ILE F 32 -38.53 10.35 -8.36
CA ILE F 32 -37.89 11.51 -7.74
C ILE F 32 -38.42 11.74 -6.32
N ASP F 33 -39.74 11.68 -6.16
CA ASP F 33 -40.39 11.79 -4.84
C ASP F 33 -39.92 10.68 -3.90
N HIS F 34 -39.83 9.46 -4.43
CA HIS F 34 -39.31 8.31 -3.70
C HIS F 34 -37.88 8.53 -3.23
N ASN F 35 -37.06 9.11 -4.12
CA ASN F 35 -35.68 9.46 -3.79
C ASN F 35 -35.56 10.53 -2.72
N ILE F 36 -36.47 11.50 -2.73
CA ILE F 36 -36.53 12.55 -1.72
C ILE F 36 -36.88 11.95 -0.35
N GLU F 37 -37.88 11.07 -0.31
CA GLU F 37 -38.30 10.40 0.92
C GLU F 37 -37.26 9.39 1.41
N SER F 38 -36.51 8.81 0.47
CA SER F 38 -35.40 7.93 0.78
C SER F 38 -34.26 8.70 1.46
N ILE F 39 -33.95 9.87 0.90
CA ILE F 39 -32.91 10.76 1.44
C ILE F 39 -33.30 11.31 2.82
N ILE F 40 -34.59 11.63 2.98
CA ILE F 40 -35.12 12.11 4.26
C ILE F 40 -35.03 11.03 5.35
N ARG F 41 -35.48 9.82 5.03
CA ARG F 41 -35.42 8.70 5.97
C ARG F 41 -33.98 8.34 6.37
N THR F 42 -33.06 8.44 5.41
CA THR F 42 -31.64 8.21 5.65
C THR F 42 -31.06 9.27 6.59
N LEU F 43 -31.54 10.51 6.43
CA LEU F 43 -31.09 11.64 7.23
C LEU F 43 -31.44 11.47 8.71
N HIS F 44 -32.70 11.12 8.98
CA HIS F 44 -33.17 10.88 10.35
C HIS F 44 -32.49 9.68 11.01
N ALA F 45 -32.29 8.61 10.22
CA ALA F 45 -31.66 7.38 10.71
C ALA F 45 -30.16 7.55 10.98
N THR F 46 -29.49 8.38 10.18
CA THR F 46 -28.07 8.69 10.37
C THR F 46 -27.87 9.50 11.65
N LYS F 47 -28.82 10.40 11.93
CA LYS F 47 -28.82 11.18 13.15
C LYS F 47 -29.13 10.30 14.37
N ALA F 48 -30.04 9.36 14.19
CA ALA F 48 -30.41 8.40 15.24
C ALA F 48 -29.24 7.47 15.57
N GLY F 49 -28.54 7.01 14.55
CA GLY F 49 -27.37 6.13 14.72
C GLY F 49 -26.15 6.86 15.25
N TYR F 50 -25.94 8.08 14.77
CA TYR F 50 -24.85 8.93 15.22
C TYR F 50 -25.40 10.19 15.87
N PRO F 51 -25.69 10.13 17.19
CA PRO F 51 -26.31 11.27 17.89
C PRO F 51 -25.47 12.56 17.84
N GLY F 52 -24.15 12.42 17.73
CA GLY F 52 -23.24 13.56 17.71
C GLY F 52 -23.06 14.25 16.36
N VAL F 53 -23.59 13.65 15.30
CA VAL F 53 -23.41 14.18 13.94
C VAL F 53 -24.09 15.55 13.76
N GLU F 54 -23.39 16.45 13.09
CA GLU F 54 -23.89 17.82 12.87
C GLU F 54 -23.91 18.22 11.39
N LEU F 55 -23.35 17.36 10.53
CA LEU F 55 -23.34 17.60 9.08
C LEU F 55 -23.51 16.30 8.28
N ILE F 56 -24.61 16.19 7.56
CA ILE F 56 -24.93 15.02 6.75
C ILE F 56 -24.92 15.37 5.25
N ILE F 57 -24.10 14.64 4.48
CA ILE F 57 -23.86 14.98 3.08
C ILE F 57 -24.36 13.87 2.13
N PHE F 58 -25.23 14.27 1.21
CA PHE F 58 -25.71 13.39 0.14
C PHE F 58 -25.06 13.78 -1.19
N PRO F 59 -24.75 12.79 -2.04
CA PRO F 59 -24.00 13.06 -3.28
C PRO F 59 -24.83 13.72 -4.37
N GLU F 60 -24.14 14.21 -5.41
CA GLU F 60 -24.77 14.77 -6.60
C GLU F 60 -25.66 13.74 -7.29
N TYR F 61 -26.78 14.21 -7.83
CA TYR F 61 -27.77 13.37 -8.54
C TYR F 61 -28.58 12.42 -7.65
N SER F 62 -28.52 12.61 -6.34
CA SER F 62 -29.24 11.71 -5.42
C SER F 62 -30.76 11.92 -5.43
N THR F 63 -31.18 13.14 -5.76
CA THR F 63 -32.61 13.47 -5.86
C THR F 63 -33.25 12.96 -7.15
N GLN F 64 -32.51 13.08 -8.26
CA GLN F 64 -33.12 12.97 -9.59
C GLN F 64 -32.51 11.91 -10.52
N GLY F 65 -31.42 11.28 -10.09
CA GLY F 65 -30.74 10.27 -10.89
C GLY F 65 -30.08 10.82 -12.15
N LEU F 66 -29.74 9.92 -13.06
CA LEU F 66 -29.04 10.29 -14.30
C LEU F 66 -29.71 9.71 -15.56
N ASN F 67 -31.01 9.94 -15.70
CA ASN F 67 -31.70 9.55 -16.93
C ASN F 67 -31.38 10.55 -18.04
N THR F 68 -30.28 10.29 -18.74
CA THR F 68 -29.74 11.20 -19.76
C THR F 68 -30.69 11.51 -20.93
N ALA F 69 -31.79 10.77 -21.01
CA ALA F 69 -32.78 10.96 -22.06
C ALA F 69 -33.97 11.79 -21.57
N LYS F 70 -34.03 12.01 -20.26
CA LYS F 70 -35.17 12.70 -19.65
C LYS F 70 -34.78 13.78 -18.64
N TRP F 71 -33.49 13.90 -18.33
CA TRP F 71 -33.05 14.80 -17.26
C TRP F 71 -33.07 16.30 -17.61
N LEU F 72 -33.24 16.60 -18.90
CA LEU F 72 -33.44 17.98 -19.35
C LEU F 72 -34.93 18.35 -19.48
N SER F 73 -35.80 17.36 -19.28
CA SER F 73 -37.24 17.59 -19.41
C SER F 73 -37.80 18.22 -18.14
N GLU F 74 -38.93 18.91 -18.28
CA GLU F 74 -39.57 19.67 -17.20
C GLU F 74 -40.01 18.81 -16.02
N GLU F 75 -40.42 17.58 -16.29
CA GLU F 75 -40.86 16.65 -15.24
C GLU F 75 -39.71 16.25 -14.31
N PHE F 76 -38.49 16.22 -14.85
CA PHE F 76 -37.30 15.83 -14.09
C PHE F 76 -36.59 17.02 -13.44
N LEU F 77 -37.18 18.21 -13.56
CA LEU F 77 -36.58 19.44 -13.04
C LEU F 77 -37.37 20.03 -11.87
N LEU F 78 -36.64 20.62 -10.92
CA LEU F 78 -37.24 21.22 -9.73
C LEU F 78 -36.82 22.69 -9.57
N ASP F 79 -37.53 23.40 -8.69
CA ASP F 79 -37.19 24.78 -8.36
C ASP F 79 -36.44 24.85 -7.04
N VAL F 80 -35.48 25.77 -6.96
CA VAL F 80 -34.76 26.03 -5.71
C VAL F 80 -34.94 27.51 -5.33
N PRO F 81 -35.68 27.78 -4.23
CA PRO F 81 -36.35 26.80 -3.38
C PRO F 81 -37.77 26.44 -3.82
N GLY F 82 -38.21 25.25 -3.44
CA GLY F 82 -39.57 24.77 -3.75
C GLY F 82 -40.06 23.81 -2.69
N LYS F 83 -41.14 23.09 -2.99
CA LYS F 83 -41.74 22.14 -2.05
C LYS F 83 -40.82 20.95 -1.73
N GLU F 84 -39.91 20.64 -2.63
CA GLU F 84 -38.95 19.54 -2.45
C GLU F 84 -37.84 19.94 -1.48
N THR F 85 -37.36 21.18 -1.60
CA THR F 85 -36.33 21.71 -0.70
C THR F 85 -36.89 21.96 0.70
N GLU F 86 -38.19 22.28 0.77
CA GLU F 86 -38.89 22.51 2.03
C GLU F 86 -39.03 21.22 2.84
N LEU F 87 -39.10 20.08 2.15
CA LEU F 87 -39.13 18.77 2.80
C LEU F 87 -37.78 18.39 3.37
N TYR F 88 -36.71 18.75 2.65
CA TYR F 88 -35.34 18.57 3.16
C TYR F 88 -35.05 19.49 4.34
N ALA F 89 -35.57 20.72 4.27
CA ALA F 89 -35.40 21.72 5.32
C ALA F 89 -36.18 21.35 6.57
N LYS F 90 -37.38 20.80 6.37
CA LYS F 90 -38.20 20.28 7.47
C LYS F 90 -37.46 19.15 8.19
N ALA F 91 -36.80 18.28 7.42
CA ALA F 91 -36.03 17.16 7.96
C ALA F 91 -34.79 17.63 8.72
N CYS F 92 -34.10 18.63 8.18
CA CYS F 92 -32.92 19.21 8.84
C CYS F 92 -33.25 19.89 10.16
N LYS F 93 -34.45 20.47 10.24
CA LYS F 93 -34.94 21.11 11.46
C LYS F 93 -35.34 20.07 12.51
N GLU F 94 -36.05 19.03 12.08
CA GLU F 94 -36.52 17.97 12.97
C GLU F 94 -35.37 17.10 13.51
N ALA F 95 -34.36 16.87 12.68
CA ALA F 95 -33.20 16.08 13.06
C ALA F 95 -32.08 16.91 13.68
N LYS F 96 -32.19 18.25 13.57
CA LYS F 96 -31.22 19.20 14.13
C LYS F 96 -29.80 19.03 13.56
N VAL F 97 -29.71 18.94 12.23
CA VAL F 97 -28.42 18.80 11.55
C VAL F 97 -28.30 19.74 10.36
N TYR F 98 -27.05 20.02 9.98
CA TYR F 98 -26.77 20.67 8.71
C TYR F 98 -26.86 19.61 7.61
N GLY F 99 -27.53 19.97 6.51
CA GLY F 99 -27.70 19.06 5.39
C GLY F 99 -27.12 19.63 4.10
N VAL F 100 -26.61 18.74 3.26
CA VAL F 100 -26.13 19.11 1.93
C VAL F 100 -26.87 18.25 0.90
N PHE F 101 -27.54 18.90 -0.04
CA PHE F 101 -28.41 18.21 -0.99
C PHE F 101 -28.12 18.61 -2.45
N SER F 102 -28.55 17.75 -3.37
CA SER F 102 -28.40 17.97 -4.80
C SER F 102 -29.74 18.13 -5.49
N ILE F 103 -29.85 19.14 -6.35
CA ILE F 103 -31.09 19.39 -7.10
C ILE F 103 -30.78 19.94 -8.50
N MET F 104 -31.26 19.23 -9.52
CA MET F 104 -31.20 19.74 -10.88
C MET F 104 -32.28 20.82 -11.02
N GLU F 105 -31.82 22.05 -11.20
CA GLU F 105 -32.66 23.24 -11.01
C GLU F 105 -33.13 23.87 -12.32
N ARG F 106 -34.45 23.98 -12.46
CA ARG F 106 -35.10 24.67 -13.57
C ARG F 106 -34.59 26.12 -13.65
N ASN F 107 -33.92 26.43 -14.75
CA ASN F 107 -33.39 27.77 -15.00
C ASN F 107 -34.51 28.79 -15.17
N PRO F 108 -34.54 29.84 -14.31
CA PRO F 108 -35.54 30.91 -14.38
C PRO F 108 -35.60 31.56 -15.77
N ASP F 109 -34.46 31.67 -16.42
CA ASP F 109 -34.38 32.08 -17.82
C ASP F 109 -34.71 30.87 -18.69
N SER F 110 -35.86 30.91 -19.36
CA SER F 110 -36.36 29.78 -20.15
C SER F 110 -35.56 29.52 -21.44
N ASN F 111 -34.73 30.50 -21.83
CA ASN F 111 -33.87 30.35 -23.01
C ASN F 111 -32.59 29.57 -22.71
N LYS F 112 -32.38 29.25 -21.44
CA LYS F 112 -31.16 28.56 -21.00
C LYS F 112 -31.46 27.20 -20.37
N ASN F 113 -30.53 26.26 -20.52
CA ASN F 113 -30.64 24.94 -19.90
C ASN F 113 -30.60 24.99 -18.37
N PRO F 114 -31.17 23.97 -17.71
CA PRO F 114 -31.18 23.91 -16.24
C PRO F 114 -29.79 23.91 -15.60
N TYR F 115 -29.76 24.21 -14.30
CA TYR F 115 -28.53 24.21 -13.53
C TYR F 115 -28.37 22.91 -12.74
N ASN F 116 -27.11 22.55 -12.49
CA ASN F 116 -26.77 21.51 -11.53
C ASN F 116 -26.48 22.23 -10.20
N THR F 117 -27.37 22.06 -9.23
CA THR F 117 -27.34 22.87 -8.01
C THR F 117 -27.09 22.06 -6.73
N ALA F 118 -26.24 22.61 -5.86
CA ALA F 118 -26.05 22.09 -4.52
C ALA F 118 -26.52 23.14 -3.51
N ILE F 119 -27.18 22.69 -2.45
CA ILE F 119 -27.61 23.59 -1.38
C ILE F 119 -27.24 23.06 0.01
N ILE F 120 -27.02 23.98 0.94
CA ILE F 120 -26.77 23.64 2.34
C ILE F 120 -27.89 24.20 3.22
N ILE F 121 -28.53 23.31 3.98
CA ILE F 121 -29.61 23.70 4.90
C ILE F 121 -29.18 23.49 6.34
N ASP F 122 -29.35 24.52 7.17
CA ASP F 122 -28.92 24.50 8.56
C ASP F 122 -29.98 23.84 9.48
N PRO F 123 -29.64 23.62 10.78
CA PRO F 123 -30.58 22.99 11.72
C PRO F 123 -31.86 23.79 11.99
N GLN F 124 -31.96 24.99 11.41
CA GLN F 124 -33.18 25.80 11.51
C GLN F 124 -34.12 25.58 10.33
N GLY F 125 -33.62 24.96 9.27
CA GLY F 125 -34.41 24.68 8.07
C GLY F 125 -34.34 25.79 7.03
N GLU F 126 -33.22 26.51 7.01
CA GLU F 126 -33.00 27.61 6.08
C GLU F 126 -31.86 27.28 5.13
N ILE F 127 -32.04 27.60 3.85
CA ILE F 127 -30.97 27.45 2.87
C ILE F 127 -29.94 28.56 3.13
N ILE F 128 -28.81 28.16 3.70
CA ILE F 128 -27.75 29.11 4.05
C ILE F 128 -26.67 29.18 2.98
N LEU F 129 -26.73 28.25 2.03
CA LEU F 129 -25.82 28.24 0.89
C LEU F 129 -26.51 27.65 -0.34
N LYS F 130 -26.38 28.35 -1.46
CA LYS F 130 -26.84 27.85 -2.76
C LYS F 130 -25.70 27.98 -3.75
N TYR F 131 -25.40 26.88 -4.46
CA TYR F 131 -24.30 26.85 -5.40
C TYR F 131 -24.67 26.13 -6.69
N ARG F 132 -24.40 26.77 -7.82
CA ARG F 132 -24.61 26.17 -9.13
C ARG F 132 -23.29 25.72 -9.74
N LYS F 133 -23.24 24.46 -10.16
CA LYS F 133 -22.05 23.85 -10.76
C LYS F 133 -21.39 24.74 -11.80
N LEU F 134 -20.20 25.23 -11.48
CA LEU F 134 -19.46 26.14 -12.36
C LEU F 134 -18.82 25.43 -13.56
N PHE F 135 -18.44 24.15 -13.36
CA PHE F 135 -17.81 23.39 -14.42
C PHE F 135 -18.54 22.05 -14.66
N PRO F 136 -19.60 22.07 -15.49
CA PRO F 136 -20.28 20.83 -15.92
C PRO F 136 -19.32 19.83 -16.58
N TRP F 137 -19.53 18.55 -16.31
CA TRP F 137 -18.65 17.49 -16.80
C TRP F 137 -18.89 17.20 -18.29
N ASN F 138 -18.37 18.08 -19.14
CA ASN F 138 -18.54 17.95 -20.58
C ASN F 138 -17.59 16.90 -21.17
N PRO F 139 -17.98 16.29 -22.31
CA PRO F 139 -19.15 16.58 -23.14
C PRO F 139 -20.46 15.92 -22.72
N ILE F 140 -20.44 15.10 -21.67
CA ILE F 140 -21.60 14.30 -21.27
C ILE F 140 -22.75 15.10 -20.63
N GLU F 141 -22.43 16.18 -19.93
CA GLU F 141 -23.41 16.96 -19.18
C GLU F 141 -23.90 18.21 -19.93
N PRO F 142 -25.23 18.40 -19.99
CA PRO F 142 -25.86 19.52 -20.69
C PRO F 142 -26.20 20.72 -19.80
N TRP F 143 -25.85 20.64 -18.51
CA TRP F 143 -26.19 21.69 -17.54
C TRP F 143 -25.52 23.02 -17.87
N TYR F 144 -26.23 24.12 -17.62
CA TYR F 144 -25.73 25.46 -17.87
C TYR F 144 -24.69 25.85 -16.82
N PRO F 145 -23.57 26.45 -17.25
CA PRO F 145 -22.54 26.91 -16.32
C PRO F 145 -23.11 27.79 -15.20
N GLY F 146 -22.69 27.54 -13.97
CA GLY F 146 -23.18 28.26 -12.79
C GLY F 146 -22.85 29.75 -12.78
N ASP F 147 -23.75 30.54 -12.19
CA ASP F 147 -23.63 31.99 -12.19
C ASP F 147 -23.63 32.60 -10.80
N LEU F 148 -23.47 31.76 -9.78
CA LEU F 148 -23.50 32.20 -8.38
C LEU F 148 -22.11 32.19 -7.72
N GLY F 149 -21.07 32.02 -8.53
CA GLY F 149 -19.70 31.93 -8.05
C GLY F 149 -19.47 30.73 -7.12
N MET F 150 -18.55 30.89 -6.18
CA MET F 150 -18.26 29.88 -5.17
C MET F 150 -18.52 30.45 -3.77
N PRO F 151 -19.76 30.32 -3.26
CA PRO F 151 -20.14 30.88 -1.97
C PRO F 151 -19.58 30.11 -0.78
N VAL F 152 -19.52 30.78 0.37
CA VAL F 152 -19.09 30.18 1.63
C VAL F 152 -20.07 30.55 2.73
N CYS F 153 -20.45 29.57 3.55
CA CYS F 153 -21.39 29.79 4.64
C CYS F 153 -20.82 29.29 5.98
N GLU F 154 -21.45 29.71 7.07
CA GLU F 154 -21.07 29.27 8.41
C GLU F 154 -21.69 27.91 8.71
N GLY F 155 -20.85 26.98 9.18
CA GLY F 155 -21.30 25.65 9.55
C GLY F 155 -21.11 25.38 11.04
N PRO F 156 -21.14 24.10 11.44
CA PRO F 156 -20.96 23.73 12.85
C PRO F 156 -19.48 23.71 13.24
N GLY F 157 -19.21 23.86 14.53
CA GLY F 157 -17.85 23.78 15.07
C GLY F 157 -16.88 24.82 14.54
N GLY F 158 -17.39 26.01 14.27
CA GLY F 158 -16.59 27.13 13.76
C GLY F 158 -16.09 26.94 12.33
N SER F 159 -16.79 26.09 11.57
CA SER F 159 -16.41 25.80 10.20
C SER F 159 -16.97 26.83 9.22
N LYS F 160 -16.23 27.05 8.14
CA LYS F 160 -16.74 27.78 6.98
C LYS F 160 -16.89 26.78 5.85
N LEU F 161 -18.13 26.50 5.49
CA LEU F 161 -18.44 25.44 4.51
C LEU F 161 -18.59 25.99 3.09
N ALA F 162 -17.99 25.27 2.14
CA ALA F 162 -18.20 25.53 0.72
C ALA F 162 -18.40 24.20 -0.01
N VAL F 163 -19.27 24.20 -1.02
CA VAL F 163 -19.58 22.99 -1.78
C VAL F 163 -19.23 23.11 -3.25
N CYS F 164 -18.50 22.11 -3.76
CA CYS F 164 -18.28 21.96 -5.19
C CYS F 164 -18.92 20.65 -5.67
N ILE F 165 -19.10 20.52 -6.98
CA ILE F 165 -19.83 19.40 -7.54
C ILE F 165 -18.98 18.57 -8.50
N SER F 166 -18.76 17.31 -8.10
CA SER F 166 -18.02 16.30 -8.90
C SER F 166 -16.85 16.84 -9.73
N HIS F 167 -17.12 17.22 -10.97
CA HIS F 167 -16.10 17.69 -11.91
C HIS F 167 -15.39 18.96 -11.46
N ASP F 168 -16.11 19.79 -10.69
CA ASP F 168 -15.55 21.01 -10.08
C ASP F 168 -14.28 20.74 -9.28
N GLY F 169 -14.26 19.61 -8.57
CA GLY F 169 -13.12 19.24 -7.72
C GLY F 169 -11.85 18.88 -8.46
N MET F 170 -11.95 18.76 -9.79
CA MET F 170 -10.79 18.52 -10.64
C MET F 170 -10.07 19.83 -11.00
N ILE F 171 -10.71 20.96 -10.70
CA ILE F 171 -10.15 22.29 -10.96
C ILE F 171 -9.59 22.87 -9.65
N PRO F 172 -8.26 22.93 -9.52
CA PRO F 172 -7.59 23.42 -8.31
C PRO F 172 -7.82 24.92 -8.04
N GLU F 173 -8.06 25.69 -9.09
CA GLU F 173 -8.36 27.12 -8.96
C GLU F 173 -9.66 27.35 -8.19
N LEU F 174 -10.61 26.42 -8.34
CA LEU F 174 -11.89 26.52 -7.62
C LEU F 174 -11.75 26.22 -6.13
N ALA F 175 -10.87 25.27 -5.79
CA ALA F 175 -10.56 24.97 -4.40
C ALA F 175 -9.85 26.15 -3.75
N ARG F 176 -9.03 26.85 -4.54
CA ARG F 176 -8.37 28.08 -4.10
C ARG F 176 -9.38 29.19 -3.81
N GLU F 177 -10.38 29.31 -4.68
CA GLU F 177 -11.42 30.34 -4.56
C GLU F 177 -12.22 30.20 -3.27
N ALA F 178 -12.69 28.98 -2.98
CA ALA F 178 -13.42 28.69 -1.76
C ALA F 178 -12.62 29.08 -0.53
N ALA F 179 -11.36 28.64 -0.48
CA ALA F 179 -10.47 28.96 0.63
C ALA F 179 -10.18 30.45 0.72
N TYR F 180 -10.02 31.10 -0.44
CA TYR F 180 -9.80 32.54 -0.52
C TYR F 180 -10.93 33.32 0.15
N LYS F 181 -12.11 32.71 0.19
CA LYS F 181 -13.30 33.32 0.81
C LYS F 181 -13.57 32.78 2.22
N GLY F 182 -12.60 32.04 2.76
CA GLY F 182 -12.64 31.60 4.16
C GLY F 182 -12.85 30.12 4.44
N CYS F 183 -13.25 29.37 3.41
CA CYS F 183 -13.58 27.95 3.57
C CYS F 183 -12.45 27.13 4.20
N ASN F 184 -12.81 26.42 5.27
CA ASN F 184 -11.89 25.50 5.94
C ASN F 184 -12.36 24.04 5.87
N VAL F 185 -13.59 23.85 5.41
CA VAL F 185 -14.16 22.52 5.14
C VAL F 185 -14.80 22.50 3.75
N TYR F 186 -14.09 21.91 2.79
CA TYR F 186 -14.50 21.90 1.38
C TYR F 186 -15.29 20.63 1.07
N ILE F 187 -16.56 20.79 0.72
CA ILE F 187 -17.44 19.66 0.46
C ILE F 187 -17.54 19.37 -1.04
N ARG F 188 -17.35 18.10 -1.41
CA ARG F 188 -17.48 17.68 -2.79
C ARG F 188 -18.54 16.59 -2.92
N ILE F 189 -19.75 17.00 -3.30
CA ILE F 189 -20.80 16.05 -3.63
C ILE F 189 -20.59 15.61 -5.08
N SER F 190 -20.66 14.30 -5.32
CA SER F 190 -20.26 13.76 -6.60
C SER F 190 -21.25 12.75 -7.15
N GLY F 191 -21.50 12.84 -8.45
CA GLY F 191 -22.47 12.00 -9.11
C GLY F 191 -21.87 10.69 -9.52
N TYR F 192 -21.14 10.69 -10.62
CA TYR F 192 -20.61 9.46 -11.17
C TYR F 192 -19.27 9.66 -11.87
N SER F 193 -18.39 10.46 -11.26
CA SER F 193 -17.05 10.69 -11.81
C SER F 193 -16.22 9.41 -11.75
N THR F 194 -16.80 8.34 -12.28
CA THR F 194 -16.23 6.99 -12.28
C THR F 194 -15.12 6.86 -13.33
N GLN F 195 -14.33 5.79 -13.21
CA GLN F 195 -13.14 5.56 -14.05
C GLN F 195 -12.07 6.63 -13.78
N VAL F 196 -12.50 7.75 -13.22
CA VAL F 196 -11.60 8.79 -12.71
C VAL F 196 -11.48 8.58 -11.19
N ASN F 197 -11.51 7.31 -10.79
CA ASN F 197 -11.45 6.89 -9.38
C ASN F 197 -10.13 7.22 -8.69
N ASP F 198 -9.02 6.99 -9.38
CA ASP F 198 -7.69 7.34 -8.86
C ASP F 198 -7.60 8.84 -8.63
N GLN F 199 -8.03 9.61 -9.64
CA GLN F 199 -7.89 11.05 -9.65
C GLN F 199 -8.89 11.75 -8.72
N TRP F 200 -9.95 11.03 -8.33
CA TRP F 200 -10.90 11.53 -7.34
C TRP F 200 -10.26 11.54 -5.95
N ILE F 201 -9.53 10.47 -5.64
CA ILE F 201 -8.79 10.39 -4.37
C ILE F 201 -7.64 11.38 -4.38
N LEU F 202 -6.99 11.52 -5.53
CA LEU F 202 -5.85 12.42 -5.69
C LEU F 202 -6.22 13.90 -5.50
N THR F 203 -7.24 14.35 -6.22
CA THR F 203 -7.66 15.76 -6.17
C THR F 203 -8.23 16.17 -4.82
N ASN F 204 -8.97 15.26 -4.18
CA ASN F 204 -9.49 15.50 -2.82
C ASN F 204 -8.38 15.76 -1.81
N ARG F 205 -7.25 15.06 -1.98
CA ARG F 205 -6.07 15.25 -1.15
C ARG F 205 -5.35 16.56 -1.48
N SER F 206 -5.19 16.85 -2.77
CA SER F 206 -4.49 18.05 -3.23
C SER F 206 -5.27 19.34 -2.95
N ASN F 207 -6.60 19.28 -3.13
CA ASN F 207 -7.49 20.39 -2.79
C ASN F 207 -7.38 20.78 -1.32
N ALA F 208 -7.17 19.75 -0.47
CA ALA F 208 -6.98 19.96 0.96
C ALA F 208 -5.62 20.61 1.24
N TRP F 209 -4.56 19.97 0.75
CA TRP F 209 -3.18 20.44 0.98
C TRP F 209 -2.89 21.84 0.46
N HIS F 210 -3.28 22.12 -0.78
CA HIS F 210 -2.98 23.40 -1.42
C HIS F 210 -3.49 24.60 -0.63
N ASN F 211 -4.61 24.43 0.06
CA ASN F 211 -5.32 25.53 0.69
C ASN F 211 -5.39 25.46 2.21
N LEU F 212 -4.73 24.45 2.78
CA LEU F 212 -4.77 24.18 4.23
C LEU F 212 -6.22 24.18 4.75
N MET F 213 -6.98 23.20 4.28
CA MET F 213 -8.38 23.02 4.69
C MET F 213 -8.77 21.55 4.58
N TYR F 214 -9.82 21.18 5.29
CA TYR F 214 -10.38 19.83 5.19
C TYR F 214 -11.16 19.68 3.89
N THR F 215 -11.17 18.47 3.34
CA THR F 215 -12.10 18.11 2.29
C THR F 215 -12.93 16.91 2.71
N VAL F 216 -14.25 17.00 2.49
CA VAL F 216 -15.16 15.91 2.77
C VAL F 216 -15.95 15.63 1.49
N SER F 217 -15.69 14.48 0.90
CA SER F 217 -16.19 14.17 -0.44
C SER F 217 -16.89 12.82 -0.49
N VAL F 218 -17.97 12.76 -1.28
CA VAL F 218 -18.74 11.53 -1.43
C VAL F 218 -19.36 11.41 -2.83
N ASN F 219 -19.33 10.19 -3.36
CA ASN F 219 -19.92 9.87 -4.66
C ASN F 219 -21.08 8.88 -4.49
N LEU F 220 -22.04 8.93 -5.41
CA LEU F 220 -23.07 7.90 -5.54
C LEU F 220 -22.44 6.53 -5.66
N ALA F 221 -22.98 5.55 -4.95
CA ALA F 221 -22.52 4.17 -5.07
C ALA F 221 -23.50 3.34 -5.89
N GLY F 222 -24.77 3.74 -5.86
CA GLY F 222 -25.80 3.11 -6.67
C GLY F 222 -26.48 4.13 -7.57
N TYR F 228 -24.94 0.33 -10.19
CA TYR F 228 -25.37 0.27 -8.79
C TYR F 228 -24.21 0.10 -7.80
N TYR F 229 -22.98 0.16 -8.30
CA TYR F 229 -21.79 -0.03 -7.46
C TYR F 229 -20.63 0.84 -7.98
N PHE F 230 -20.77 2.16 -7.82
CA PHE F 230 -19.91 3.14 -8.49
C PHE F 230 -19.35 4.24 -7.59
N GLY F 231 -19.52 4.09 -6.28
CA GLY F 231 -19.21 5.17 -5.34
C GLY F 231 -17.90 5.09 -4.61
N GLU F 232 -17.62 6.16 -3.87
CA GLU F 232 -16.40 6.33 -3.06
C GLU F 232 -16.70 7.45 -2.05
N GLY F 233 -16.03 7.41 -0.89
CA GLY F 233 -16.25 8.41 0.18
C GLY F 233 -14.95 8.73 0.91
N GLN F 234 -14.69 10.02 1.14
CA GLN F 234 -13.36 10.46 1.57
C GLN F 234 -13.34 11.74 2.42
N ILE F 235 -12.66 11.65 3.58
CA ILE F 235 -12.38 12.80 4.43
C ILE F 235 -10.87 13.02 4.49
N CYS F 236 -10.43 14.24 4.18
CA CYS F 236 -9.00 14.56 4.19
C CYS F 236 -8.66 15.66 5.19
N ASN F 237 -7.51 15.49 5.85
CA ASN F 237 -6.96 16.49 6.77
C ASN F 237 -6.42 17.68 6.00
N PHE F 238 -6.22 18.80 6.71
CA PHE F 238 -5.74 20.05 6.08
C PHE F 238 -4.34 19.95 5.45
N ASP F 239 -3.59 18.92 5.84
CA ASP F 239 -2.27 18.69 5.24
C ASP F 239 -2.33 17.74 4.03
N GLY F 240 -3.54 17.32 3.68
CA GLY F 240 -3.76 16.47 2.52
C GLY F 240 -3.84 14.98 2.81
N THR F 241 -3.72 14.59 4.07
CA THR F 241 -3.74 13.18 4.46
C THR F 241 -5.17 12.66 4.54
N THR F 242 -5.42 11.53 3.88
CA THR F 242 -6.72 10.87 3.96
C THR F 242 -6.92 10.30 5.36
N LEU F 243 -7.97 10.78 6.03
CA LEU F 243 -8.29 10.32 7.37
C LEU F 243 -9.27 9.15 7.33
N VAL F 244 -10.34 9.28 6.55
CA VAL F 244 -11.32 8.22 6.38
C VAL F 244 -11.53 7.93 4.89
N GLN F 245 -11.72 6.66 4.56
CA GLN F 245 -11.93 6.22 3.19
C GLN F 245 -12.97 5.09 3.10
N GLY F 246 -14.01 5.34 2.32
CA GLY F 246 -15.00 4.31 2.02
C GLY F 246 -14.66 3.55 0.75
N HIS F 247 -15.27 2.38 0.60
CA HIS F 247 -15.09 1.55 -0.60
C HIS F 247 -16.17 1.89 -1.64
N ARG F 248 -16.60 0.90 -2.43
CA ARG F 248 -17.54 1.13 -3.53
C ARG F 248 -18.95 0.57 -3.28
N ASN F 249 -19.34 0.48 -2.02
CA ASN F 249 -20.63 -0.10 -1.65
C ASN F 249 -21.69 0.95 -1.36
N PRO F 250 -22.93 0.71 -1.83
CA PRO F 250 -24.06 1.59 -1.50
C PRO F 250 -24.35 1.58 0.00
N TRP F 251 -24.87 2.70 0.51
CA TRP F 251 -25.25 2.86 1.92
C TRP F 251 -24.09 2.93 2.91
N GLU F 252 -22.86 2.97 2.38
CA GLU F 252 -21.67 3.10 3.20
C GLU F 252 -21.57 4.52 3.76
N ILE F 253 -21.61 4.64 5.09
CA ILE F 253 -21.56 5.94 5.76
C ILE F 253 -20.14 6.25 6.20
N VAL F 254 -19.54 7.26 5.57
CA VAL F 254 -18.20 7.72 5.93
C VAL F 254 -18.32 8.86 6.94
N THR F 255 -17.93 8.57 8.19
CA THR F 255 -17.98 9.56 9.28
C THR F 255 -16.58 9.88 9.79
N GLY F 256 -16.47 11.01 10.48
CA GLY F 256 -15.21 11.43 11.09
C GLY F 256 -15.34 12.74 11.84
N GLU F 257 -14.42 12.97 12.78
CA GLU F 257 -14.40 14.19 13.56
C GLU F 257 -13.51 15.23 12.88
N ILE F 258 -14.08 16.42 12.67
CA ILE F 258 -13.40 17.51 11.98
C ILE F 258 -13.04 18.61 12.98
N TYR F 259 -11.83 19.16 12.85
CA TYR F 259 -11.37 20.26 13.71
C TYR F 259 -10.99 21.49 12.87
N PRO F 260 -11.99 22.31 12.49
CA PRO F 260 -11.79 23.48 11.62
C PRO F 260 -10.81 24.52 12.17
N LYS F 261 -10.73 24.64 13.49
CA LYS F 261 -9.81 25.58 14.14
C LYS F 261 -8.35 25.22 13.86
N MET F 262 -8.06 23.92 13.78
CA MET F 262 -6.72 23.43 13.45
C MET F 262 -6.30 23.83 12.04
N ALA F 263 -7.26 23.85 11.11
CA ALA F 263 -7.03 24.33 9.75
C ALA F 263 -6.78 25.84 9.74
N ASP F 264 -7.53 26.56 10.56
CA ASP F 264 -7.37 28.02 10.72
C ASP F 264 -6.02 28.36 11.37
N ASN F 265 -5.65 27.61 12.40
CA ASN F 265 -4.37 27.78 13.09
C ASN F 265 -3.17 27.50 12.19
N ALA F 266 -3.31 26.54 11.28
CA ALA F 266 -2.27 26.24 10.29
C ALA F 266 -2.07 27.44 9.36
N ARG F 267 -3.18 28.05 8.96
CA ARG F 267 -3.16 29.23 8.10
C ARG F 267 -2.55 30.45 8.78
N LEU F 268 -2.72 30.55 10.11
CA LEU F 268 -2.22 31.68 10.89
C LEU F 268 -0.79 31.49 11.37
N SER F 269 -0.46 30.29 11.83
CA SER F 269 0.82 30.01 12.50
C SER F 269 1.95 29.56 11.58
N TRP F 270 1.63 28.69 10.61
CA TRP F 270 2.64 28.09 9.74
C TRP F 270 3.35 29.11 8.86
N GLY F 271 4.63 28.86 8.59
CA GLY F 271 5.42 29.71 7.72
C GLY F 271 5.88 28.96 6.48
N LEU F 272 6.65 27.89 6.70
CA LEU F 272 7.26 27.11 5.62
C LEU F 272 6.24 26.48 4.67
N GLU F 273 5.16 25.93 5.22
CA GLU F 273 4.17 25.21 4.42
C GLU F 273 2.92 26.05 4.09
N ASN F 274 2.97 27.36 4.37
CA ASN F 274 1.82 28.23 4.18
C ASN F 274 1.68 28.70 2.73
N ASN F 275 1.28 27.76 1.87
CA ASN F 275 1.29 27.95 0.42
C ASN F 275 0.22 28.92 -0.13
N ILE F 276 -0.93 28.96 0.53
CA ILE F 276 -2.03 29.84 0.12
C ILE F 276 -1.66 31.33 0.26
N TYR F 277 -0.80 31.63 1.23
CA TYR F 277 -0.30 32.99 1.43
C TYR F 277 0.78 33.34 0.41
N ASN F 278 1.73 32.43 0.23
CA ASN F 278 2.90 32.63 -0.65
C ASN F 278 2.58 33.02 -2.09
N LEU F 279 1.43 32.58 -2.59
CA LEU F 279 0.97 32.87 -3.95
C LEU F 279 0.88 34.37 -4.24
N GLY F 280 0.29 35.11 -3.31
CA GLY F 280 0.13 36.56 -3.45
C GLY F 280 1.19 37.37 -2.74
N HIS F 281 2.14 36.69 -2.10
CA HIS F 281 3.23 37.33 -1.35
C HIS F 281 4.54 36.56 -1.53
N ARG F 282 5.03 36.55 -2.76
CA ARG F 282 6.22 35.80 -3.13
C ARG F 282 7.50 36.41 -2.57
N GLY F 283 8.30 35.58 -1.90
CA GLY F 283 9.61 36.01 -1.40
C GLY F 283 9.56 37.20 -0.46
N TYR F 284 8.79 37.06 0.62
CA TYR F 284 8.61 38.15 1.57
C TYR F 284 9.81 38.38 2.50
N VAL F 285 10.85 37.57 2.34
CA VAL F 285 12.09 37.72 3.11
C VAL F 285 13.05 38.69 2.41
N ALA F 286 13.17 38.55 1.09
CA ALA F 286 14.03 39.42 0.29
C ALA F 286 13.34 40.75 -0.06
N LYS F 287 12.04 40.67 -0.37
CA LYS F 287 11.25 41.84 -0.70
C LYS F 287 10.12 42.00 0.33
N PRO F 288 10.07 43.15 1.04
CA PRO F 288 9.09 43.36 2.12
C PRO F 288 7.65 43.21 1.65
N GLY F 289 6.89 42.36 2.34
CA GLY F 289 5.50 42.09 1.99
C GLY F 289 5.33 41.17 0.79
N GLY F 290 6.46 40.77 0.18
CA GLY F 290 6.44 39.90 -0.98
C GLY F 290 6.00 40.57 -2.27
N GLU F 291 6.31 39.94 -3.40
CA GLU F 291 5.87 40.41 -4.70
C GLU F 291 4.40 40.03 -4.92
N HIS F 292 3.56 41.05 -5.11
CA HIS F 292 2.12 40.86 -5.27
C HIS F 292 1.74 40.30 -6.63
N ASP F 293 2.53 40.63 -7.65
CA ASP F 293 2.36 40.08 -8.99
C ASP F 293 2.91 38.66 -9.05
N ALA F 294 2.08 37.72 -9.49
CA ALA F 294 2.47 36.32 -9.56
C ALA F 294 3.35 36.03 -10.78
N GLY F 295 3.24 36.87 -11.81
CA GLY F 295 4.00 36.72 -13.04
C GLY F 295 3.50 35.59 -13.92
N LEU F 296 2.19 35.34 -13.88
CA LEU F 296 1.56 34.25 -14.61
C LEU F 296 0.58 34.78 -15.66
N THR F 297 0.86 34.46 -16.92
CA THR F 297 0.05 34.93 -18.04
C THR F 297 -1.39 34.46 -18.00
N TYR F 298 -1.60 33.20 -17.59
CA TYR F 298 -2.94 32.60 -17.59
C TYR F 298 -3.87 33.24 -16.57
N ILE F 299 -3.31 33.74 -15.47
CA ILE F 299 -4.07 34.47 -14.46
C ILE F 299 -4.69 35.73 -15.07
N LYS F 300 -3.87 36.48 -15.80
CA LYS F 300 -4.28 37.74 -16.44
C LYS F 300 -5.23 37.50 -17.60
N ASP F 301 -5.02 36.42 -18.33
CA ASP F 301 -5.91 36.03 -19.44
C ASP F 301 -7.28 35.59 -18.93
N LEU F 302 -7.30 34.78 -17.88
CA LEU F 302 -8.54 34.25 -17.30
C LEU F 302 -9.38 35.33 -16.63
N ALA F 303 -8.72 36.34 -16.07
CA ALA F 303 -9.39 37.47 -15.43
C ALA F 303 -10.09 38.35 -16.47
N ALA F 304 -9.45 38.51 -17.63
CA ALA F 304 -10.01 39.27 -18.74
C ALA F 304 -10.98 38.42 -19.58
N GLY F 305 -10.91 37.10 -19.40
CA GLY F 305 -11.78 36.18 -20.13
C GLY F 305 -11.23 35.79 -21.49
N LYS F 306 -9.91 35.95 -21.65
CA LYS F 306 -9.23 35.62 -22.91
C LYS F 306 -8.33 34.37 -22.77
N TYR F 307 -8.66 33.52 -21.80
CA TYR F 307 -7.95 32.25 -21.55
C TYR F 307 -7.99 31.37 -22.80
N LYS F 308 -6.83 31.15 -23.39
CA LYS F 308 -6.73 30.34 -24.60
C LYS F 308 -5.46 29.49 -24.59
N LEU F 309 -5.64 28.19 -24.84
CA LEU F 309 -4.53 27.25 -24.93
C LEU F 309 -3.98 27.23 -26.36
N PRO F 310 -2.65 27.04 -26.50
CA PRO F 310 -1.99 27.03 -27.82
C PRO F 310 -2.50 25.94 -28.78
N TRP F 311 -3.09 24.88 -28.24
CA TRP F 311 -3.50 23.73 -29.04
C TRP F 311 -5.03 23.62 -29.24
N GLU F 312 -5.74 24.72 -29.04
CA GLU F 312 -7.21 24.72 -29.10
C GLU F 312 -7.78 24.45 -30.49
N ASP F 313 -7.09 24.91 -31.53
CA ASP F 313 -7.54 24.78 -32.91
C ASP F 313 -7.62 23.32 -33.38
N HIS F 314 -6.75 22.47 -32.83
CA HIS F 314 -6.64 21.08 -33.28
C HIS F 314 -7.37 20.08 -32.39
N MET F 315 -8.15 20.60 -31.44
CA MET F 315 -8.88 19.76 -30.49
C MET F 315 -10.13 19.12 -31.08
N LYS F 316 -10.39 17.88 -30.69
CA LYS F 316 -11.44 17.05 -31.29
C LYS F 316 -12.81 17.21 -30.63
N ILE F 317 -12.82 17.35 -29.31
CA ILE F 317 -14.07 17.46 -28.56
C ILE F 317 -14.26 18.86 -27.97
N LYS F 318 -15.11 19.66 -28.61
CA LYS F 318 -15.41 21.03 -28.17
C LYS F 318 -16.92 21.25 -28.07
N ASP F 319 -17.68 20.17 -28.26
CA ASP F 319 -19.14 20.17 -28.10
C ASP F 319 -19.62 18.81 -27.56
N GLY F 320 -20.93 18.66 -27.43
CA GLY F 320 -21.52 17.42 -26.90
C GLY F 320 -22.28 16.61 -27.92
N SER F 321 -21.82 16.62 -29.17
CA SER F 321 -22.46 15.87 -30.25
C SER F 321 -22.23 14.37 -30.13
N ILE F 322 -21.14 14.00 -29.47
CA ILE F 322 -20.80 12.60 -29.20
C ILE F 322 -21.89 11.89 -28.37
N TYR F 323 -22.62 12.66 -27.56
CA TYR F 323 -23.71 12.12 -26.74
C TYR F 323 -25.11 12.53 -27.23
N GLY F 324 -25.17 13.07 -28.44
CA GLY F 324 -26.45 13.36 -29.10
C GLY F 324 -27.00 14.76 -28.96
N TYR F 325 -26.35 15.58 -28.14
CA TYR F 325 -26.80 16.96 -27.89
C TYR F 325 -26.52 17.87 -29.09
N PRO F 326 -27.42 18.85 -29.33
CA PRO F 326 -27.20 19.85 -30.38
C PRO F 326 -26.00 20.76 -30.06
N THR F 327 -25.43 21.35 -31.10
CA THR F 327 -24.22 22.17 -30.97
C THR F 327 -24.54 23.66 -31.06
N THR F 328 -25.81 23.97 -31.27
CA THR F 328 -26.26 25.34 -31.56
C THR F 328 -26.44 26.20 -30.30
N GLY F 329 -26.78 25.54 -29.18
CA GLY F 329 -27.00 26.24 -27.92
C GLY F 329 -28.47 26.42 -27.60
N GLY F 330 -28.76 27.34 -26.68
CA GLY F 330 -30.13 27.61 -26.24
C GLY F 330 -30.71 26.50 -25.40
N ARG F 331 -32.04 26.53 -25.22
CA ARG F 331 -32.74 25.50 -24.46
C ARG F 331 -33.04 24.29 -25.35
N PHE F 332 -32.62 23.12 -24.88
CA PHE F 332 -32.86 21.86 -25.60
C PHE F 332 -33.05 20.66 -24.66
N GLY F 333 -33.52 19.55 -25.21
CA GLY F 333 -33.74 18.32 -24.44
C GLY F 333 -35.12 18.24 -23.79
N LYS F 334 -35.91 19.29 -23.96
CA LYS F 334 -37.27 19.37 -23.40
C LYS F 334 -38.20 18.37 -24.07
#